data_9B1Q
#
_entry.id   9B1Q
#
_cell.length_a   142.959
_cell.length_b   154.17
_cell.length_c   88.277
_cell.angle_alpha   90
_cell.angle_beta   90
_cell.angle_gamma   90
#
_symmetry.space_group_name_H-M   'P 21 21 2'
#
loop_
_entity.id
_entity.type
_entity.pdbx_description
1 polymer 'Tryptophan 2,3-dioxygenase'
2 non-polymer 'PROTOPORPHYRIN IX CONTAINING FE'
3 non-polymer (5P)-1-[(imidazolidin-1-yl)methyl]-5-(1H-indol-3-yl)-1H-1,2,3-benzotriazole
4 non-polymer alpha-methyl-L-tryptophan
5 water water
#
_entity_poly.entity_id   1
_entity_poly.type   'polypeptide(L)'
_entity_poly.pdbx_seq_one_letter_code
;MLPVEGSEEDKSQTGVNRASKGGLIYGNYLHLEKVLNAQELQSETKGNKIHDEHLFIITHQAYELWFKQILWELDSVREI
FQNGHVRDERNMLKVVSRMHRVSVILKLLVQQFSILETMTALDFNDFREYLSPASGFQSLQFRLLENKIGVLQNMRVPYN
RRHYRDNFKGEENELLLKSEQEKTLLELVEAWLERTPGLEPHGFNFWGKLEKNITRGLEEEFIRIQAKEESEEKEEQVAE
FQKQKEVLLSLFDEKRHEHLLSKGERRLSYRALQGALMIYFYREEPRFQVPFQLLTSLMDIDSLMTKWRYNHVCMVHRML
GSKAGTGGSSGYHYLRSTVSDRYKVFVDLFNLSTYLIPRHWIPKMNPTIHKFLEHHHHHH
;
_entity_poly.pdbx_strand_id   A,B,C,D
#
# COMPACT_ATOMS: atom_id res chain seq x y z
N LEU A 24 26.65 -24.09 -1.45
CA LEU A 24 25.36 -23.66 -0.85
C LEU A 24 24.41 -23.16 -1.95
N ILE A 25 23.18 -23.68 -1.93
CA ILE A 25 22.17 -23.33 -2.93
C ILE A 25 21.05 -22.58 -2.23
N TYR A 26 20.45 -21.59 -2.91
CA TYR A 26 19.28 -20.88 -2.40
C TYR A 26 18.31 -21.83 -1.68
N GLY A 27 17.82 -22.83 -2.43
CA GLY A 27 16.84 -23.77 -1.91
C GLY A 27 17.27 -24.41 -0.59
N ASN A 28 18.58 -24.63 -0.45
CA ASN A 28 19.13 -25.33 0.71
C ASN A 28 19.38 -24.32 1.84
N TYR A 29 19.74 -23.08 1.47
CA TYR A 29 19.93 -22.01 2.43
C TYR A 29 18.62 -21.75 3.14
N LEU A 30 17.55 -21.81 2.35
CA LEU A 30 16.24 -21.44 2.84
C LEU A 30 15.41 -22.65 3.24
N HIS A 31 16.02 -23.83 3.24
CA HIS A 31 15.34 -25.03 3.69
C HIS A 31 13.94 -25.08 3.09
N LEU A 32 13.89 -24.88 1.78
CA LEU A 32 12.64 -24.88 1.06
C LEU A 32 12.11 -26.31 0.94
N GLU A 33 12.99 -27.29 1.19
CA GLU A 33 12.57 -28.68 1.27
C GLU A 33 11.51 -28.82 2.34
N LYS A 34 11.58 -27.91 3.33
CA LYS A 34 10.64 -27.89 4.42
C LYS A 34 9.49 -26.92 4.08
N VAL A 35 9.88 -25.71 3.67
CA VAL A 35 8.92 -24.64 3.53
C VAL A 35 7.94 -25.00 2.43
N LEU A 36 8.46 -25.54 1.33
CA LEU A 36 7.61 -25.77 0.17
C LEU A 36 7.17 -27.21 0.13
N ASN A 37 7.28 -27.91 1.25
CA ASN A 37 6.69 -29.23 1.40
C ASN A 37 5.87 -29.27 2.68
N ALA A 38 5.13 -28.19 2.93
CA ALA A 38 4.39 -28.06 4.18
C ALA A 38 2.92 -27.74 3.89
N GLN A 39 2.54 -27.96 2.63
CA GLN A 39 1.19 -27.64 2.21
C GLN A 39 0.43 -28.94 2.02
N GLU A 40 -0.50 -29.23 2.95
CA GLU A 40 -1.30 -30.44 2.87
C GLU A 40 -2.77 -30.06 2.95
N LEU A 41 -3.44 -30.08 1.81
CA LEU A 41 -4.85 -29.75 1.77
C LEU A 41 -5.63 -30.89 2.38
N GLN A 42 -6.29 -30.63 3.52
CA GLN A 42 -7.05 -31.69 4.18
C GLN A 42 -8.19 -32.15 3.29
N SER A 43 -8.74 -31.23 2.51
CA SER A 43 -9.76 -31.56 1.53
C SER A 43 -9.27 -32.68 0.61
N GLU A 44 -8.00 -32.57 0.20
CA GLU A 44 -7.39 -33.54 -0.69
C GLU A 44 -7.08 -34.81 0.09
N THR A 45 -6.59 -34.64 1.32
CA THR A 45 -6.28 -35.76 2.19
C THR A 45 -7.54 -36.61 2.41
N LYS A 46 -8.71 -36.00 2.20
CA LYS A 46 -9.99 -36.66 2.42
C LYS A 46 -10.74 -36.90 1.11
N GLY A 47 -10.08 -36.69 -0.04
CA GLY A 47 -10.60 -37.18 -1.30
C GLY A 47 -11.23 -36.07 -2.14
N ASN A 48 -11.65 -34.98 -1.50
CA ASN A 48 -12.39 -33.91 -2.16
C ASN A 48 -11.57 -32.63 -2.13
N LYS A 49 -10.52 -32.57 -2.95
CA LYS A 49 -9.61 -31.43 -2.94
C LYS A 49 -10.35 -30.14 -3.32
N ILE A 50 -10.23 -29.10 -2.49
CA ILE A 50 -10.78 -27.80 -2.78
C ILE A 50 -9.63 -26.83 -3.00
N HIS A 51 -9.73 -26.07 -4.10
CA HIS A 51 -8.60 -25.32 -4.63
C HIS A 51 -8.21 -24.20 -3.69
N ASP A 52 -9.22 -23.51 -3.14
CA ASP A 52 -8.93 -22.28 -2.42
C ASP A 52 -8.28 -22.62 -1.07
N GLU A 53 -8.25 -23.91 -0.71
CA GLU A 53 -7.70 -24.30 0.58
C GLU A 53 -6.21 -24.05 0.55
N HIS A 54 -5.61 -24.13 -0.63
CA HIS A 54 -4.19 -23.93 -0.75
C HIS A 54 -3.86 -22.52 -0.25
N LEU A 55 -4.64 -21.53 -0.72
CA LEU A 55 -4.43 -20.14 -0.37
C LEU A 55 -4.50 -19.98 1.15
N PHE A 56 -5.53 -20.58 1.75
CA PHE A 56 -5.77 -20.50 3.17
C PHE A 56 -4.50 -20.92 3.91
N ILE A 57 -3.89 -22.01 3.44
CA ILE A 57 -2.73 -22.59 4.10
C ILE A 57 -1.56 -21.62 3.96
N ILE A 58 -1.33 -21.19 2.72
CA ILE A 58 -0.17 -20.36 2.44
C ILE A 58 -0.26 -19.07 3.23
N THR A 59 -1.45 -18.46 3.24
CA THR A 59 -1.62 -17.17 3.87
C THR A 59 -1.15 -17.28 5.32
N HIS A 60 -1.68 -18.30 6.00
CA HIS A 60 -1.40 -18.50 7.41
C HIS A 60 0.08 -18.76 7.59
N GLN A 61 0.67 -19.52 6.67
CA GLN A 61 2.06 -19.90 6.81
C GLN A 61 2.93 -18.64 6.69
N ALA A 62 2.53 -17.74 5.81
CA ALA A 62 3.26 -16.50 5.65
C ALA A 62 3.13 -15.67 6.93
N TYR A 63 1.92 -15.58 7.47
CA TYR A 63 1.73 -14.84 8.69
C TYR A 63 2.68 -15.38 9.75
N GLU A 64 2.76 -16.71 9.81
CA GLU A 64 3.53 -17.37 10.86
C GLU A 64 5.01 -17.08 10.63
N LEU A 65 5.44 -17.05 9.38
CA LEU A 65 6.82 -16.69 9.12
C LEU A 65 7.10 -15.31 9.68
N TRP A 66 6.19 -14.39 9.41
CA TRP A 66 6.41 -13.02 9.80
C TRP A 66 6.35 -12.84 11.31
N PHE A 67 5.49 -13.63 11.96
CA PHE A 67 5.40 -13.61 13.40
C PHE A 67 6.74 -14.00 13.97
N LYS A 68 7.34 -15.04 13.38
CA LYS A 68 8.61 -15.53 13.86
C LYS A 68 9.64 -14.41 13.76
N GLN A 69 9.54 -13.62 12.70
CA GLN A 69 10.49 -12.55 12.47
C GLN A 69 10.24 -11.44 13.48
N ILE A 70 8.97 -11.19 13.78
CA ILE A 70 8.67 -10.14 14.73
C ILE A 70 9.20 -10.58 16.09
N LEU A 71 8.95 -11.83 16.45
CA LEU A 71 9.44 -12.36 17.70
C LEU A 71 10.97 -12.26 17.72
N TRP A 72 11.59 -12.52 16.58
CA TRP A 72 13.02 -12.39 16.46
C TRP A 72 13.45 -10.99 16.85
N GLU A 73 12.75 -10.00 16.31
CA GLU A 73 13.14 -8.61 16.50
C GLU A 73 12.84 -8.24 17.94
N LEU A 74 11.65 -8.60 18.40
CA LEU A 74 11.16 -8.25 19.73
C LEU A 74 12.09 -8.78 20.80
N ASP A 75 12.37 -10.07 20.70
CA ASP A 75 13.22 -10.75 21.66
C ASP A 75 14.57 -10.06 21.72
N SER A 76 15.06 -9.63 20.56
CA SER A 76 16.36 -9.00 20.49
C SER A 76 16.32 -7.68 21.25
N VAL A 77 15.23 -6.91 21.07
CA VAL A 77 15.10 -5.60 21.68
C VAL A 77 14.91 -5.78 23.18
N ARG A 78 14.07 -6.74 23.55
CA ARG A 78 13.90 -7.07 24.96
C ARG A 78 15.25 -7.36 25.59
N GLU A 79 16.08 -8.18 24.93
CA GLU A 79 17.37 -8.54 25.47
C GLU A 79 18.24 -7.30 25.65
N ILE A 80 18.20 -6.36 24.70
CA ILE A 80 18.99 -5.14 24.78
C ILE A 80 18.62 -4.36 26.03
N PHE A 81 17.33 -4.36 26.33
CA PHE A 81 16.83 -3.68 27.52
C PHE A 81 17.23 -4.46 28.78
N GLN A 82 17.01 -5.77 28.77
CA GLN A 82 17.23 -6.62 29.93
C GLN A 82 18.69 -6.63 30.31
N ASN A 83 19.59 -6.68 29.33
CA ASN A 83 21.00 -6.85 29.60
C ASN A 83 21.61 -5.47 29.83
N GLY A 84 20.79 -4.42 29.73
CA GLY A 84 21.20 -3.07 30.07
C GLY A 84 22.07 -2.43 28.99
N HIS A 85 22.00 -2.98 27.78
CA HIS A 85 22.73 -2.39 26.67
C HIS A 85 22.09 -1.06 26.28
N VAL A 86 20.80 -0.95 26.53
CA VAL A 86 20.05 0.26 26.20
C VAL A 86 20.63 1.47 26.93
N ARG A 87 21.32 1.22 28.04
CA ARG A 87 21.98 2.28 28.78
C ARG A 87 23.00 2.98 27.88
N ASP A 88 23.74 2.20 27.09
CA ASP A 88 24.63 2.75 26.08
C ASP A 88 23.76 3.27 24.95
N GLU A 89 23.65 4.60 24.83
CA GLU A 89 22.72 5.22 23.90
C GLU A 89 23.16 5.07 22.44
N ARG A 90 24.26 4.36 22.18
CA ARG A 90 24.65 3.99 20.83
C ARG A 90 23.65 2.96 20.29
N ASN A 91 23.08 2.21 21.20
CA ASN A 91 22.24 1.08 20.83
C ASN A 91 20.83 1.57 20.52
N MET A 92 20.61 2.88 20.58
CA MET A 92 19.26 3.40 20.39
C MET A 92 18.84 3.31 18.93
N LEU A 93 19.82 3.50 18.03
CA LEU A 93 19.56 3.38 16.60
C LEU A 93 19.07 1.98 16.30
N LYS A 94 19.81 0.99 16.80
CA LYS A 94 19.46 -0.41 16.60
C LYS A 94 18.04 -0.67 17.10
N VAL A 95 17.69 -0.10 18.25
CA VAL A 95 16.42 -0.38 18.89
C VAL A 95 15.28 0.19 18.05
N VAL A 96 15.39 1.47 17.71
CA VAL A 96 14.35 2.08 16.91
C VAL A 96 14.26 1.42 15.53
N SER A 97 15.40 1.00 14.97
CA SER A 97 15.39 0.36 13.66
C SER A 97 14.57 -0.90 13.70
N ARG A 98 14.81 -1.71 14.72
CA ARG A 98 14.20 -3.02 14.80
C ARG A 98 12.73 -2.87 15.14
N MET A 99 12.40 -1.83 15.91
CA MET A 99 11.02 -1.59 16.29
C MET A 99 10.22 -1.07 15.09
N HIS A 100 10.87 -0.23 14.29
CA HIS A 100 10.21 0.30 13.10
C HIS A 100 10.01 -0.85 12.13
N ARG A 101 10.98 -1.75 12.10
CA ARG A 101 10.89 -2.88 11.19
C ARG A 101 9.67 -3.69 11.55
N VAL A 102 9.42 -3.85 12.85
CA VAL A 102 8.24 -4.59 13.25
C VAL A 102 7.02 -3.88 12.71
N SER A 103 6.99 -2.56 12.80
CA SER A 103 5.79 -1.84 12.39
C SER A 103 5.61 -2.00 10.90
N VAL A 104 6.72 -2.16 10.19
CA VAL A 104 6.66 -2.30 8.74
C VAL A 104 6.15 -3.69 8.38
N ILE A 105 6.55 -4.69 9.14
CA ILE A 105 6.07 -6.02 8.89
C ILE A 105 4.58 -6.04 9.15
N LEU A 106 4.18 -5.36 10.22
CA LEU A 106 2.79 -5.37 10.62
C LEU A 106 1.95 -4.69 9.55
N LYS A 107 2.50 -3.63 8.96
CA LYS A 107 1.78 -2.90 7.94
C LYS A 107 1.46 -3.86 6.80
N LEU A 108 2.39 -4.79 6.56
CA LEU A 108 2.28 -5.72 5.45
C LEU A 108 1.28 -6.79 5.81
N LEU A 109 1.34 -7.24 7.06
CA LEU A 109 0.49 -8.31 7.52
C LEU A 109 -0.95 -7.84 7.48
N VAL A 110 -1.15 -6.53 7.64
CA VAL A 110 -2.49 -6.01 7.55
C VAL A 110 -2.94 -6.05 6.09
N GLN A 111 -2.03 -5.72 5.19
CA GLN A 111 -2.40 -5.67 3.79
C GLN A 111 -2.60 -7.09 3.28
N GLN A 112 -1.96 -8.05 3.94
CA GLN A 112 -1.98 -9.42 3.48
C GLN A 112 -3.38 -10.00 3.56
N PHE A 113 -4.27 -9.37 4.31
CA PHE A 113 -5.63 -9.86 4.36
C PHE A 113 -6.29 -9.68 3.00
N SER A 114 -5.82 -8.70 2.22
CA SER A 114 -6.39 -8.45 0.92
C SER A 114 -6.31 -9.72 0.07
N ILE A 115 -5.32 -10.57 0.38
CA ILE A 115 -5.11 -11.76 -0.41
C ILE A 115 -6.23 -12.74 -0.13
N LEU A 116 -6.56 -12.87 1.15
CA LEU A 116 -7.53 -13.88 1.53
C LEU A 116 -8.93 -13.38 1.24
N GLU A 117 -9.07 -12.07 1.04
CA GLU A 117 -10.34 -11.51 0.63
C GLU A 117 -10.65 -11.91 -0.80
N THR A 118 -9.70 -12.54 -1.49
CA THR A 118 -9.97 -13.01 -2.84
C THR A 118 -10.79 -14.28 -2.80
N MET A 119 -10.78 -14.94 -1.63
CA MET A 119 -11.52 -16.17 -1.40
C MET A 119 -12.94 -15.82 -1.00
N THR A 120 -13.95 -16.36 -1.70
CA THR A 120 -15.32 -16.04 -1.36
C THR A 120 -15.73 -16.93 -0.22
N ALA A 121 -16.73 -16.48 0.56
CA ALA A 121 -17.21 -17.30 1.65
C ALA A 121 -17.75 -18.62 1.09
N LEU A 122 -18.43 -18.52 -0.05
CA LEU A 122 -19.04 -19.67 -0.70
C LEU A 122 -17.98 -20.75 -0.94
N ASP A 123 -16.77 -20.32 -1.27
CA ASP A 123 -15.70 -21.23 -1.66
C ASP A 123 -14.99 -21.76 -0.42
N PHE A 124 -14.92 -20.93 0.63
CA PHE A 124 -14.29 -21.34 1.87
C PHE A 124 -15.16 -22.39 2.55
N ASN A 125 -16.47 -22.19 2.41
CA ASN A 125 -17.45 -23.12 2.93
C ASN A 125 -17.17 -24.53 2.41
N ASP A 126 -16.61 -24.63 1.21
CA ASP A 126 -16.40 -25.92 0.60
C ASP A 126 -15.26 -26.69 1.26
N PHE A 127 -14.56 -26.09 2.22
CA PHE A 127 -13.53 -26.84 2.90
C PHE A 127 -13.49 -26.53 4.40
N ARG A 128 -14.30 -25.58 4.86
CA ARG A 128 -14.27 -25.15 6.24
C ARG A 128 -14.40 -26.36 7.16
N GLU A 129 -15.17 -27.36 6.72
CA GLU A 129 -15.45 -28.56 7.51
C GLU A 129 -14.17 -29.34 7.81
N TYR A 130 -13.27 -29.46 6.84
CA TYR A 130 -12.10 -30.29 7.01
C TYR A 130 -11.11 -29.60 7.97
N LEU A 131 -11.46 -28.42 8.46
CA LEU A 131 -10.59 -27.68 9.36
C LEU A 131 -10.90 -27.98 10.82
N SER A 132 -12.21 -28.06 11.13
CA SER A 132 -12.68 -28.34 12.47
C SER A 132 -11.82 -29.45 13.10
N PRO A 133 -11.32 -29.23 14.33
CA PRO A 133 -11.71 -28.08 15.15
C PRO A 133 -10.70 -26.96 15.23
N ALA A 134 -9.82 -26.83 14.21
CA ALA A 134 -8.59 -26.06 14.33
C ALA A 134 -8.96 -24.58 14.24
N SER A 135 -8.06 -23.70 14.72
CA SER A 135 -8.34 -22.28 14.74
C SER A 135 -7.05 -21.49 14.85
N GLY A 136 -7.09 -20.24 14.40
CA GLY A 136 -5.97 -19.31 14.55
C GLY A 136 -5.67 -19.08 16.02
N PHE A 137 -6.69 -19.31 16.86
CA PHE A 137 -6.54 -19.22 18.30
C PHE A 137 -5.34 -20.04 18.77
N GLN A 138 -5.02 -21.10 18.04
CA GLN A 138 -3.96 -22.01 18.44
C GLN A 138 -2.63 -21.53 17.86
N SER A 139 -2.55 -20.23 17.52
CA SER A 139 -1.29 -19.68 17.06
C SER A 139 -0.44 -19.42 18.27
N LEU A 140 0.54 -20.30 18.51
CA LEU A 140 1.50 -20.12 19.59
C LEU A 140 2.19 -18.77 19.43
N GLN A 141 2.58 -18.46 18.20
CA GLN A 141 3.39 -17.30 17.96
C GLN A 141 2.58 -16.04 18.29
N PHE A 142 1.32 -16.02 17.89
CA PHE A 142 0.51 -14.83 18.11
C PHE A 142 0.46 -14.56 19.61
N ARG A 143 0.31 -15.63 20.38
CA ARG A 143 0.19 -15.47 21.82
C ARG A 143 1.53 -15.00 22.38
N LEU A 144 2.61 -15.67 21.96
CA LEU A 144 3.94 -15.27 22.38
C LEU A 144 4.16 -13.80 22.11
N LEU A 145 3.60 -13.34 20.99
CA LEU A 145 3.76 -11.98 20.56
C LEU A 145 3.00 -11.04 21.49
N GLU A 146 1.71 -11.36 21.69
CA GLU A 146 0.89 -10.56 22.58
C GLU A 146 1.58 -10.44 23.93
N ASN A 147 2.14 -11.57 24.38
CA ASN A 147 2.71 -11.66 25.70
C ASN A 147 3.98 -10.84 25.78
N LYS A 148 4.84 -10.97 24.77
CA LYS A 148 6.16 -10.39 24.84
C LYS A 148 6.08 -8.87 24.80
N ILE A 149 5.01 -8.34 24.18
CA ILE A 149 4.82 -6.91 24.10
C ILE A 149 4.36 -6.42 25.47
N GLY A 150 3.34 -7.06 26.03
CA GLY A 150 2.91 -6.73 27.39
C GLY A 150 1.43 -6.94 27.67
N VAL A 151 0.72 -7.64 26.78
CA VAL A 151 -0.67 -7.95 27.06
C VAL A 151 -0.68 -8.77 28.35
N LEU A 152 -1.48 -8.34 29.34
CA LEU A 152 -1.52 -8.99 30.65
C LEU A 152 -2.77 -9.84 30.72
N GLN A 153 -2.66 -11.05 31.31
CA GLN A 153 -3.78 -11.98 31.37
C GLN A 153 -5.02 -11.32 32.00
N ASN A 154 -4.82 -10.53 33.05
CA ASN A 154 -5.94 -9.92 33.75
C ASN A 154 -6.72 -9.02 32.81
N MET A 155 -6.05 -8.37 31.86
CA MET A 155 -6.65 -7.49 30.89
C MET A 155 -7.19 -8.25 29.69
N ARG A 156 -6.87 -9.55 29.59
CA ARG A 156 -7.23 -10.32 28.42
C ARG A 156 -8.64 -10.85 28.57
N VAL A 157 -9.51 -10.57 27.59
CA VAL A 157 -10.89 -11.07 27.60
C VAL A 157 -10.86 -12.58 27.41
N PRO A 158 -11.49 -13.36 28.31
CA PRO A 158 -11.49 -14.83 28.18
C PRO A 158 -12.47 -15.27 27.10
N TYR A 159 -12.11 -16.33 26.38
CA TYR A 159 -12.96 -16.88 25.33
C TYR A 159 -13.71 -18.11 25.84
N ASN A 160 -15.04 -18.09 25.71
CA ASN A 160 -15.87 -19.17 26.21
C ASN A 160 -15.53 -19.40 27.69
N ARG A 161 -15.42 -18.30 28.44
CA ARG A 161 -15.17 -18.33 29.87
C ARG A 161 -13.85 -19.05 30.20
N ARG A 162 -12.89 -19.10 29.25
CA ARG A 162 -11.73 -19.97 29.39
C ARG A 162 -10.46 -19.18 29.06
N HIS A 163 -9.35 -19.61 29.66
CA HIS A 163 -8.05 -19.01 29.39
C HIS A 163 -7.58 -19.53 28.03
N TYR A 164 -6.54 -18.87 27.51
CA TYR A 164 -6.03 -19.16 26.19
C TYR A 164 -5.00 -20.29 26.28
N ARG A 165 -4.21 -20.31 27.35
CA ARG A 165 -3.13 -21.28 27.48
C ARG A 165 -3.67 -22.68 27.72
N ASP A 166 -4.92 -22.73 28.20
CA ASP A 166 -5.62 -23.98 28.42
C ASP A 166 -5.70 -24.79 27.14
N ASN A 167 -5.67 -24.15 25.96
CA ASN A 167 -5.73 -24.85 24.68
C ASN A 167 -4.37 -25.43 24.31
N PHE A 168 -3.31 -24.97 24.98
CA PHE A 168 -1.95 -25.31 24.59
C PHE A 168 -1.37 -26.28 25.62
N LYS A 169 -0.58 -27.25 25.16
CA LYS A 169 -0.01 -28.27 26.03
C LYS A 169 1.43 -28.59 25.62
N GLY A 170 2.24 -28.98 26.61
CA GLY A 170 3.60 -29.43 26.39
C GLY A 170 4.59 -28.27 26.41
N GLU A 171 5.73 -28.46 25.74
CA GLU A 171 6.76 -27.43 25.63
C GLU A 171 6.12 -26.11 25.20
N GLU A 172 5.08 -26.19 24.37
CA GLU A 172 4.30 -25.03 23.96
C GLU A 172 3.82 -24.28 25.19
N ASN A 173 3.12 -24.97 26.09
CA ASN A 173 2.62 -24.33 27.29
C ASN A 173 3.82 -23.79 28.08
N GLU A 174 4.94 -24.51 28.08
CA GLU A 174 6.15 -24.09 28.78
C GLU A 174 6.67 -22.77 28.23
N LEU A 175 6.83 -22.68 26.90
CA LEU A 175 7.23 -21.46 26.22
C LEU A 175 6.28 -20.31 26.54
N LEU A 176 4.98 -20.61 26.40
CA LEU A 176 3.94 -19.62 26.58
C LEU A 176 4.06 -19.01 27.97
N LEU A 177 4.50 -19.81 28.94
CA LEU A 177 4.62 -19.37 30.32
C LEU A 177 5.85 -18.48 30.43
N LYS A 178 6.98 -18.93 29.89
CA LYS A 178 8.21 -18.14 29.89
C LYS A 178 7.87 -16.76 29.37
N SER A 179 7.06 -16.72 28.30
CA SER A 179 6.67 -15.48 27.64
C SER A 179 5.94 -14.56 28.61
N GLU A 180 5.06 -15.17 29.42
CA GLU A 180 4.26 -14.44 30.41
C GLU A 180 5.13 -13.98 31.57
N GLN A 181 6.12 -14.80 31.95
CA GLN A 181 6.89 -14.61 33.17
C GLN A 181 8.13 -13.75 32.92
N GLU A 182 8.84 -13.99 31.81
CA GLU A 182 9.99 -13.15 31.48
C GLU A 182 9.49 -11.73 31.31
N LYS A 183 10.45 -10.78 31.37
CA LYS A 183 10.15 -9.37 31.27
C LYS A 183 9.52 -9.07 29.92
N THR A 184 8.47 -8.27 29.93
CA THR A 184 7.81 -7.84 28.70
C THR A 184 8.45 -6.54 28.28
N LEU A 185 8.18 -6.16 27.04
CA LEU A 185 8.68 -4.91 26.50
C LEU A 185 8.17 -3.74 27.34
N LEU A 186 6.89 -3.79 27.69
CA LEU A 186 6.29 -2.78 28.56
C LEU A 186 7.12 -2.63 29.83
N GLU A 187 7.35 -3.75 30.52
CA GLU A 187 8.07 -3.72 31.77
C GLU A 187 9.45 -3.11 31.58
N LEU A 188 10.10 -3.51 30.48
CA LEU A 188 11.47 -3.13 30.22
C LEU A 188 11.55 -1.65 29.84
N VAL A 189 10.56 -1.20 29.05
CA VAL A 189 10.48 0.19 28.64
C VAL A 189 10.14 1.04 29.86
N GLU A 190 9.26 0.52 30.72
CA GLU A 190 8.91 1.22 31.94
C GLU A 190 10.18 1.50 32.72
N ALA A 191 10.98 0.45 32.93
CA ALA A 191 12.21 0.57 33.71
C ALA A 191 13.09 1.69 33.16
N TRP A 192 13.29 1.64 31.86
CA TRP A 192 14.11 2.61 31.15
C TRP A 192 13.48 3.99 31.22
N LEU A 193 12.16 4.06 31.09
CA LEU A 193 11.47 5.34 31.13
C LEU A 193 11.61 5.99 32.51
N GLU A 194 11.69 5.16 33.53
CA GLU A 194 11.81 5.62 34.89
C GLU A 194 13.18 6.27 35.07
N ARG A 195 14.19 5.80 34.32
CA ARG A 195 15.53 6.33 34.44
C ARG A 195 15.75 7.51 33.49
N THR A 196 14.67 8.03 32.91
CA THR A 196 14.76 9.10 31.92
C THR A 196 15.36 10.32 32.61
N PRO A 197 16.42 10.94 32.07
CA PRO A 197 17.05 12.09 32.71
C PRO A 197 16.19 13.34 32.68
N GLY A 198 16.30 14.16 33.71
CA GLY A 198 15.46 15.35 33.86
C GLY A 198 14.45 15.21 35.00
N LEU A 199 14.14 13.99 35.44
CA LEU A 199 13.10 13.77 36.45
C LEU A 199 13.66 14.03 37.86
N GLU A 200 14.95 13.74 38.02
CA GLU A 200 15.62 13.88 39.31
C GLU A 200 15.25 15.23 39.91
N PRO A 201 14.64 15.26 41.13
CA PRO A 201 14.26 16.50 41.80
C PRO A 201 15.47 17.38 42.12
N HIS A 202 16.58 16.72 42.49
CA HIS A 202 17.86 17.38 42.70
C HIS A 202 18.38 18.00 41.41
N GLY A 203 17.88 17.52 40.25
CA GLY A 203 18.31 17.99 38.94
C GLY A 203 17.33 19.02 38.36
N PHE A 204 16.85 18.74 37.15
CA PHE A 204 15.96 19.66 36.46
C PHE A 204 14.58 19.69 37.13
N ASN A 205 14.24 18.65 37.88
CA ASN A 205 12.96 18.59 38.57
C ASN A 205 11.82 18.94 37.63
N PHE A 206 11.71 18.17 36.55
CA PHE A 206 10.76 18.46 35.48
C PHE A 206 9.36 18.56 36.07
N TRP A 207 9.03 17.55 36.90
CA TRP A 207 7.66 17.38 37.37
C TRP A 207 7.26 18.58 38.23
N GLY A 208 8.16 18.99 39.12
CA GLY A 208 7.92 20.15 39.95
C GLY A 208 7.70 21.40 39.10
N LYS A 209 8.66 21.65 38.19
CA LYS A 209 8.62 22.85 37.38
C LYS A 209 7.31 22.85 36.59
N LEU A 210 6.89 21.65 36.16
CA LEU A 210 5.72 21.49 35.32
C LEU A 210 4.47 21.84 36.12
N GLU A 211 4.31 21.22 37.28
CA GLU A 211 3.18 21.47 38.15
C GLU A 211 3.04 22.98 38.38
N LYS A 212 4.16 23.61 38.74
CA LYS A 212 4.19 25.03 38.96
C LYS A 212 3.70 25.76 37.72
N ASN A 213 4.37 25.51 36.59
CA ASN A 213 4.14 26.26 35.37
C ASN A 213 2.69 26.08 34.92
N ILE A 214 2.13 24.89 35.18
CA ILE A 214 0.76 24.60 34.79
C ILE A 214 -0.20 25.34 35.73
N THR A 215 0.02 25.18 37.03
CA THR A 215 -0.82 25.85 38.00
C THR A 215 -0.85 27.34 37.70
N ARG A 216 0.34 27.90 37.45
CA ARG A 216 0.48 29.31 37.14
C ARG A 216 -0.34 29.63 35.90
N GLY A 217 -0.05 28.92 34.80
CA GLY A 217 -0.70 29.18 33.53
C GLY A 217 -2.21 29.15 33.66
N LEU A 218 -2.72 28.15 34.37
CA LEU A 218 -4.16 28.00 34.55
C LEU A 218 -4.73 29.22 35.23
N GLU A 219 -4.14 29.61 36.37
CA GLU A 219 -4.52 30.83 37.08
C GLU A 219 -4.56 32.01 36.11
N GLU A 220 -3.45 32.17 35.35
CA GLU A 220 -3.30 33.28 34.43
C GLU A 220 -4.45 33.29 33.43
N GLU A 221 -4.83 32.10 32.97
CA GLU A 221 -5.90 31.94 32.00
C GLU A 221 -7.24 32.25 32.65
N PHE A 222 -7.40 31.82 33.91
CA PHE A 222 -8.67 32.05 34.60
C PHE A 222 -8.94 33.55 34.64
N ILE A 223 -7.90 34.31 34.99
CA ILE A 223 -7.97 35.77 35.06
C ILE A 223 -8.44 36.30 33.71
N ARG A 224 -7.82 35.80 32.63
CA ARG A 224 -8.18 36.22 31.28
C ARG A 224 -9.68 36.07 31.07
N ILE A 225 -10.23 34.92 31.45
CA ILE A 225 -11.63 34.62 31.19
C ILE A 225 -12.49 35.49 32.11
N GLN A 226 -12.09 35.60 33.38
CA GLN A 226 -12.83 36.43 34.31
C GLN A 226 -12.87 37.89 33.84
N ALA A 227 -11.85 38.33 33.12
CA ALA A 227 -11.80 39.69 32.60
C ALA A 227 -12.82 39.91 31.49
N LYS A 228 -13.32 38.82 30.87
CA LYS A 228 -14.05 38.89 29.62
C LYS A 228 -15.47 39.41 29.80
N GLU A 229 -16.03 39.93 28.69
CA GLU A 229 -17.34 40.56 28.73
C GLU A 229 -18.42 39.48 28.72
N GLU A 230 -19.30 39.54 29.75
CA GLU A 230 -20.24 38.47 30.08
C GLU A 230 -20.96 38.01 28.82
N SER A 231 -20.87 36.71 28.51
CA SER A 231 -21.49 36.17 27.31
C SER A 231 -21.60 34.66 27.45
N GLU A 232 -22.32 34.00 26.54
CA GLU A 232 -22.33 32.55 26.53
C GLU A 232 -20.92 32.06 26.18
N GLU A 233 -20.27 32.75 25.23
CA GLU A 233 -18.91 32.39 24.85
C GLU A 233 -18.03 32.33 26.11
N LYS A 234 -18.14 33.36 26.94
CA LYS A 234 -17.45 33.37 28.22
C LYS A 234 -17.82 32.12 29.01
N GLU A 235 -19.12 31.83 29.10
CA GLU A 235 -19.60 30.68 29.85
C GLU A 235 -18.96 29.40 29.30
N GLU A 236 -18.94 29.29 27.97
CA GLU A 236 -18.36 28.15 27.31
C GLU A 236 -16.89 28.01 27.73
N GLN A 237 -16.14 29.11 27.66
CA GLN A 237 -14.74 29.13 28.05
C GLN A 237 -14.59 28.75 29.52
N VAL A 238 -15.47 29.29 30.37
CA VAL A 238 -15.48 28.93 31.79
C VAL A 238 -15.58 27.41 31.94
N ALA A 239 -16.56 26.82 31.25
CA ALA A 239 -16.78 25.38 31.25
C ALA A 239 -15.52 24.64 30.80
N GLU A 240 -15.01 25.02 29.63
CA GLU A 240 -13.79 24.45 29.06
C GLU A 240 -12.69 24.53 30.12
N PHE A 241 -12.56 25.71 30.74
CA PHE A 241 -11.46 25.94 31.66
C PHE A 241 -11.49 24.92 32.79
N GLN A 242 -12.68 24.75 33.41
CA GLN A 242 -12.80 23.83 34.52
C GLN A 242 -12.39 22.43 34.05
N LYS A 243 -12.86 22.02 32.86
CA LYS A 243 -12.58 20.70 32.36
C LYS A 243 -11.07 20.53 32.23
N GLN A 244 -10.45 21.49 31.53
CA GLN A 244 -9.03 21.43 31.27
C GLN A 244 -8.29 21.39 32.60
N LYS A 245 -8.64 22.31 33.51
CA LYS A 245 -7.98 22.40 34.79
C LYS A 245 -7.96 21.03 35.47
N GLU A 246 -9.13 20.37 35.52
CA GLU A 246 -9.25 19.11 36.22
C GLU A 246 -8.25 18.12 35.66
N VAL A 247 -8.29 17.96 34.33
CA VAL A 247 -7.46 17.02 33.62
C VAL A 247 -6.01 17.33 33.93
N LEU A 248 -5.64 18.60 33.69
CA LEU A 248 -4.26 18.99 33.77
C LEU A 248 -3.70 18.73 35.16
N LEU A 249 -4.49 19.01 36.19
CA LEU A 249 -3.99 18.84 37.53
C LEU A 249 -4.07 17.36 37.94
N SER A 250 -5.02 16.63 37.34
CA SER A 250 -5.11 15.19 37.52
C SER A 250 -3.76 14.52 37.31
N LEU A 251 -2.95 15.11 36.43
CA LEU A 251 -1.63 14.57 36.14
C LEU A 251 -0.78 14.41 37.39
N PHE A 252 -1.00 15.22 38.42
CA PHE A 252 -0.12 15.23 39.57
C PHE A 252 -0.74 14.48 40.75
N ASP A 253 -1.84 13.76 40.50
CA ASP A 253 -2.50 12.98 41.54
C ASP A 253 -1.97 11.54 41.47
N GLU A 254 -0.87 11.29 42.15
CA GLU A 254 -0.21 9.99 42.04
C GLU A 254 -1.17 8.88 42.48
N LYS A 255 -2.14 9.23 43.33
CA LYS A 255 -3.12 8.26 43.81
C LYS A 255 -4.12 7.93 42.71
N ARG A 256 -4.61 8.96 42.01
CA ARG A 256 -5.49 8.74 40.86
C ARG A 256 -4.82 7.73 39.94
N HIS A 257 -3.53 7.92 39.70
CA HIS A 257 -2.76 7.04 38.84
C HIS A 257 -2.83 5.60 39.35
N GLU A 258 -2.45 5.43 40.62
CA GLU A 258 -2.41 4.10 41.22
C GLU A 258 -3.77 3.43 41.06
N HIS A 259 -4.84 4.23 41.18
CA HIS A 259 -6.19 3.70 41.05
C HIS A 259 -6.40 3.20 39.64
N LEU A 260 -6.12 4.07 38.67
CA LEU A 260 -6.30 3.74 37.28
C LEU A 260 -5.44 2.55 36.88
N LEU A 261 -4.22 2.49 37.45
CA LEU A 261 -3.35 1.34 37.25
C LEU A 261 -4.09 0.08 37.66
N SER A 262 -4.72 0.13 38.84
CA SER A 262 -5.50 -0.99 39.35
C SER A 262 -6.63 -1.36 38.39
N LYS A 263 -7.38 -0.36 37.94
CA LYS A 263 -8.50 -0.60 37.04
C LYS A 263 -7.97 -0.99 35.66
N GLY A 264 -6.65 -0.86 35.47
CA GLY A 264 -6.00 -1.29 34.24
C GLY A 264 -6.23 -0.31 33.09
N GLU A 265 -6.67 0.91 33.42
CA GLU A 265 -6.83 1.95 32.41
C GLU A 265 -5.47 2.54 32.09
N ARG A 266 -4.54 2.42 33.03
CA ARG A 266 -3.14 2.74 32.79
C ARG A 266 -2.31 1.49 33.06
N ARG A 267 -1.08 1.51 32.55
CA ARG A 267 -0.19 0.36 32.59
C ARG A 267 1.21 0.77 33.07
N LEU A 268 1.56 2.05 32.97
CA LEU A 268 2.91 2.52 33.26
C LEU A 268 2.99 3.09 34.67
N SER A 269 4.14 2.86 35.30
CA SER A 269 4.43 3.49 36.58
C SER A 269 4.31 5.00 36.43
N TYR A 270 4.02 5.69 37.55
CA TYR A 270 3.89 7.12 37.49
C TYR A 270 5.22 7.74 37.07
N ARG A 271 6.32 7.14 37.47
CA ARG A 271 7.61 7.70 37.14
C ARG A 271 7.86 7.50 35.66
N ALA A 272 7.56 6.31 35.15
CA ALA A 272 7.70 6.05 33.73
C ALA A 272 6.89 7.07 32.95
N LEU A 273 5.67 7.34 33.41
CA LEU A 273 4.82 8.30 32.77
C LEU A 273 5.50 9.67 32.72
N GLN A 274 6.25 9.99 33.77
CA GLN A 274 6.96 11.26 33.84
C GLN A 274 8.04 11.31 32.77
N GLY A 275 8.79 10.21 32.66
CA GLY A 275 9.87 10.11 31.69
C GLY A 275 9.35 10.25 30.28
N ALA A 276 8.21 9.63 29.99
CA ALA A 276 7.61 9.68 28.66
C ALA A 276 7.22 11.12 28.29
N LEU A 277 6.64 11.84 29.25
CA LEU A 277 6.20 13.18 28.97
C LEU A 277 7.41 14.10 28.86
N MET A 278 8.46 13.76 29.60
CA MET A 278 9.73 14.46 29.47
C MET A 278 10.17 14.38 28.01
N ILE A 279 10.13 13.17 27.47
CA ILE A 279 10.66 12.91 26.15
C ILE A 279 9.78 13.63 25.13
N TYR A 280 8.46 13.59 25.36
CA TYR A 280 7.52 14.24 24.46
C TYR A 280 7.84 15.73 24.34
N PHE A 281 8.05 16.35 25.50
CA PHE A 281 8.15 17.79 25.57
C PHE A 281 9.53 18.25 25.13
N TYR A 282 10.57 17.45 25.39
CA TYR A 282 11.92 17.84 25.03
C TYR A 282 12.46 16.97 23.90
N ARG A 283 11.65 16.70 22.86
CA ARG A 283 12.02 15.69 21.89
C ARG A 283 13.15 16.17 21.00
N GLU A 284 13.10 17.46 20.63
CA GLU A 284 14.11 18.04 19.77
C GLU A 284 15.48 18.02 20.43
N GLU A 285 15.52 17.91 21.76
CA GLU A 285 16.78 17.87 22.47
C GLU A 285 17.51 16.60 22.06
N PRO A 286 18.76 16.73 21.59
CA PRO A 286 19.49 15.62 20.98
C PRO A 286 19.35 14.26 21.64
N ARG A 287 19.42 14.22 22.97
CA ARG A 287 19.42 12.95 23.66
C ARG A 287 18.07 12.27 23.60
N PHE A 288 17.03 13.04 23.23
CA PHE A 288 15.66 12.61 23.29
C PHE A 288 15.06 12.42 21.91
N GLN A 289 15.86 12.59 20.85
CA GLN A 289 15.34 12.57 19.50
C GLN A 289 14.98 11.14 19.12
N VAL A 290 15.91 10.21 19.29
CA VAL A 290 15.66 8.82 18.96
C VAL A 290 14.74 8.21 20.01
N PRO A 291 14.92 8.49 21.32
CA PRO A 291 13.97 8.02 22.31
C PRO A 291 12.53 8.35 21.98
N PHE A 292 12.27 9.53 21.45
CA PHE A 292 10.93 9.90 21.03
C PHE A 292 10.46 9.04 19.86
N GLN A 293 11.37 8.78 18.93
CA GLN A 293 11.07 7.92 17.82
C GLN A 293 10.62 6.58 18.33
N LEU A 294 11.24 6.10 19.40
CA LEU A 294 10.90 4.79 19.93
C LEU A 294 9.45 4.83 20.42
N LEU A 295 9.12 5.87 21.17
CA LEU A 295 7.78 6.02 21.71
C LEU A 295 6.79 5.98 20.56
N THR A 296 7.14 6.68 19.50
CA THR A 296 6.27 6.76 18.33
C THR A 296 6.09 5.37 17.74
N SER A 297 7.17 4.60 17.67
CA SER A 297 7.12 3.26 17.10
C SER A 297 6.32 2.33 17.98
N LEU A 298 6.49 2.48 19.30
CA LEU A 298 5.78 1.65 20.24
C LEU A 298 4.27 1.85 20.03
N MET A 299 3.87 3.11 19.86
CA MET A 299 2.49 3.40 19.58
C MET A 299 2.09 2.86 18.21
N ASP A 300 3.00 2.91 17.24
CA ASP A 300 2.70 2.39 15.91
C ASP A 300 2.39 0.90 15.99
N ILE A 301 3.10 0.19 16.88
CA ILE A 301 2.96 -1.25 16.94
C ILE A 301 1.59 -1.58 17.53
N ASP A 302 1.18 -0.82 18.52
CA ASP A 302 -0.12 -1.01 19.12
C ASP A 302 -1.20 -0.72 18.10
N SER A 303 -1.06 0.39 17.38
CA SER A 303 -2.05 0.81 16.40
C SER A 303 -2.22 -0.27 15.36
N LEU A 304 -1.09 -0.84 14.94
CA LEU A 304 -1.11 -1.78 13.83
C LEU A 304 -1.59 -3.12 14.34
N MET A 305 -1.20 -3.48 15.55
CA MET A 305 -1.63 -4.73 16.14
C MET A 305 -3.13 -4.72 16.23
N THR A 306 -3.69 -3.55 16.52
CA THR A 306 -5.13 -3.47 16.67
C THR A 306 -5.75 -3.46 15.28
N LYS A 307 -5.07 -2.88 14.29
CA LYS A 307 -5.59 -2.89 12.95
C LYS A 307 -5.63 -4.33 12.46
N TRP A 308 -4.64 -5.12 12.85
CA TRP A 308 -4.60 -6.52 12.47
C TRP A 308 -5.85 -7.21 12.97
N ARG A 309 -6.13 -6.98 14.26
CA ARG A 309 -7.26 -7.62 14.90
C ARG A 309 -8.54 -7.21 14.18
N TYR A 310 -8.65 -5.93 13.87
CA TYR A 310 -9.83 -5.40 13.22
C TYR A 310 -10.02 -6.09 11.87
N ASN A 311 -8.98 -6.14 11.05
CA ASN A 311 -9.11 -6.72 9.73
C ASN A 311 -9.44 -8.20 9.86
N HIS A 312 -8.90 -8.84 10.87
CA HIS A 312 -9.17 -10.25 11.10
C HIS A 312 -10.68 -10.44 11.33
N VAL A 313 -11.22 -9.63 12.24
CA VAL A 313 -12.64 -9.65 12.58
C VAL A 313 -13.46 -9.39 11.33
N CYS A 314 -13.16 -8.29 10.62
CA CYS A 314 -13.95 -7.86 9.49
C CYS A 314 -14.05 -9.02 8.52
N MET A 315 -13.01 -9.86 8.47
CA MET A 315 -13.00 -10.98 7.54
C MET A 315 -13.82 -12.15 8.08
N VAL A 316 -13.56 -12.55 9.32
CA VAL A 316 -14.29 -13.65 9.92
C VAL A 316 -15.79 -13.41 9.75
N HIS A 317 -16.20 -12.13 9.78
CA HIS A 317 -17.58 -11.76 9.50
C HIS A 317 -17.94 -12.12 8.06
N ARG A 318 -17.12 -11.62 7.12
CA ARG A 318 -17.33 -11.82 5.70
C ARG A 318 -17.38 -13.32 5.40
N MET A 319 -16.77 -14.13 6.28
CA MET A 319 -16.59 -15.53 5.99
C MET A 319 -17.59 -16.41 6.75
N LEU A 320 -17.82 -16.11 8.03
CA LEU A 320 -18.64 -16.97 8.88
C LEU A 320 -19.97 -16.29 9.21
N GLY A 321 -20.14 -15.01 8.84
CA GLY A 321 -21.29 -14.22 9.30
C GLY A 321 -21.18 -13.94 10.79
N SER A 322 -22.30 -13.64 11.44
CA SER A 322 -22.32 -13.31 12.87
C SER A 322 -22.69 -14.55 13.72
N SER A 330 -20.36 -16.13 20.07
CA SER A 330 -19.69 -16.10 18.74
C SER A 330 -18.26 -15.55 18.88
N GLY A 331 -17.32 -16.24 18.24
CA GLY A 331 -15.95 -15.76 18.20
C GLY A 331 -15.88 -14.32 17.69
N TYR A 332 -16.66 -14.07 16.61
CA TYR A 332 -16.75 -12.74 16.02
C TYR A 332 -16.85 -11.68 17.13
N HIS A 333 -17.75 -11.90 18.10
CA HIS A 333 -17.97 -10.92 19.15
C HIS A 333 -16.80 -10.91 20.14
N TYR A 334 -16.23 -12.09 20.43
CA TYR A 334 -15.00 -12.19 21.23
C TYR A 334 -13.92 -11.33 20.60
N LEU A 335 -13.80 -11.46 19.28
CA LEU A 335 -12.78 -10.76 18.54
C LEU A 335 -13.08 -9.26 18.55
N ARG A 336 -14.35 -8.89 18.30
CA ARG A 336 -14.73 -7.49 18.31
C ARG A 336 -14.33 -6.87 19.64
N SER A 337 -14.16 -7.72 20.66
CA SER A 337 -13.79 -7.31 22.00
C SER A 337 -12.28 -7.08 22.11
N THR A 338 -11.52 -7.80 21.27
CA THR A 338 -10.07 -7.75 21.30
C THR A 338 -9.59 -6.44 20.70
N VAL A 339 -10.44 -5.76 19.91
CA VAL A 339 -10.14 -4.47 19.32
C VAL A 339 -10.54 -3.38 20.32
N SER A 340 -9.80 -3.31 21.42
CA SER A 340 -10.05 -2.31 22.46
C SER A 340 -8.69 -1.82 22.96
N ASP A 341 -8.71 -0.66 23.63
CA ASP A 341 -7.50 -0.15 24.24
C ASP A 341 -7.05 -1.06 25.38
N ARG A 342 -7.82 -2.11 25.67
CA ARG A 342 -7.43 -3.03 26.71
C ARG A 342 -6.33 -3.95 26.20
N TYR A 343 -6.26 -4.06 24.88
CA TYR A 343 -5.19 -4.82 24.26
C TYR A 343 -4.05 -3.92 23.78
N LYS A 344 -4.24 -2.61 23.88
CA LYS A 344 -3.19 -1.62 23.68
C LYS A 344 -2.28 -1.58 24.90
N VAL A 345 -1.02 -2.00 24.72
CA VAL A 345 -0.04 -2.08 25.78
C VAL A 345 0.51 -0.70 26.11
N PHE A 346 0.74 0.13 25.10
CA PHE A 346 1.32 1.44 25.33
C PHE A 346 0.26 2.52 25.20
N VAL A 347 -0.91 2.20 25.73
CA VAL A 347 -2.03 3.09 25.63
C VAL A 347 -1.68 4.39 26.35
N ASP A 348 -0.83 4.29 27.39
CA ASP A 348 -0.42 5.45 28.15
C ASP A 348 0.28 6.48 27.26
N LEU A 349 1.01 6.00 26.26
CA LEU A 349 1.71 6.89 25.34
C LEU A 349 0.70 7.62 24.47
N PHE A 350 -0.39 6.92 24.12
CA PHE A 350 -1.41 7.53 23.30
C PHE A 350 -2.12 8.61 24.10
N ASN A 351 -2.21 8.40 25.41
CA ASN A 351 -3.07 9.24 26.23
C ASN A 351 -2.32 10.46 26.73
N LEU A 352 -1.00 10.49 26.51
CA LEU A 352 -0.25 11.69 26.86
C LEU A 352 -0.69 12.88 26.00
N SER A 353 -1.41 12.61 24.90
CA SER A 353 -2.01 13.64 24.07
C SER A 353 -3.08 14.43 24.81
N THR A 354 -3.70 13.83 25.83
CA THR A 354 -4.75 14.52 26.57
C THR A 354 -4.14 15.69 27.37
N TYR A 355 -2.91 15.49 27.86
CA TYR A 355 -2.27 16.44 28.75
C TYR A 355 -1.33 17.35 27.98
N LEU A 356 -1.83 17.92 26.88
CA LEU A 356 -1.03 18.84 26.09
C LEU A 356 -1.35 20.26 26.52
N ILE A 357 -0.26 21.01 26.67
CA ILE A 357 -0.26 22.34 27.25
C ILE A 357 0.33 23.29 26.23
N PRO A 358 0.08 24.61 26.33
CA PRO A 358 0.78 25.60 25.52
C PRO A 358 2.28 25.41 25.67
N ARG A 359 3.02 25.58 24.56
CA ARG A 359 4.46 25.36 24.52
C ARG A 359 5.16 26.27 25.53
N HIS A 360 4.67 27.51 25.64
CA HIS A 360 5.30 28.48 26.53
C HIS A 360 5.21 28.05 28.00
N TRP A 361 4.33 27.08 28.33
CA TRP A 361 4.23 26.59 29.68
C TRP A 361 5.29 25.54 29.96
N ILE A 362 5.99 25.05 28.93
CA ILE A 362 6.89 23.94 29.17
C ILE A 362 8.16 24.45 29.84
N PRO A 363 8.57 23.85 30.98
CA PRO A 363 9.78 24.27 31.68
C PRO A 363 10.95 24.43 30.74
N LYS A 364 11.72 25.50 30.95
CA LYS A 364 12.74 25.92 30.00
C LYS A 364 14.03 25.16 30.25
N MET A 365 14.68 24.80 29.15
CA MET A 365 15.93 24.07 29.18
C MET A 365 17.08 25.04 29.46
N ASN A 366 17.72 24.93 30.62
CA ASN A 366 18.88 25.75 30.97
C ASN A 366 20.02 25.41 30.01
N PRO A 367 20.82 26.38 29.51
CA PRO A 367 21.99 26.04 28.70
C PRO A 367 22.82 24.98 29.45
N THR A 368 23.10 25.28 30.73
CA THR A 368 23.71 24.34 31.65
C THR A 368 22.95 23.02 31.65
N ILE A 369 21.61 23.09 31.72
CA ILE A 369 20.76 21.93 31.76
C ILE A 369 20.80 21.19 30.40
N HIS A 370 20.89 21.96 29.31
CA HIS A 370 20.98 21.38 27.97
C HIS A 370 22.17 20.41 27.92
N LYS A 371 23.14 20.55 28.83
CA LYS A 371 24.35 19.75 28.85
C LYS A 371 24.08 18.27 29.12
N PHE A 372 23.16 17.97 30.05
CA PHE A 372 22.79 16.58 30.31
C PHE A 372 21.91 16.03 29.18
N LEU A 373 21.47 16.88 28.23
CA LEU A 373 20.70 16.47 27.06
C LEU A 373 21.40 16.83 25.74
N GLU A 374 22.73 16.65 25.68
CA GLU A 374 23.50 17.05 24.51
C GLU A 374 24.42 15.93 24.00
N HIS A 375 24.57 14.84 24.77
CA HIS A 375 25.46 13.74 24.39
C HIS A 375 26.72 14.26 23.67
N LEU B 24 -7.23 -32.44 15.09
CA LEU B 24 -6.42 -31.62 14.15
C LEU B 24 -6.05 -30.28 14.81
N ILE B 25 -4.76 -29.95 14.76
CA ILE B 25 -4.25 -28.72 15.37
C ILE B 25 -3.72 -27.83 14.26
N TYR B 26 -3.96 -26.52 14.37
CA TYR B 26 -3.34 -25.51 13.51
C TYR B 26 -1.90 -25.89 13.15
N GLY B 27 -1.04 -26.01 14.15
CA GLY B 27 0.38 -26.28 13.95
C GLY B 27 0.62 -27.51 13.07
N ASN B 28 -0.28 -28.49 13.17
CA ASN B 28 -0.13 -29.75 12.46
C ASN B 28 -0.74 -29.63 11.06
N TYR B 29 -1.81 -28.85 10.94
CA TYR B 29 -2.47 -28.58 9.67
C TYR B 29 -1.49 -27.85 8.77
N LEU B 30 -0.71 -26.96 9.40
CA LEU B 30 0.16 -26.09 8.65
C LEU B 30 1.59 -26.59 8.65
N HIS B 31 1.83 -27.78 9.19
CA HIS B 31 3.16 -28.37 9.17
C HIS B 31 4.19 -27.32 9.57
N LEU B 32 3.90 -26.64 10.67
CA LEU B 32 4.74 -25.58 11.17
C LEU B 32 6.03 -26.16 11.76
N GLU B 33 6.00 -27.46 12.05
CA GLU B 33 7.19 -28.17 12.47
C GLU B 33 8.26 -28.01 11.40
N LYS B 34 7.80 -27.83 10.16
CA LYS B 34 8.67 -27.63 9.02
C LYS B 34 8.90 -26.14 8.81
N VAL B 35 7.80 -25.40 8.76
CA VAL B 35 7.84 -24.03 8.31
C VAL B 35 8.65 -23.20 9.31
N LEU B 36 8.42 -23.45 10.59
CA LEU B 36 9.05 -22.63 11.61
C LEU B 36 10.30 -23.32 12.16
N ASN B 37 10.79 -24.31 11.42
CA ASN B 37 12.08 -24.91 11.73
C ASN B 37 12.93 -24.94 10.47
N ALA B 38 12.87 -23.85 9.69
CA ALA B 38 13.53 -23.81 8.40
C ALA B 38 14.45 -22.59 8.32
N GLN B 39 14.71 -22.00 9.50
CA GLN B 39 15.53 -20.81 9.56
C GLN B 39 16.90 -21.20 10.08
N GLU B 40 17.92 -21.16 9.20
CA GLU B 40 19.27 -21.49 9.60
C GLU B 40 20.21 -20.37 9.18
N LEU B 41 20.57 -19.51 10.15
CA LEU B 41 21.44 -18.39 9.87
C LEU B 41 22.84 -18.94 9.63
N GLN B 42 23.34 -18.78 8.42
CA GLN B 42 24.65 -19.31 8.10
C GLN B 42 25.72 -18.58 8.91
N SER B 43 25.49 -17.30 9.19
CA SER B 43 26.34 -16.53 10.06
C SER B 43 26.52 -17.25 11.40
N GLU B 44 25.42 -17.80 11.91
CA GLU B 44 25.41 -18.50 13.17
C GLU B 44 26.06 -19.87 13.01
N THR B 45 25.75 -20.53 11.89
CA THR B 45 26.32 -21.82 11.57
C THR B 45 27.83 -21.71 11.51
N LYS B 46 28.36 -20.50 11.30
CA LYS B 46 29.78 -20.27 11.18
C LYS B 46 30.33 -19.46 12.36
N GLY B 47 29.53 -19.27 13.42
CA GLY B 47 30.06 -18.79 14.68
C GLY B 47 29.73 -17.32 14.94
N ASN B 48 29.50 -16.55 13.87
CA ASN B 48 29.29 -15.12 13.98
C ASN B 48 27.88 -14.74 13.54
N LYS B 49 26.90 -15.02 14.40
CA LYS B 49 25.50 -14.79 14.07
C LYS B 49 25.25 -13.31 13.83
N ILE B 50 24.62 -12.98 12.70
CA ILE B 50 24.22 -11.61 12.39
C ILE B 50 22.69 -11.55 12.40
N HIS B 51 22.16 -10.54 13.09
CA HIS B 51 20.76 -10.46 13.44
C HIS B 51 19.90 -10.30 12.19
N ASP B 52 20.37 -9.45 11.26
CA ASP B 52 19.53 -9.07 10.14
C ASP B 52 19.42 -10.24 9.15
N GLU B 53 20.22 -11.29 9.35
CA GLU B 53 20.20 -12.42 8.43
C GLU B 53 18.88 -13.13 8.55
N HIS B 54 18.30 -13.07 9.75
CA HIS B 54 17.03 -13.74 9.98
C HIS B 54 16.00 -13.15 9.02
N LEU B 55 15.96 -11.81 8.94
CA LEU B 55 15.01 -11.11 8.10
C LEU B 55 15.16 -11.57 6.65
N PHE B 56 16.42 -11.60 6.20
CA PHE B 56 16.75 -11.98 4.83
C PHE B 56 16.11 -13.33 4.54
N ILE B 57 16.23 -14.26 5.48
CA ILE B 57 15.77 -15.62 5.26
C ILE B 57 14.26 -15.64 5.18
N ILE B 58 13.65 -15.00 6.16
CA ILE B 58 12.20 -15.02 6.26
C ILE B 58 11.57 -14.37 5.03
N THR B 59 12.13 -13.24 4.61
CA THR B 59 11.58 -12.50 3.50
C THR B 59 11.49 -13.42 2.29
N HIS B 60 12.61 -14.09 2.00
CA HIS B 60 12.72 -14.94 0.84
C HIS B 60 11.76 -16.11 0.98
N GLN B 61 11.64 -16.63 2.20
CA GLN B 61 10.79 -17.77 2.43
C GLN B 61 9.34 -17.39 2.15
N ALA B 62 8.99 -16.17 2.54
CA ALA B 62 7.63 -15.70 2.30
C ALA B 62 7.39 -15.57 0.80
N TYR B 63 8.37 -14.98 0.11
CA TYR B 63 8.24 -14.83 -1.32
C TYR B 63 7.97 -16.20 -1.92
N GLU B 64 8.72 -17.20 -1.46
CA GLU B 64 8.66 -18.53 -2.04
C GLU B 64 7.31 -19.16 -1.75
N LEU B 65 6.78 -18.91 -0.57
CA LEU B 65 5.45 -19.41 -0.28
C LEU B 65 4.48 -18.84 -1.29
N TRP B 66 4.58 -17.53 -1.54
CA TRP B 66 3.62 -16.86 -2.39
C TRP B 66 3.77 -17.30 -3.83
N PHE B 67 5.02 -17.57 -4.24
CA PHE B 67 5.28 -18.04 -5.58
C PHE B 67 4.56 -19.36 -5.77
N LYS B 68 4.63 -20.21 -4.74
CA LYS B 68 4.01 -21.52 -4.81
C LYS B 68 2.51 -21.34 -5.04
N GLN B 69 1.96 -20.33 -4.38
CA GLN B 69 0.53 -20.07 -4.46
C GLN B 69 0.21 -19.54 -5.85
N ILE B 70 1.09 -18.71 -6.39
CA ILE B 70 0.85 -18.18 -7.71
C ILE B 70 0.88 -19.33 -8.70
N LEU B 71 1.89 -20.18 -8.58
CA LEU B 71 2.00 -21.35 -9.44
C LEU B 71 0.75 -22.20 -9.29
N TRP B 72 0.27 -22.31 -8.06
CA TRP B 72 -0.95 -23.05 -7.82
C TRP B 72 -2.09 -22.49 -8.65
N GLU B 73 -2.23 -21.17 -8.64
CA GLU B 73 -3.34 -20.52 -9.30
C GLU B 73 -3.15 -20.64 -10.81
N LEU B 74 -1.93 -20.35 -11.24
CA LEU B 74 -1.59 -20.33 -12.65
C LEU B 74 -1.82 -21.68 -13.30
N ASP B 75 -1.27 -22.71 -12.65
CA ASP B 75 -1.37 -24.08 -13.12
C ASP B 75 -2.84 -24.46 -13.25
N SER B 76 -3.63 -24.01 -12.30
CA SER B 76 -5.05 -24.32 -12.30
C SER B 76 -5.70 -23.72 -13.52
N VAL B 77 -5.34 -22.46 -13.83
CA VAL B 77 -5.94 -21.73 -14.92
C VAL B 77 -5.47 -22.34 -16.24
N ARG B 78 -4.17 -22.65 -16.31
CA ARG B 78 -3.64 -23.33 -17.48
C ARG B 78 -4.43 -24.60 -17.75
N GLU B 79 -4.68 -25.39 -16.71
CA GLU B 79 -5.37 -26.65 -16.89
C GLU B 79 -6.79 -26.40 -17.39
N ILE B 80 -7.46 -25.35 -16.91
CA ILE B 80 -8.81 -25.04 -17.35
C ILE B 80 -8.82 -24.77 -18.85
N PHE B 81 -7.76 -24.11 -19.32
CA PHE B 81 -7.61 -23.82 -20.73
C PHE B 81 -7.31 -25.10 -21.51
N GLN B 82 -6.33 -25.88 -21.02
CA GLN B 82 -5.83 -27.06 -21.71
C GLN B 82 -6.91 -28.14 -21.77
N ASN B 83 -7.70 -28.30 -20.72
CA ASN B 83 -8.69 -29.36 -20.63
C ASN B 83 -9.97 -28.88 -21.31
N GLY B 84 -9.95 -27.64 -21.82
CA GLY B 84 -11.04 -27.12 -22.63
C GLY B 84 -12.26 -26.74 -21.79
N HIS B 85 -12.06 -26.57 -20.49
CA HIS B 85 -13.13 -26.19 -19.61
C HIS B 85 -13.51 -24.75 -19.88
N VAL B 86 -12.53 -23.97 -20.36
CA VAL B 86 -12.75 -22.56 -20.67
C VAL B 86 -13.86 -22.40 -21.72
N ARG B 87 -14.08 -23.44 -22.51
CA ARG B 87 -15.15 -23.45 -23.50
C ARG B 87 -16.50 -23.25 -22.82
N ASP B 88 -16.70 -23.89 -21.68
CA ASP B 88 -17.86 -23.65 -20.86
C ASP B 88 -17.66 -22.30 -20.16
N GLU B 89 -18.37 -21.27 -20.62
CA GLU B 89 -18.12 -19.91 -20.18
C GLU B 89 -18.57 -19.68 -18.72
N ARG B 90 -19.06 -20.72 -18.03
CA ARG B 90 -19.31 -20.66 -16.60
C ARG B 90 -17.98 -20.53 -15.86
N ASN B 91 -16.94 -21.09 -16.47
CA ASN B 91 -15.67 -21.19 -15.80
C ASN B 91 -14.88 -19.90 -15.97
N MET B 92 -15.47 -18.89 -16.61
CA MET B 92 -14.76 -17.64 -16.86
C MET B 92 -14.62 -16.84 -15.55
N LEU B 93 -15.63 -16.92 -14.70
CA LEU B 93 -15.59 -16.26 -13.41
C LEU B 93 -14.41 -16.78 -12.61
N LYS B 94 -14.33 -18.12 -12.54
CA LYS B 94 -13.24 -18.77 -11.83
C LYS B 94 -11.89 -18.30 -12.36
N VAL B 95 -11.77 -18.19 -13.69
CA VAL B 95 -10.50 -17.87 -14.33
C VAL B 95 -10.08 -16.45 -13.96
N VAL B 96 -10.99 -15.50 -14.17
CA VAL B 96 -10.69 -14.12 -13.86
C VAL B 96 -10.42 -13.96 -12.36
N SER B 97 -11.13 -14.70 -11.51
CA SER B 97 -10.95 -14.58 -10.08
C SER B 97 -9.55 -14.99 -9.69
N ARG B 98 -9.09 -16.09 -10.27
CA ARG B 98 -7.82 -16.66 -9.89
C ARG B 98 -6.71 -15.81 -10.46
N MET B 99 -6.95 -15.20 -11.62
CA MET B 99 -5.95 -14.35 -12.25
C MET B 99 -5.83 -13.03 -11.49
N HIS B 100 -6.96 -12.53 -11.00
CA HIS B 100 -6.95 -11.33 -10.20
C HIS B 100 -6.21 -11.63 -8.90
N ARG B 101 -6.41 -12.83 -8.38
CA ARG B 101 -5.77 -13.20 -7.15
C ARG B 101 -4.27 -13.16 -7.33
N VAL B 102 -3.81 -13.63 -8.49
CA VAL B 102 -2.40 -13.57 -8.76
C VAL B 102 -1.93 -12.12 -8.68
N SER B 103 -2.72 -11.23 -9.27
CA SER B 103 -2.27 -9.85 -9.36
C SER B 103 -2.23 -9.27 -7.95
N VAL B 104 -3.10 -9.77 -7.09
CA VAL B 104 -3.18 -9.26 -5.73
C VAL B 104 -1.98 -9.74 -4.91
N ILE B 105 -1.57 -10.98 -5.16
CA ILE B 105 -0.43 -11.51 -4.45
C ILE B 105 0.78 -10.71 -4.89
N LEU B 106 0.84 -10.44 -6.19
CA LEU B 106 2.00 -9.76 -6.73
C LEU B 106 2.09 -8.34 -6.17
N LYS B 107 0.94 -7.71 -5.99
CA LYS B 107 0.92 -6.36 -5.46
C LYS B 107 1.57 -6.35 -4.10
N LEU B 108 1.36 -7.46 -3.36
CA LEU B 108 1.85 -7.59 -2.00
C LEU B 108 3.34 -7.87 -2.02
N LEU B 109 3.74 -8.72 -2.97
CA LEU B 109 5.12 -9.11 -3.08
C LEU B 109 5.97 -7.91 -3.44
N VAL B 110 5.36 -6.94 -4.11
CA VAL B 110 6.07 -5.72 -4.43
C VAL B 110 6.21 -4.91 -3.16
N GLN B 111 5.16 -4.88 -2.34
CA GLN B 111 5.19 -4.08 -1.14
C GLN B 111 6.17 -4.71 -0.16
N GLN B 112 6.35 -6.02 -0.28
CA GLN B 112 7.12 -6.76 0.68
C GLN B 112 8.58 -6.31 0.64
N PHE B 113 9.00 -5.64 -0.42
CA PHE B 113 10.37 -5.18 -0.46
C PHE B 113 10.59 -4.11 0.60
N SER B 114 9.51 -3.41 0.96
CA SER B 114 9.61 -2.37 1.96
C SER B 114 10.19 -2.94 3.25
N ILE B 115 9.95 -4.24 3.47
CA ILE B 115 10.40 -4.87 4.69
C ILE B 115 11.90 -5.02 4.65
N LEU B 116 12.41 -5.44 3.50
CA LEU B 116 13.82 -5.72 3.41
C LEU B 116 14.60 -4.41 3.30
N GLU B 117 13.91 -3.33 2.94
CA GLU B 117 14.53 -2.04 2.90
C GLU B 117 14.84 -1.56 4.30
N THR B 118 14.35 -2.28 5.32
CA THR B 118 14.66 -1.89 6.69
C THR B 118 16.07 -2.32 7.03
N MET B 119 16.62 -3.26 6.24
CA MET B 119 17.97 -3.74 6.40
C MET B 119 18.93 -2.80 5.69
N THR B 120 19.95 -2.28 6.37
CA THR B 120 20.89 -1.38 5.73
C THR B 120 21.91 -2.21 4.98
N ALA B 121 22.53 -1.61 3.96
CA ALA B 121 23.57 -2.31 3.23
C ALA B 121 24.69 -2.69 4.17
N LEU B 122 25.00 -1.75 5.06
CA LEU B 122 26.09 -1.88 6.02
C LEU B 122 25.88 -3.16 6.84
N ASP B 123 24.61 -3.46 7.15
CA ASP B 123 24.29 -4.57 8.02
C ASP B 123 24.23 -5.86 7.23
N PHE B 124 23.82 -5.78 5.97
CA PHE B 124 23.77 -6.94 5.10
C PHE B 124 25.18 -7.40 4.79
N ASN B 125 26.06 -6.42 4.65
CA ASN B 125 27.47 -6.66 4.41
C ASN B 125 28.03 -7.59 5.49
N ASP B 126 27.48 -7.50 6.70
CA ASP B 126 28.02 -8.28 7.80
C ASP B 126 27.71 -9.76 7.66
N PHE B 127 26.93 -10.16 6.66
CA PHE B 127 26.68 -11.59 6.51
C PHE B 127 26.67 -12.00 5.04
N ARG B 128 26.77 -11.04 4.11
CA ARG B 128 26.62 -11.37 2.70
C ARG B 128 27.61 -12.46 2.30
N GLU B 129 28.77 -12.49 2.96
CA GLU B 129 29.84 -13.44 2.67
C GLU B 129 29.38 -14.88 2.92
N TYR B 130 28.64 -15.11 4.00
CA TYR B 130 28.26 -16.46 4.36
C TYR B 130 27.19 -16.97 3.40
N LEU B 131 26.77 -16.15 2.44
CA LEU B 131 25.73 -16.56 1.51
C LEU B 131 26.33 -17.14 0.24
N SER B 132 27.42 -16.51 -0.25
CA SER B 132 28.14 -17.03 -1.41
C SER B 132 28.30 -18.54 -1.27
N PRO B 133 27.99 -19.31 -2.33
CA PRO B 133 27.70 -18.76 -3.65
C PRO B 133 26.23 -18.77 -4.06
N ALA B 134 25.34 -18.57 -3.09
CA ALA B 134 23.89 -18.64 -3.31
C ALA B 134 23.37 -17.31 -3.87
N SER B 135 22.23 -17.39 -4.57
CA SER B 135 21.62 -16.22 -5.19
C SER B 135 20.13 -16.41 -5.39
N GLY B 136 19.40 -15.28 -5.44
CA GLY B 136 17.97 -15.28 -5.73
C GLY B 136 17.70 -15.87 -7.12
N PHE B 137 18.73 -15.78 -7.98
CA PHE B 137 18.67 -16.34 -9.31
C PHE B 137 18.23 -17.80 -9.24
N GLN B 138 18.55 -18.48 -8.15
CA GLN B 138 18.33 -19.91 -8.04
C GLN B 138 16.94 -20.20 -7.50
N SER B 139 16.02 -19.24 -7.70
CA SER B 139 14.63 -19.48 -7.36
C SER B 139 14.04 -20.31 -8.47
N LEU B 140 13.86 -21.61 -8.20
CA LEU B 140 13.24 -22.51 -9.14
C LEU B 140 11.84 -21.98 -9.47
N GLN B 141 11.14 -21.56 -8.41
CA GLN B 141 9.75 -21.19 -8.57
C GLN B 141 9.65 -19.96 -9.47
N PHE B 142 10.53 -18.99 -9.28
CA PHE B 142 10.45 -17.77 -10.07
C PHE B 142 10.58 -18.14 -11.53
N ARG B 143 11.49 -19.07 -11.83
CA ARG B 143 11.72 -19.46 -13.20
C ARG B 143 10.50 -20.19 -13.73
N LEU B 144 10.00 -21.14 -12.94
CA LEU B 144 8.80 -21.88 -13.31
C LEU B 144 7.67 -20.90 -13.62
N LEU B 145 7.65 -19.80 -12.87
CA LEU B 145 6.61 -18.81 -13.02
C LEU B 145 6.79 -18.07 -14.33
N GLU B 146 8.01 -17.58 -14.55
CA GLU B 146 8.31 -16.87 -15.77
C GLU B 146 7.92 -17.74 -16.96
N ASN B 147 8.24 -19.03 -16.85
CA ASN B 147 8.10 -19.96 -17.95
C ASN B 147 6.61 -20.22 -18.19
N LYS B 148 5.86 -20.43 -17.11
CA LYS B 148 4.48 -20.86 -17.24
C LYS B 148 3.64 -19.72 -17.83
N ILE B 149 4.06 -18.47 -17.63
CA ILE B 149 3.33 -17.34 -18.15
C ILE B 149 3.59 -17.25 -19.65
N GLY B 150 4.89 -17.27 -20.02
CA GLY B 150 5.25 -17.29 -21.44
C GLY B 150 6.58 -16.58 -21.74
N VAL B 151 7.39 -16.28 -20.73
CA VAL B 151 8.71 -15.72 -21.00
C VAL B 151 9.47 -16.72 -21.87
N LEU B 152 10.02 -16.25 -23.00
CA LEU B 152 10.66 -17.17 -23.94
C LEU B 152 12.16 -17.20 -23.74
N GLN B 153 12.71 -18.42 -23.78
CA GLN B 153 14.11 -18.67 -23.50
C GLN B 153 14.98 -17.88 -24.47
N ASN B 154 14.52 -17.72 -25.72
CA ASN B 154 15.24 -16.95 -26.72
C ASN B 154 15.51 -15.54 -26.20
N MET B 155 14.47 -14.90 -25.65
CA MET B 155 14.54 -13.47 -25.32
C MET B 155 14.97 -13.28 -23.87
N ARG B 156 15.58 -14.32 -23.29
CA ARG B 156 16.12 -14.20 -21.96
C ARG B 156 17.52 -13.61 -22.05
N VAL B 157 17.71 -12.43 -21.44
CA VAL B 157 19.00 -11.75 -21.47
C VAL B 157 20.00 -12.64 -20.76
N PRO B 158 21.16 -12.98 -21.38
CA PRO B 158 22.14 -13.85 -20.75
C PRO B 158 22.88 -13.12 -19.62
N TYR B 159 23.12 -13.83 -18.50
CA TYR B 159 23.83 -13.23 -17.39
C TYR B 159 25.28 -13.66 -17.46
N ASN B 160 26.17 -12.67 -17.67
CA ASN B 160 27.58 -12.93 -17.89
C ASN B 160 27.75 -14.05 -18.91
N ARG B 161 27.03 -13.95 -20.05
CA ARG B 161 27.14 -14.92 -21.13
C ARG B 161 26.83 -16.35 -20.65
N ARG B 162 25.84 -16.43 -19.76
CA ARG B 162 25.39 -17.72 -19.25
C ARG B 162 23.88 -17.88 -19.42
N HIS B 163 23.43 -19.15 -19.49
CA HIS B 163 22.03 -19.49 -19.59
C HIS B 163 21.41 -19.36 -18.20
N TYR B 164 20.09 -19.59 -18.08
CA TYR B 164 19.48 -19.53 -16.77
C TYR B 164 19.44 -20.94 -16.16
N ARG B 165 19.09 -21.92 -16.99
CA ARG B 165 18.81 -23.28 -16.54
C ARG B 165 20.10 -23.98 -16.10
N ASP B 166 21.23 -23.46 -16.61
CA ASP B 166 22.55 -24.01 -16.35
C ASP B 166 22.82 -24.15 -14.86
N ASN B 167 22.25 -23.24 -14.05
CA ASN B 167 22.45 -23.21 -12.61
C ASN B 167 21.68 -24.35 -11.92
N PHE B 168 20.69 -24.91 -12.62
CA PHE B 168 19.79 -25.89 -12.04
C PHE B 168 20.15 -27.27 -12.58
N LYS B 169 20.11 -28.29 -11.71
CA LYS B 169 20.47 -29.65 -12.07
C LYS B 169 19.57 -30.62 -11.30
N GLY B 170 19.27 -31.77 -11.93
CA GLY B 170 18.42 -32.79 -11.32
C GLY B 170 16.95 -32.56 -11.62
N GLU B 171 16.06 -33.02 -10.72
CA GLU B 171 14.63 -32.82 -10.86
C GLU B 171 14.35 -31.36 -11.18
N GLU B 172 15.14 -30.47 -10.58
CA GLU B 172 15.06 -29.03 -10.84
C GLU B 172 15.09 -28.79 -12.36
N ASN B 173 16.17 -29.26 -12.98
CA ASN B 173 16.37 -29.04 -14.40
C ASN B 173 15.22 -29.69 -15.15
N GLU B 174 14.78 -30.87 -14.65
CA GLU B 174 13.73 -31.66 -15.28
C GLU B 174 12.43 -30.85 -15.31
N LEU B 175 12.03 -30.35 -14.13
CA LEU B 175 10.79 -29.60 -13.99
C LEU B 175 10.88 -28.33 -14.83
N LEU B 176 12.04 -27.66 -14.75
CA LEU B 176 12.25 -26.41 -15.47
C LEU B 176 11.97 -26.60 -16.95
N LEU B 177 12.31 -27.79 -17.45
CA LEU B 177 12.15 -28.08 -18.87
C LEU B 177 10.68 -28.32 -19.16
N LYS B 178 10.03 -29.16 -18.34
CA LYS B 178 8.62 -29.42 -18.49
C LYS B 178 7.88 -28.07 -18.58
N SER B 179 8.29 -27.14 -17.71
CA SER B 179 7.69 -25.81 -17.63
C SER B 179 7.82 -25.10 -18.97
N GLU B 180 9.00 -25.24 -19.58
CA GLU B 180 9.36 -24.65 -20.87
C GLU B 180 8.55 -25.27 -22.00
N GLN B 181 8.35 -26.59 -21.91
CA GLN B 181 7.81 -27.40 -23.00
C GLN B 181 6.28 -27.48 -22.94
N GLU B 182 5.72 -27.66 -21.74
CA GLU B 182 4.28 -27.66 -21.58
C GLU B 182 3.73 -26.31 -22.04
N LYS B 183 2.42 -26.30 -22.30
CA LYS B 183 1.74 -25.12 -22.82
C LYS B 183 1.84 -23.97 -21.81
N THR B 184 2.14 -22.77 -22.32
CA THR B 184 2.20 -21.59 -21.49
C THR B 184 0.84 -20.94 -21.51
N LEU B 185 0.65 -20.01 -20.58
CA LEU B 185 -0.59 -19.24 -20.49
C LEU B 185 -0.82 -18.49 -21.79
N LEU B 186 0.24 -17.85 -22.29
CA LEU B 186 0.18 -17.16 -23.56
C LEU B 186 -0.36 -18.09 -24.65
N GLU B 187 0.26 -19.26 -24.78
CA GLU B 187 -0.12 -20.20 -25.81
C GLU B 187 -1.59 -20.55 -25.66
N LEU B 188 -2.00 -20.78 -24.42
CA LEU B 188 -3.34 -21.24 -24.11
C LEU B 188 -4.37 -20.13 -24.32
N VAL B 189 -3.98 -18.90 -23.99
CA VAL B 189 -4.80 -17.72 -24.21
C VAL B 189 -4.91 -17.47 -25.71
N GLU B 190 -3.79 -17.64 -26.42
CA GLU B 190 -3.77 -17.51 -27.86
C GLU B 190 -4.82 -18.43 -28.47
N ALA B 191 -4.78 -19.70 -28.07
CA ALA B 191 -5.68 -20.71 -28.60
C ALA B 191 -7.12 -20.25 -28.45
N TRP B 192 -7.45 -19.82 -27.24
CA TRP B 192 -8.79 -19.38 -26.88
C TRP B 192 -9.11 -18.09 -27.64
N LEU B 193 -8.13 -17.20 -27.77
CA LEU B 193 -8.35 -15.94 -28.46
C LEU B 193 -8.67 -16.18 -29.92
N GLU B 194 -8.08 -17.24 -30.48
CA GLU B 194 -8.28 -17.57 -31.87
C GLU B 194 -9.72 -18.03 -32.09
N ARG B 195 -10.32 -18.64 -31.07
CA ARG B 195 -11.67 -19.14 -31.17
C ARG B 195 -12.68 -18.07 -30.77
N THR B 196 -12.22 -16.81 -30.62
CA THR B 196 -13.08 -15.73 -30.17
C THR B 196 -14.17 -15.55 -31.23
N PRO B 197 -15.45 -15.50 -30.82
CA PRO B 197 -16.55 -15.33 -31.76
C PRO B 197 -16.60 -13.95 -32.40
N GLY B 198 -17.02 -13.88 -33.68
CA GLY B 198 -17.13 -12.63 -34.40
C GLY B 198 -16.13 -12.51 -35.55
N LEU B 199 -15.08 -13.34 -35.53
CA LEU B 199 -14.00 -13.25 -36.50
C LEU B 199 -14.40 -13.95 -37.81
N GLU B 200 -15.25 -14.96 -37.70
CA GLU B 200 -15.66 -15.80 -38.81
C GLU B 200 -16.08 -14.90 -39.97
N PRO B 201 -15.43 -15.01 -41.16
CA PRO B 201 -15.74 -14.17 -42.32
C PRO B 201 -17.17 -14.37 -42.81
N HIS B 202 -17.64 -15.62 -42.75
CA HIS B 202 -19.02 -15.90 -43.13
C HIS B 202 -19.96 -15.38 -42.06
N GLY B 203 -19.44 -14.99 -40.88
CA GLY B 203 -20.24 -14.44 -39.79
C GLY B 203 -20.19 -12.91 -39.74
N PHE B 204 -19.81 -12.35 -38.59
CA PHE B 204 -19.77 -10.89 -38.42
C PHE B 204 -18.62 -10.29 -39.24
N ASN B 205 -17.61 -11.11 -39.57
CA ASN B 205 -16.49 -10.67 -40.38
C ASN B 205 -15.95 -9.36 -39.82
N PHE B 206 -15.54 -9.39 -38.55
CA PHE B 206 -15.10 -8.19 -37.85
C PHE B 206 -13.97 -7.55 -38.63
N TRP B 207 -13.00 -8.38 -39.03
CA TRP B 207 -11.76 -7.91 -39.62
C TRP B 207 -12.04 -7.16 -40.92
N GLY B 208 -12.88 -7.76 -41.75
CA GLY B 208 -13.26 -7.15 -43.02
C GLY B 208 -13.99 -5.82 -42.79
N LYS B 209 -15.00 -5.85 -41.93
CA LYS B 209 -15.81 -4.66 -41.68
C LYS B 209 -14.88 -3.58 -41.16
N LEU B 210 -13.89 -3.98 -40.35
CA LEU B 210 -12.99 -3.05 -39.71
C LEU B 210 -12.13 -2.37 -40.75
N GLU B 211 -11.45 -3.19 -41.57
CA GLU B 211 -10.58 -2.68 -42.61
C GLU B 211 -11.35 -1.67 -43.46
N LYS B 212 -12.55 -2.04 -43.88
CA LYS B 212 -13.40 -1.18 -44.68
C LYS B 212 -13.64 0.12 -43.93
N ASN B 213 -14.20 0.01 -42.71
CA ASN B 213 -14.64 1.19 -41.98
C ASN B 213 -13.45 2.11 -41.73
N ILE B 214 -12.25 1.53 -41.53
CA ILE B 214 -11.06 2.31 -41.29
C ILE B 214 -10.61 3.00 -42.58
N THR B 215 -10.50 2.22 -43.65
CA THR B 215 -10.08 2.76 -44.92
C THR B 215 -11.00 3.93 -45.26
N ARG B 216 -12.31 3.71 -45.10
CA ARG B 216 -13.31 4.73 -45.40
C ARG B 216 -13.04 5.97 -44.54
N GLY B 217 -13.01 5.78 -43.22
CA GLY B 217 -12.84 6.88 -42.29
C GLY B 217 -11.60 7.72 -42.61
N LEU B 218 -10.50 7.02 -42.90
CA LEU B 218 -9.24 7.68 -43.20
C LEU B 218 -9.41 8.57 -44.43
N GLU B 219 -9.92 7.98 -45.52
CA GLU B 219 -10.22 8.71 -46.75
C GLU B 219 -11.04 9.97 -46.42
N GLU B 220 -12.11 9.75 -45.65
CA GLU B 220 -13.05 10.82 -45.31
C GLU B 220 -12.31 11.95 -44.62
N GLU B 221 -11.39 11.58 -43.73
CA GLU B 221 -10.63 12.55 -42.98
C GLU B 221 -9.62 13.25 -43.89
N PHE B 222 -9.01 12.48 -44.80
CA PHE B 222 -8.02 13.03 -45.69
C PHE B 222 -8.62 14.18 -46.49
N ILE B 223 -9.85 13.94 -46.98
CA ILE B 223 -10.59 14.94 -47.74
C ILE B 223 -10.74 16.20 -46.90
N ARG B 224 -11.13 16.02 -45.63
CA ARG B 224 -11.30 17.15 -44.73
C ARG B 224 -10.03 17.99 -44.70
N ILE B 225 -8.87 17.33 -44.56
CA ILE B 225 -7.62 18.04 -44.40
C ILE B 225 -7.24 18.69 -45.74
N GLN B 226 -7.42 17.93 -46.83
CA GLN B 226 -7.15 18.45 -48.18
C GLN B 226 -7.95 19.73 -48.43
N ALA B 227 -9.17 19.79 -47.89
CA ALA B 227 -10.04 20.94 -48.07
C ALA B 227 -9.44 22.18 -47.43
N LYS B 228 -8.58 22.01 -46.42
CA LYS B 228 -7.94 23.12 -45.73
C LYS B 228 -6.89 23.83 -46.59
N GLU B 229 -6.57 25.07 -46.19
CA GLU B 229 -5.63 25.90 -46.90
C GLU B 229 -4.21 25.64 -46.39
N GLU B 230 -3.27 25.55 -47.36
CA GLU B 230 -1.86 25.29 -47.10
C GLU B 230 -1.37 26.17 -45.96
N SER B 231 -0.82 25.54 -44.91
CA SER B 231 -0.34 26.24 -43.75
C SER B 231 0.57 25.29 -42.98
N GLU B 232 1.27 25.81 -41.97
CA GLU B 232 2.07 24.96 -41.11
C GLU B 232 1.14 24.00 -40.35
N GLU B 233 -0.01 24.51 -39.91
CA GLU B 233 -0.97 23.67 -39.23
C GLU B 233 -1.34 22.50 -40.14
N LYS B 234 -1.71 22.82 -41.40
CA LYS B 234 -2.15 21.82 -42.36
C LYS B 234 -1.08 20.73 -42.46
N GLU B 235 0.18 21.15 -42.67
CA GLU B 235 1.27 20.20 -42.79
C GLU B 235 1.34 19.30 -41.56
N GLU B 236 1.24 19.90 -40.37
CA GLU B 236 1.28 19.16 -39.11
C GLU B 236 0.21 18.09 -39.14
N GLN B 237 -1.03 18.49 -39.49
CA GLN B 237 -2.15 17.57 -39.55
C GLN B 237 -1.86 16.47 -40.56
N VAL B 238 -1.38 16.88 -41.73
CA VAL B 238 -1.08 15.94 -42.81
C VAL B 238 -0.09 14.88 -42.31
N ALA B 239 0.99 15.33 -41.68
CA ALA B 239 2.01 14.45 -41.14
C ALA B 239 1.40 13.50 -40.13
N GLU B 240 0.67 14.04 -39.16
CA GLU B 240 -0.03 13.21 -38.17
C GLU B 240 -0.89 12.17 -38.89
N PHE B 241 -1.66 12.64 -39.89
CA PHE B 241 -2.59 11.77 -40.57
C PHE B 241 -1.85 10.59 -41.19
N GLN B 242 -0.75 10.87 -41.89
CA GLN B 242 0.03 9.82 -42.55
C GLN B 242 0.50 8.83 -41.50
N LYS B 243 0.97 9.31 -40.35
CA LYS B 243 1.48 8.42 -39.32
C LYS B 243 0.36 7.52 -38.85
N GLN B 244 -0.80 8.11 -38.51
CA GLN B 244 -1.93 7.35 -38.03
C GLN B 244 -2.31 6.32 -39.10
N LYS B 245 -2.44 6.77 -40.35
CA LYS B 245 -2.85 5.89 -41.43
C LYS B 245 -1.94 4.67 -41.48
N GLU B 246 -0.63 4.89 -41.42
CA GLU B 246 0.34 3.81 -41.53
C GLU B 246 0.05 2.77 -40.45
N VAL B 247 -0.03 3.24 -39.21
CA VAL B 247 -0.25 2.39 -38.06
C VAL B 247 -1.53 1.59 -38.26
N LEU B 248 -2.61 2.32 -38.53
CA LEU B 248 -3.93 1.74 -38.58
C LEU B 248 -3.97 0.66 -39.65
N LEU B 249 -3.35 0.92 -40.79
CA LEU B 249 -3.41 -0.04 -41.88
C LEU B 249 -2.40 -1.15 -41.66
N SER B 250 -1.31 -0.85 -40.93
CA SER B 250 -0.33 -1.85 -40.53
C SER B 250 -1.02 -3.06 -39.92
N LEU B 251 -2.14 -2.80 -39.26
CA LEU B 251 -2.91 -3.85 -38.61
C LEU B 251 -3.29 -4.97 -39.56
N PHE B 252 -3.43 -4.68 -40.85
CA PHE B 252 -3.93 -5.68 -41.78
C PHE B 252 -2.79 -6.29 -42.60
N ASP B 253 -1.53 -6.03 -42.22
CA ASP B 253 -0.38 -6.62 -42.88
C ASP B 253 0.00 -7.92 -42.16
N GLU B 254 -0.67 -9.02 -42.53
CA GLU B 254 -0.48 -10.30 -41.87
C GLU B 254 0.99 -10.69 -41.90
N LYS B 255 1.69 -10.28 -42.97
CA LYS B 255 3.08 -10.64 -43.16
C LYS B 255 3.96 -9.84 -42.22
N ARG B 256 3.70 -8.54 -42.08
CA ARG B 256 4.44 -7.73 -41.14
C ARG B 256 4.40 -8.43 -39.78
N HIS B 257 3.20 -8.88 -39.41
CA HIS B 257 3.00 -9.57 -38.14
C HIS B 257 3.90 -10.80 -38.05
N GLU B 258 3.82 -11.67 -39.06
CA GLU B 258 4.58 -12.90 -39.08
C GLU B 258 6.06 -12.58 -38.88
N HIS B 259 6.52 -11.49 -39.50
CA HIS B 259 7.91 -11.09 -39.39
C HIS B 259 8.24 -10.73 -37.94
N LEU B 260 7.41 -9.84 -37.38
CA LEU B 260 7.61 -9.35 -36.04
C LEU B 260 7.52 -10.51 -35.05
N LEU B 261 6.61 -11.44 -35.33
CA LEU B 261 6.45 -12.66 -34.52
C LEU B 261 7.80 -13.37 -34.48
N SER B 262 8.43 -13.50 -35.66
CA SER B 262 9.73 -14.15 -35.78
C SER B 262 10.76 -13.42 -34.94
N LYS B 263 10.82 -12.09 -35.09
CA LYS B 263 11.79 -11.29 -34.37
C LYS B 263 11.44 -11.26 -32.89
N GLY B 264 10.24 -11.75 -32.56
CA GLY B 264 9.81 -11.85 -31.17
C GLY B 264 9.36 -10.50 -30.62
N GLU B 265 9.10 -9.54 -31.49
CA GLU B 265 8.57 -8.24 -31.07
C GLU B 265 7.08 -8.39 -30.78
N ARG B 266 6.43 -9.37 -31.41
CA ARG B 266 5.09 -9.77 -31.06
C ARG B 266 5.09 -11.24 -30.66
N ARG B 267 3.99 -11.69 -30.05
CA ARG B 267 3.92 -13.03 -29.46
C ARG B 267 2.66 -13.78 -29.86
N LEU B 268 1.61 -13.06 -30.26
CA LEU B 268 0.30 -13.67 -30.49
C LEU B 268 0.09 -13.91 -31.98
N SER B 269 -0.56 -15.02 -32.33
CA SER B 269 -0.99 -15.27 -33.69
C SER B 269 -1.83 -14.11 -34.18
N TYR B 270 -1.85 -13.90 -35.48
CA TYR B 270 -2.61 -12.80 -36.04
C TYR B 270 -4.09 -13.01 -35.74
N ARG B 271 -4.54 -14.26 -35.71
CA ARG B 271 -5.94 -14.50 -35.43
C ARG B 271 -6.23 -14.17 -33.98
N ALA B 272 -5.35 -14.60 -33.09
CA ALA B 272 -5.48 -14.28 -31.67
C ALA B 272 -5.56 -12.77 -31.50
N LEU B 273 -4.70 -12.05 -32.22
CA LEU B 273 -4.69 -10.60 -32.15
C LEU B 273 -6.06 -10.06 -32.55
N GLN B 274 -6.71 -10.70 -33.53
CA GLN B 274 -8.02 -10.28 -33.98
C GLN B 274 -9.04 -10.48 -32.87
N GLY B 275 -8.98 -11.63 -32.20
CA GLY B 275 -9.88 -11.96 -31.11
C GLY B 275 -9.76 -10.96 -29.98
N ALA B 276 -8.52 -10.58 -29.66
CA ALA B 276 -8.27 -9.65 -28.57
C ALA B 276 -8.88 -8.29 -28.89
N LEU B 277 -8.72 -7.84 -30.14
CA LEU B 277 -9.23 -6.54 -30.51
C LEU B 277 -10.75 -6.59 -30.59
N MET B 278 -11.27 -7.75 -30.95
CA MET B 278 -12.70 -7.99 -30.92
C MET B 278 -13.21 -7.71 -29.52
N ILE B 279 -12.52 -8.29 -28.54
CA ILE B 279 -12.95 -8.24 -27.16
C ILE B 279 -12.84 -6.80 -26.68
N TYR B 280 -11.76 -6.12 -27.07
CA TYR B 280 -11.54 -4.75 -26.64
C TYR B 280 -12.69 -3.89 -27.09
N PHE B 281 -13.06 -4.05 -28.36
CA PHE B 281 -13.99 -3.13 -29.00
C PHE B 281 -15.41 -3.47 -28.58
N TYR B 282 -15.71 -4.75 -28.34
CA TYR B 282 -17.06 -5.14 -27.98
C TYR B 282 -17.12 -5.61 -26.52
N ARG B 283 -16.46 -4.90 -25.60
CA ARG B 283 -16.26 -5.41 -24.26
C ARG B 283 -17.56 -5.39 -23.46
N GLU B 284 -18.34 -4.33 -23.68
CA GLU B 284 -19.62 -4.17 -23.00
C GLU B 284 -20.59 -5.29 -23.39
N GLU B 285 -20.38 -5.94 -24.53
CA GLU B 285 -21.20 -7.08 -24.90
C GLU B 285 -21.06 -8.17 -23.85
N PRO B 286 -22.17 -8.63 -23.25
CA PRO B 286 -22.12 -9.57 -22.15
C PRO B 286 -21.13 -10.72 -22.28
N ARG B 287 -21.01 -11.31 -23.46
CA ARG B 287 -20.16 -12.49 -23.60
C ARG B 287 -18.68 -12.12 -23.55
N PHE B 288 -18.40 -10.81 -23.65
CA PHE B 288 -17.05 -10.29 -23.74
C PHE B 288 -16.67 -9.50 -22.48
N GLN B 289 -17.55 -9.43 -21.49
CA GLN B 289 -17.32 -8.58 -20.35
C GLN B 289 -16.25 -9.19 -19.45
N VAL B 290 -16.43 -10.46 -19.09
CA VAL B 290 -15.44 -11.15 -18.28
C VAL B 290 -14.19 -11.42 -19.10
N PRO B 291 -14.30 -11.87 -20.37
CA PRO B 291 -13.12 -12.03 -21.21
C PRO B 291 -12.21 -10.81 -21.25
N PHE B 292 -12.81 -9.62 -21.27
CA PHE B 292 -12.06 -8.39 -21.24
C PHE B 292 -11.34 -8.23 -19.90
N GLN B 293 -12.04 -8.58 -18.83
CA GLN B 293 -11.46 -8.51 -17.51
C GLN B 293 -10.21 -9.37 -17.50
N LEU B 294 -10.25 -10.52 -18.17
CA LEU B 294 -9.12 -11.41 -18.18
C LEU B 294 -7.95 -10.70 -18.83
N LEU B 295 -8.21 -10.10 -19.98
CA LEU B 295 -7.18 -9.42 -20.72
C LEU B 295 -6.54 -8.37 -19.82
N THR B 296 -7.39 -7.67 -19.09
CA THR B 296 -6.93 -6.60 -18.23
C THR B 296 -6.03 -7.19 -17.16
N SER B 297 -6.43 -8.32 -16.60
CA SER B 297 -5.66 -8.94 -15.53
C SER B 297 -4.36 -9.51 -16.08
N LEU B 298 -4.40 -10.06 -17.30
CA LEU B 298 -3.20 -10.59 -17.93
C LEU B 298 -2.17 -9.47 -18.06
N MET B 299 -2.63 -8.29 -18.48
CA MET B 299 -1.74 -7.15 -18.57
C MET B 299 -1.29 -6.73 -17.17
N ASP B 300 -2.18 -6.82 -16.18
CA ASP B 300 -1.81 -6.45 -14.83
C ASP B 300 -0.71 -7.37 -14.32
N ILE B 301 -0.72 -8.64 -14.72
CA ILE B 301 0.25 -9.58 -14.22
C ILE B 301 1.61 -9.26 -14.81
N ASP B 302 1.63 -8.89 -16.10
CA ASP B 302 2.85 -8.44 -16.72
C ASP B 302 3.38 -7.21 -15.99
N SER B 303 2.51 -6.24 -15.78
CA SER B 303 2.86 -4.98 -15.15
C SER B 303 3.49 -5.24 -13.79
N LEU B 304 2.88 -6.15 -13.05
CA LEU B 304 3.26 -6.36 -11.67
C LEU B 304 4.51 -7.19 -11.61
N MET B 305 4.61 -8.17 -12.52
CA MET B 305 5.78 -9.01 -12.57
C MET B 305 6.97 -8.14 -12.87
N THR B 306 6.76 -7.10 -13.69
CA THR B 306 7.86 -6.25 -14.07
C THR B 306 8.14 -5.30 -12.92
N LYS B 307 7.11 -4.90 -12.18
CA LYS B 307 7.32 -4.03 -11.05
C LYS B 307 8.16 -4.77 -10.02
N TRP B 308 7.92 -6.08 -9.90
CA TRP B 308 8.67 -6.88 -8.97
C TRP B 308 10.14 -6.79 -9.33
N ARG B 309 10.42 -7.00 -10.61
CA ARG B 309 11.79 -7.01 -11.10
C ARG B 309 12.43 -5.67 -10.81
N TYR B 310 11.69 -4.59 -11.08
CA TYR B 310 12.20 -3.25 -10.89
C TYR B 310 12.58 -3.05 -9.42
N ASN B 311 11.67 -3.39 -8.51
CA ASN B 311 11.91 -3.14 -7.10
C ASN B 311 13.10 -3.97 -6.65
N HIS B 312 13.20 -5.17 -7.21
CA HIS B 312 14.29 -6.06 -6.87
C HIS B 312 15.61 -5.38 -7.21
N VAL B 313 15.69 -4.88 -8.45
CA VAL B 313 16.88 -4.20 -8.94
C VAL B 313 17.19 -3.02 -8.04
N CYS B 314 16.19 -2.14 -7.83
CA CYS B 314 16.39 -0.90 -7.10
C CYS B 314 17.05 -1.24 -5.77
N MET B 315 16.74 -2.43 -5.23
CA MET B 315 17.28 -2.80 -3.92
C MET B 315 18.69 -3.36 -4.05
N VAL B 316 18.87 -4.32 -4.94
CA VAL B 316 20.19 -4.91 -5.13
C VAL B 316 21.22 -3.80 -5.33
N HIS B 317 20.81 -2.69 -5.96
CA HIS B 317 21.67 -1.52 -6.09
C HIS B 317 21.94 -0.92 -4.71
N ARG B 318 20.87 -0.66 -3.96
CA ARG B 318 21.00 -0.03 -2.65
C ARG B 318 21.85 -0.92 -1.74
N MET B 319 21.96 -2.21 -2.09
CA MET B 319 22.61 -3.17 -1.21
C MET B 319 24.02 -3.52 -1.68
N LEU B 320 24.21 -3.71 -2.99
CA LEU B 320 25.50 -4.14 -3.52
C LEU B 320 26.21 -3.01 -4.28
N GLY B 321 25.53 -1.89 -4.52
CA GLY B 321 26.06 -0.84 -5.37
C GLY B 321 26.01 -1.26 -6.85
N SER B 322 26.60 -0.44 -7.73
CA SER B 322 26.65 -0.76 -9.16
C SER B 322 28.06 -1.24 -9.51
N SER B 330 27.83 -6.26 -13.89
CA SER B 330 27.10 -6.26 -12.59
C SER B 330 25.70 -6.82 -12.81
N GLY B 331 25.28 -7.72 -11.91
CA GLY B 331 23.91 -8.21 -11.87
C GLY B 331 22.92 -7.05 -12.00
N TYR B 332 23.19 -5.97 -11.25
CA TYR B 332 22.38 -4.76 -11.30
C TYR B 332 22.00 -4.43 -12.76
N HIS B 333 23.00 -4.42 -13.65
CA HIS B 333 22.78 -4.04 -15.03
C HIS B 333 22.02 -5.15 -15.77
N TYR B 334 22.35 -6.42 -15.49
CA TYR B 334 21.62 -7.55 -16.02
C TYR B 334 20.14 -7.42 -15.68
N LEU B 335 19.89 -7.06 -14.42
CA LEU B 335 18.54 -6.95 -13.93
C LEU B 335 17.86 -5.74 -14.59
N ARG B 336 18.58 -4.61 -14.66
CA ARG B 336 18.03 -3.41 -15.30
C ARG B 336 17.59 -3.76 -16.71
N SER B 337 18.14 -4.86 -17.25
CA SER B 337 17.83 -5.36 -18.58
C SER B 337 16.54 -6.17 -18.59
N THR B 338 16.23 -6.78 -17.44
CA THR B 338 15.03 -7.59 -17.27
C THR B 338 13.78 -6.70 -17.25
N VAL B 339 13.96 -5.40 -16.96
CA VAL B 339 12.87 -4.43 -16.98
C VAL B 339 12.71 -3.88 -18.41
N SER B 340 12.27 -4.74 -19.32
CA SER B 340 12.10 -4.40 -20.72
C SER B 340 10.85 -5.12 -21.21
N ASP B 341 10.34 -4.67 -22.36
CA ASP B 341 9.23 -5.35 -23.01
C ASP B 341 9.65 -6.74 -23.50
N ARG B 342 10.94 -7.07 -23.32
CA ARG B 342 11.47 -8.35 -23.70
C ARG B 342 10.98 -9.40 -22.72
N TYR B 343 10.61 -8.95 -21.52
CA TYR B 343 10.07 -9.85 -20.51
C TYR B 343 8.55 -9.77 -20.48
N LYS B 344 7.94 -8.85 -21.21
CA LYS B 344 6.48 -8.68 -21.20
C LYS B 344 5.85 -9.68 -22.17
N VAL B 345 5.10 -10.65 -21.62
CA VAL B 345 4.51 -11.74 -22.38
C VAL B 345 3.26 -11.26 -23.14
N PHE B 346 2.46 -10.42 -22.51
CA PHE B 346 1.21 -9.99 -23.12
C PHE B 346 1.37 -8.58 -23.65
N VAL B 347 2.54 -8.32 -24.21
CA VAL B 347 2.84 -7.01 -24.74
C VAL B 347 1.84 -6.70 -25.84
N ASP B 348 1.37 -7.73 -26.56
CA ASP B 348 0.43 -7.51 -27.65
C ASP B 348 -0.85 -6.84 -27.14
N LEU B 349 -1.27 -7.20 -25.91
CA LEU B 349 -2.47 -6.64 -25.33
C LEU B 349 -2.23 -5.19 -24.96
N PHE B 350 -1.00 -4.87 -24.55
CA PHE B 350 -0.67 -3.50 -24.20
C PHE B 350 -0.67 -2.65 -25.46
N ASN B 351 -0.31 -3.25 -26.58
CA ASN B 351 -0.06 -2.48 -27.78
C ASN B 351 -1.32 -2.33 -28.59
N LEU B 352 -2.40 -3.00 -28.20
CA LEU B 352 -3.68 -2.79 -28.86
C LEU B 352 -4.19 -1.37 -28.62
N SER B 353 -3.60 -0.67 -27.64
CA SER B 353 -3.85 0.75 -27.41
C SER B 353 -3.39 1.62 -28.58
N THR B 354 -2.40 1.16 -29.36
CA THR B 354 -1.90 1.95 -30.47
C THR B 354 -2.96 2.04 -31.56
N TYR B 355 -3.76 0.97 -31.71
CA TYR B 355 -4.72 0.88 -32.81
C TYR B 355 -6.10 1.26 -32.30
N LEU B 356 -6.19 2.40 -31.63
CA LEU B 356 -7.47 2.91 -31.18
C LEU B 356 -7.96 3.92 -32.19
N ILE B 357 -9.25 3.75 -32.52
CA ILE B 357 -9.93 4.41 -33.60
C ILE B 357 -11.13 5.12 -33.00
N PRO B 358 -11.69 6.15 -33.69
CA PRO B 358 -12.96 6.74 -33.25
C PRO B 358 -14.00 5.63 -33.09
N ARG B 359 -14.85 5.76 -32.06
CA ARG B 359 -15.84 4.73 -31.74
C ARG B 359 -16.78 4.52 -32.92
N HIS B 360 -17.14 5.62 -33.59
CA HIS B 360 -18.09 5.54 -34.68
C HIS B 360 -17.53 4.72 -35.84
N TRP B 361 -16.22 4.47 -35.88
CA TRP B 361 -15.63 3.63 -36.92
C TRP B 361 -15.78 2.15 -36.60
N ILE B 362 -16.14 1.82 -35.36
CA ILE B 362 -16.13 0.41 -34.99
C ILE B 362 -17.36 -0.26 -35.58
N PRO B 363 -17.21 -1.38 -36.32
CA PRO B 363 -18.34 -2.09 -36.90
C PRO B 363 -19.46 -2.26 -35.87
N LYS B 364 -20.71 -2.06 -36.30
CA LYS B 364 -21.83 -2.00 -35.38
C LYS B 364 -22.35 -3.41 -35.12
N MET B 365 -22.73 -3.68 -33.87
CA MET B 365 -23.32 -4.97 -33.52
C MET B 365 -24.80 -4.96 -33.92
N ASN B 366 -25.11 -5.51 -35.11
CA ASN B 366 -26.48 -5.59 -35.59
C ASN B 366 -27.28 -6.50 -34.66
N PRO B 367 -28.60 -6.26 -34.45
CA PRO B 367 -29.36 -7.02 -33.47
C PRO B 367 -29.10 -8.52 -33.65
N THR B 368 -29.20 -8.98 -34.91
CA THR B 368 -29.12 -10.40 -35.22
C THR B 368 -27.82 -10.98 -34.65
N ILE B 369 -26.69 -10.33 -34.95
CA ILE B 369 -25.39 -10.86 -34.54
C ILE B 369 -25.20 -10.62 -33.03
N HIS B 370 -25.77 -9.50 -32.52
CA HIS B 370 -25.71 -9.22 -31.09
C HIS B 370 -26.36 -10.39 -30.35
N LYS B 371 -27.47 -10.90 -30.92
CA LYS B 371 -28.23 -11.99 -30.33
C LYS B 371 -27.38 -13.26 -30.25
N PHE B 372 -26.46 -13.40 -31.22
CA PHE B 372 -25.52 -14.52 -31.23
C PHE B 372 -24.57 -14.41 -30.05
N LEU B 373 -24.17 -13.18 -29.69
CA LEU B 373 -23.26 -12.97 -28.57
C LEU B 373 -24.01 -12.67 -27.26
N GLU B 374 -24.90 -13.61 -26.89
CA GLU B 374 -25.59 -13.58 -25.60
C GLU B 374 -25.79 -15.02 -25.10
N HIS B 375 -26.21 -15.16 -23.84
CA HIS B 375 -26.24 -16.44 -23.14
C HIS B 375 -27.46 -16.50 -22.21
N LEU C 24 -4.58 25.20 -24.93
CA LEU C 24 -4.94 24.80 -23.54
C LEU C 24 -3.67 24.43 -22.77
N ILE C 25 -3.52 24.97 -21.55
CA ILE C 25 -2.39 24.63 -20.70
C ILE C 25 -2.91 23.87 -19.48
N TYR C 26 -2.17 22.84 -19.09
CA TYR C 26 -2.34 22.12 -17.85
C TYR C 26 -2.92 23.00 -16.73
N GLY C 27 -2.19 24.04 -16.33
CA GLY C 27 -2.59 24.86 -15.19
C GLY C 27 -4.01 25.41 -15.36
N ASN C 28 -4.39 25.69 -16.61
CA ASN C 28 -5.68 26.32 -16.88
C ASN C 28 -6.76 25.23 -17.01
N TYR C 29 -6.36 24.06 -17.53
CA TYR C 29 -7.25 22.93 -17.65
C TYR C 29 -7.68 22.49 -16.26
N LEU C 30 -6.73 22.56 -15.33
CA LEU C 30 -6.93 22.05 -13.99
C LEU C 30 -7.30 23.17 -13.01
N HIS C 31 -7.52 24.38 -13.51
CA HIS C 31 -7.92 25.48 -12.66
C HIS C 31 -7.08 25.48 -11.38
N LEU C 32 -5.78 25.40 -11.58
CA LEU C 32 -4.84 25.36 -10.48
C LEU C 32 -4.74 26.73 -9.83
N GLU C 33 -5.17 27.77 -10.55
CA GLU C 33 -5.26 29.11 -10.00
C GLU C 33 -6.15 29.08 -8.77
N LYS C 34 -7.07 28.11 -8.75
CA LYS C 34 -7.98 27.91 -7.64
C LYS C 34 -7.39 26.89 -6.68
N VAL C 35 -6.95 25.77 -7.23
CA VAL C 35 -6.56 24.64 -6.43
C VAL C 35 -5.34 25.01 -5.61
N LEU C 36 -4.39 25.67 -6.24
CA LEU C 36 -3.13 25.93 -5.59
C LEU C 36 -3.11 27.34 -5.02
N ASN C 37 -4.30 27.93 -4.87
CA ASN C 37 -4.44 29.18 -4.13
C ASN C 37 -5.57 29.01 -3.12
N ALA C 38 -5.60 27.85 -2.46
CA ALA C 38 -6.69 27.54 -1.55
C ALA C 38 -6.14 27.15 -0.18
N GLN C 39 -4.86 27.44 0.03
CA GLN C 39 -4.20 27.07 1.27
C GLN C 39 -4.02 28.34 2.10
N GLU C 40 -4.80 28.47 3.18
CA GLU C 40 -4.69 29.62 4.07
C GLU C 40 -4.50 29.14 5.50
N LEU C 41 -3.25 29.19 5.99
CA LEU C 41 -2.96 28.74 7.33
C LEU C 41 -3.52 29.75 8.31
N GLN C 42 -4.49 29.33 9.11
CA GLN C 42 -5.11 30.26 10.05
C GLN C 42 -4.09 30.71 11.09
N SER C 43 -3.15 29.82 11.41
CA SER C 43 -2.04 30.17 12.29
C SER C 43 -1.31 31.40 11.76
N GLU C 44 -1.13 31.43 10.45
CA GLU C 44 -0.45 32.54 9.79
C GLU C 44 -1.36 33.75 9.73
N THR C 45 -2.65 33.51 9.44
CA THR C 45 -3.64 34.55 9.38
C THR C 45 -3.71 35.27 10.72
N LYS C 46 -3.25 34.59 11.80
CA LYS C 46 -3.31 35.16 13.14
C LYS C 46 -1.91 35.44 13.68
N GLY C 47 -0.88 35.38 12.84
CA GLY C 47 0.41 35.95 13.17
C GLY C 47 1.44 34.88 13.53
N ASN C 48 0.98 33.70 13.97
CA ASN C 48 1.87 32.66 14.44
C ASN C 48 1.78 31.44 13.52
N LYS C 49 2.41 31.52 12.34
CA LYS C 49 2.31 30.44 11.37
C LYS C 49 2.93 29.15 11.93
N ILE C 50 2.17 28.05 11.85
CA ILE C 50 2.66 26.75 12.25
C ILE C 50 2.76 25.88 11.00
N HIS C 51 3.92 25.22 10.86
CA HIS C 51 4.32 24.59 9.61
C HIS C 51 3.39 23.42 9.30
N ASP C 52 3.06 22.63 10.32
CA ASP C 52 2.36 21.37 10.05
C ASP C 52 0.91 21.65 9.66
N GLU C 53 0.47 22.91 9.78
CA GLU C 53 -0.91 23.24 9.47
C GLU C 53 -1.12 23.09 7.98
N HIS C 54 -0.05 23.29 7.22
CA HIS C 54 -0.13 23.17 5.77
C HIS C 54 -0.60 21.77 5.42
N LEU C 55 0.05 20.78 6.04
CA LEU C 55 -0.25 19.37 5.79
C LEU C 55 -1.72 19.11 6.07
N PHE C 56 -2.18 19.58 7.23
CA PHE C 56 -3.55 19.39 7.67
C PHE C 56 -4.50 19.83 6.58
N ILE C 57 -4.21 20.99 6.00
CA ILE C 57 -5.09 21.58 5.00
C ILE C 57 -5.08 20.73 3.74
N ILE C 58 -3.88 20.43 3.28
CA ILE C 58 -3.72 19.72 2.03
C ILE C 58 -4.40 18.36 2.13
N THR C 59 -4.17 17.67 3.25
CA THR C 59 -4.69 16.32 3.39
C THR C 59 -6.20 16.35 3.19
N HIS C 60 -6.85 17.27 3.89
CA HIS C 60 -8.29 17.40 3.86
C HIS C 60 -8.74 17.75 2.46
N GLN C 61 -7.99 18.61 1.80
CA GLN C 61 -8.38 19.06 0.48
C GLN C 61 -8.33 17.88 -0.48
N ALA C 62 -7.33 17.03 -0.30
CA ALA C 62 -7.19 15.87 -1.16
C ALA C 62 -8.36 14.93 -0.91
N TYR C 63 -8.69 14.73 0.36
CA TYR C 63 -9.81 13.86 0.68
C TYR C 63 -11.03 14.37 -0.05
N GLU C 64 -11.21 15.68 -0.01
CA GLU C 64 -12.41 16.30 -0.56
C GLU C 64 -12.42 16.13 -2.08
N LEU C 65 -11.26 16.25 -2.69
CA LEU C 65 -11.21 16.02 -4.11
C LEU C 65 -11.69 14.60 -4.41
N TRP C 66 -11.20 13.65 -3.64
CA TRP C 66 -11.49 12.26 -3.94
C TRP C 66 -12.95 11.93 -3.66
N PHE C 67 -13.51 12.59 -2.63
CA PHE C 67 -14.91 12.41 -2.31
C PHE C 67 -15.73 12.86 -3.51
N LYS C 68 -15.33 13.97 -4.10
CA LYS C 68 -16.05 14.53 -5.23
C LYS C 68 -16.04 13.51 -6.35
N GLN C 69 -14.90 12.82 -6.51
CA GLN C 69 -14.76 11.85 -7.58
C GLN C 69 -15.63 10.63 -7.28
N ILE C 70 -15.70 10.27 -6.00
CA ILE C 70 -16.52 9.12 -5.64
C ILE C 70 -17.97 9.48 -5.91
N LEU C 71 -18.38 10.68 -5.48
CA LEU C 71 -19.73 11.13 -5.73
C LEU C 71 -20.00 11.12 -7.23
N TRP C 72 -19.00 11.54 -8.00
CA TRP C 72 -19.11 11.54 -9.44
C TRP C 72 -19.47 10.14 -9.93
N GLU C 73 -18.73 9.15 -9.44
CA GLU C 73 -18.88 7.78 -9.92
C GLU C 73 -20.22 7.25 -9.43
N LEU C 74 -20.49 7.48 -8.15
CA LEU C 74 -21.68 6.95 -7.51
C LEU C 74 -22.95 7.47 -8.16
N ASP C 75 -23.00 8.79 -8.33
CA ASP C 75 -24.13 9.45 -8.94
C ASP C 75 -24.37 8.88 -10.33
N SER C 76 -23.28 8.59 -11.04
CA SER C 76 -23.39 8.06 -12.38
C SER C 76 -24.04 6.68 -12.33
N VAL C 77 -23.64 5.87 -11.35
CA VAL C 77 -24.13 4.51 -11.20
C VAL C 77 -25.60 4.56 -10.80
N ARG C 78 -25.90 5.45 -9.85
CA ARG C 78 -27.29 5.64 -9.43
C ARG C 78 -28.16 5.97 -10.65
N GLU C 79 -27.67 6.88 -11.49
CA GLU C 79 -28.41 7.29 -12.67
C GLU C 79 -28.67 6.08 -13.57
N ILE C 80 -27.67 5.21 -13.75
CA ILE C 80 -27.80 4.05 -14.61
C ILE C 80 -28.92 3.14 -14.12
N PHE C 81 -29.02 3.05 -12.80
CA PHE C 81 -30.07 2.26 -12.18
C PHE C 81 -31.43 2.95 -12.36
N GLN C 82 -31.47 4.24 -12.04
CA GLN C 82 -32.71 5.01 -12.02
C GLN C 82 -33.29 5.12 -13.42
N ASN C 83 -32.44 5.30 -14.44
CA ASN C 83 -32.92 5.52 -15.80
C ASN C 83 -33.17 4.16 -16.46
N GLY C 84 -32.92 3.08 -15.71
CA GLY C 84 -33.26 1.73 -16.15
C GLY C 84 -32.28 1.21 -17.21
N HIS C 85 -31.10 1.82 -17.29
CA HIS C 85 -30.09 1.37 -18.24
C HIS C 85 -29.53 0.03 -17.78
N VAL C 86 -29.55 -0.18 -16.46
CA VAL C 86 -29.05 -1.40 -15.87
C VAL C 86 -29.79 -2.62 -16.41
N ARG C 87 -31.02 -2.41 -16.90
CA ARG C 87 -31.81 -3.47 -17.52
C ARG C 87 -31.06 -4.08 -18.69
N ASP C 88 -30.43 -3.20 -19.50
CA ASP C 88 -29.55 -3.67 -20.56
C ASP C 88 -28.25 -4.14 -19.91
N GLU C 89 -28.04 -5.45 -19.87
CA GLU C 89 -26.92 -6.01 -19.13
C GLU C 89 -25.57 -5.72 -19.78
N ARG C 90 -25.55 -4.94 -20.87
CA ARG C 90 -24.30 -4.47 -21.45
C ARG C 90 -23.69 -3.43 -20.51
N ASN C 91 -24.55 -2.77 -19.74
CA ASN C 91 -24.10 -1.68 -18.90
C ASN C 91 -23.54 -2.21 -17.60
N MET C 92 -23.45 -3.54 -17.45
CA MET C 92 -23.00 -4.11 -16.20
C MET C 92 -21.50 -3.92 -16.04
N LEU C 93 -20.76 -3.97 -17.15
CA LEU C 93 -19.33 -3.75 -17.11
C LEU C 93 -19.08 -2.35 -16.56
N LYS C 94 -19.76 -1.36 -17.14
CA LYS C 94 -19.62 0.02 -16.72
C LYS C 94 -19.90 0.16 -15.22
N VAL C 95 -20.95 -0.53 -14.74
CA VAL C 95 -21.39 -0.39 -13.37
C VAL C 95 -20.33 -0.94 -12.42
N VAL C 96 -19.92 -2.18 -12.67
CA VAL C 96 -18.93 -2.80 -11.82
C VAL C 96 -17.60 -2.05 -11.90
N SER C 97 -17.26 -1.51 -13.07
CA SER C 97 -16.01 -0.79 -13.23
C SER C 97 -15.99 0.43 -12.33
N ARG C 98 -17.11 1.16 -12.34
CA ARG C 98 -17.15 2.41 -11.63
C ARG C 98 -17.26 2.15 -10.14
N MET C 99 -17.89 1.03 -9.76
CA MET C 99 -18.01 0.66 -8.36
C MET C 99 -16.66 0.20 -7.81
N HIS C 100 -15.92 -0.53 -8.65
CA HIS C 100 -14.61 -0.99 -8.24
C HIS C 100 -13.69 0.22 -8.10
N ARG C 101 -13.90 1.19 -8.98
CA ARG C 101 -13.08 2.38 -8.95
C ARG C 101 -13.28 3.08 -7.62
N VAL C 102 -14.53 3.11 -7.16
CA VAL C 102 -14.79 3.74 -5.88
C VAL C 102 -13.97 3.02 -4.81
N SER C 103 -13.96 1.69 -4.88
CA SER C 103 -13.33 0.91 -3.84
C SER C 103 -11.85 1.21 -3.87
N VAL C 104 -11.34 1.50 -5.06
CA VAL C 104 -9.92 1.73 -5.22
C VAL C 104 -9.54 3.10 -4.66
N ILE C 105 -10.43 4.07 -4.85
CA ILE C 105 -10.18 5.38 -4.31
C ILE C 105 -10.20 5.28 -2.80
N LEU C 106 -11.15 4.50 -2.29
CA LEU C 106 -11.30 4.39 -0.85
C LEU C 106 -10.07 3.72 -0.25
N LYS C 107 -9.50 2.75 -0.97
CA LYS C 107 -8.34 2.05 -0.47
C LYS C 107 -7.22 3.06 -0.29
N LEU C 108 -7.19 4.05 -1.17
CA LEU C 108 -6.14 5.06 -1.18
C LEU C 108 -6.39 6.03 -0.04
N LEU C 109 -7.66 6.39 0.13
CA LEU C 109 -8.04 7.35 1.16
C LEU C 109 -7.74 6.79 2.53
N VAL C 110 -7.75 5.47 2.64
CA VAL C 110 -7.39 4.84 3.88
C VAL C 110 -5.88 4.97 4.07
N GLN C 111 -5.12 4.80 2.99
CA GLN C 111 -3.68 4.85 3.11
C GLN C 111 -3.24 6.28 3.36
N GLN C 112 -4.08 7.22 2.93
CA GLN C 112 -3.72 8.62 2.99
C GLN C 112 -3.60 9.07 4.44
N PHE C 113 -4.15 8.31 5.38
CA PHE C 113 -4.01 8.71 6.76
C PHE C 113 -2.55 8.61 7.19
N SER C 114 -1.81 7.72 6.54
CA SER C 114 -0.42 7.53 6.86
C SER C 114 0.32 8.86 6.77
N ILE C 115 -0.19 9.74 5.89
CA ILE C 115 0.46 11.01 5.64
C ILE C 115 0.28 11.91 6.85
N LEU C 116 -0.94 11.92 7.38
CA LEU C 116 -1.22 12.84 8.48
C LEU C 116 -0.65 12.28 9.78
N GLU C 117 -0.37 10.99 9.80
CA GLU C 117 0.27 10.39 10.95
C GLU C 117 1.71 10.87 11.05
N THR C 118 2.20 11.60 10.06
CA THR C 118 3.55 12.11 10.14
C THR C 118 3.56 13.33 11.04
N MET C 119 2.38 13.91 11.26
CA MET C 119 2.22 15.05 12.17
C MET C 119 2.07 14.53 13.59
N THR C 120 2.89 15.01 14.53
CA THR C 120 2.77 14.56 15.92
C THR C 120 1.64 15.35 16.58
N ALA C 121 1.06 14.78 17.63
CA ALA C 121 0.02 15.49 18.35
C ALA C 121 0.59 16.78 18.92
N LEU C 122 1.84 16.71 19.40
CA LEU C 122 2.51 17.83 20.01
C LEU C 122 2.53 19.02 19.03
N ASP C 123 2.68 18.70 17.74
CA ASP C 123 2.84 19.73 16.73
C ASP C 123 1.47 20.21 16.28
N PHE C 124 0.47 19.34 16.30
CA PHE C 124 -0.88 19.71 15.91
C PHE C 124 -1.46 20.63 16.96
N ASN C 125 -1.08 20.34 18.22
CA ASN C 125 -1.48 21.15 19.35
C ASN C 125 -1.11 22.60 19.10
N ASP C 126 -0.02 22.84 18.37
CA ASP C 126 0.47 24.19 18.18
C ASP C 126 -0.43 24.99 17.24
N PHE C 127 -1.45 24.38 16.65
CA PHE C 127 -2.36 25.16 15.83
C PHE C 127 -3.82 24.74 16.00
N ARG C 128 -4.07 23.71 16.81
CA ARG C 128 -5.41 23.17 16.95
C ARG C 128 -6.39 24.27 17.32
N GLU C 129 -5.90 25.29 18.08
CA GLU C 129 -6.76 26.34 18.57
C GLU C 129 -7.32 27.19 17.43
N TYR C 130 -6.49 27.46 16.42
CA TYR C 130 -6.89 28.35 15.35
C TYR C 130 -7.92 27.65 14.46
N LEU C 131 -8.24 26.40 14.77
CA LEU C 131 -9.23 25.65 14.00
C LEU C 131 -10.61 25.80 14.63
N SER C 132 -10.67 25.80 15.98
CA SER C 132 -11.90 25.98 16.70
C SER C 132 -12.76 27.05 16.04
N PRO C 133 -14.05 26.75 15.77
CA PRO C 133 -14.69 25.52 16.24
C PRO C 133 -14.91 24.45 15.17
N ALA C 134 -14.03 24.41 14.15
CA ALA C 134 -14.26 23.66 12.93
C ALA C 134 -14.10 22.17 13.18
N SER C 135 -14.68 21.35 12.28
CA SER C 135 -14.59 19.91 12.44
C SER C 135 -14.76 19.18 11.12
N GLY C 136 -14.17 17.98 11.06
CA GLY C 136 -14.32 17.10 9.91
C GLY C 136 -15.77 16.73 9.70
N PHE C 137 -16.53 16.79 10.80
CA PHE C 137 -17.96 16.52 10.79
C PHE C 137 -18.64 17.32 9.69
N GLN C 138 -18.07 18.50 9.38
CA GLN C 138 -18.72 19.44 8.49
C GLN C 138 -18.33 19.17 7.05
N SER C 139 -17.90 17.93 6.76
CA SER C 139 -17.69 17.53 5.39
C SER C 139 -19.03 17.25 4.75
N LEU C 140 -19.49 18.20 3.92
CA LEU C 140 -20.74 18.02 3.20
C LEU C 140 -20.66 16.76 2.36
N GLN C 141 -19.53 16.59 1.69
CA GLN C 141 -19.38 15.52 0.74
C GLN C 141 -19.48 14.18 1.46
N PHE C 142 -18.83 14.07 2.62
CA PHE C 142 -18.83 12.79 3.31
C PHE C 142 -20.27 12.41 3.63
N ARG C 143 -21.06 13.40 4.03
CA ARG C 143 -22.45 13.13 4.38
C ARG C 143 -23.22 12.74 3.13
N LEU C 144 -23.05 13.52 2.06
CA LEU C 144 -23.69 13.21 0.79
C LEU C 144 -23.34 11.78 0.37
N LEU C 145 -22.12 11.37 0.69
CA LEU C 145 -21.65 10.04 0.32
C LEU C 145 -22.37 9.00 1.17
N GLU C 146 -22.35 9.20 2.48
CA GLU C 146 -23.03 8.28 3.38
C GLU C 146 -24.48 8.12 2.93
N ASN C 147 -25.09 9.25 2.55
CA ASN C 147 -26.51 9.29 2.22
C ASN C 147 -26.74 8.55 0.91
N LYS C 148 -25.90 8.81 -0.08
CA LYS C 148 -26.13 8.30 -1.42
C LYS C 148 -26.00 6.78 -1.44
N ILE C 149 -25.20 6.22 -0.52
CA ILE C 149 -25.02 4.79 -0.45
C ILE C 149 -26.25 4.17 0.18
N GLY C 150 -26.67 4.71 1.34
CA GLY C 150 -27.88 4.24 1.99
C GLY C 150 -27.85 4.33 3.52
N VAL C 151 -26.85 5.00 4.11
CA VAL C 151 -26.86 5.20 5.56
C VAL C 151 -28.14 5.97 5.91
N LEU C 152 -28.93 5.46 6.87
CA LEU C 152 -30.19 6.09 7.21
C LEU C 152 -30.09 6.80 8.55
N GLN C 153 -30.61 8.04 8.62
CA GLN C 153 -30.54 8.86 9.82
C GLN C 153 -31.20 8.15 11.00
N ASN C 154 -32.25 7.37 10.73
CA ASN C 154 -32.94 6.61 11.77
C ASN C 154 -31.95 5.72 12.52
N MET C 155 -30.96 5.14 11.82
CA MET C 155 -30.00 4.26 12.47
C MET C 155 -28.68 4.98 12.73
N ARG C 156 -28.61 6.28 12.47
CA ARG C 156 -27.40 7.04 12.68
C ARG C 156 -27.26 7.45 14.15
N VAL C 157 -26.09 7.18 14.72
CA VAL C 157 -25.77 7.51 16.11
C VAL C 157 -25.84 9.03 16.29
N PRO C 158 -26.63 9.55 17.24
CA PRO C 158 -26.64 10.99 17.52
C PRO C 158 -25.37 11.41 18.26
N TYR C 159 -24.79 12.56 17.89
CA TYR C 159 -23.58 13.03 18.55
C TYR C 159 -23.96 14.19 19.46
N ASN C 160 -23.70 14.05 20.76
CA ASN C 160 -24.04 15.08 21.73
C ASN C 160 -25.51 15.46 21.56
N ARG C 161 -26.38 14.45 21.44
CA ARG C 161 -27.82 14.63 21.33
C ARG C 161 -28.19 15.45 20.09
N ARG C 162 -27.35 15.41 19.05
CA ARG C 162 -27.55 16.18 17.84
C ARG C 162 -27.32 15.26 16.64
N TYR C 164 -27.35 15.64 12.53
CA TYR C 164 -26.08 15.95 11.83
C TYR C 164 -26.29 17.16 10.92
N ARG C 165 -27.48 17.24 10.29
CA ARG C 165 -27.77 18.27 9.32
C ARG C 165 -27.89 19.64 9.97
N ASP C 166 -28.15 19.65 11.27
CA ASP C 166 -28.29 20.87 12.06
C ASP C 166 -27.11 21.82 11.86
N ASN C 167 -25.90 21.25 11.66
CA ASN C 167 -24.69 22.05 11.55
C ASN C 167 -24.57 22.64 10.15
N PHE C 168 -25.36 22.13 9.20
CA PHE C 168 -25.29 22.56 7.82
C PHE C 168 -26.48 23.48 7.53
N LYS C 169 -26.23 24.57 6.79
CA LYS C 169 -27.24 25.55 6.45
C LYS C 169 -27.07 26.00 5.00
N GLY C 170 -28.21 26.39 4.39
CA GLY C 170 -28.23 26.94 3.04
C GLY C 170 -28.40 25.84 2.01
N GLU C 171 -27.91 26.11 0.79
CA GLU C 171 -27.92 25.16 -0.31
C GLU C 171 -27.42 23.80 0.20
N GLU C 172 -26.42 23.84 1.08
CA GLU C 172 -25.87 22.65 1.71
C GLU C 172 -26.99 21.83 2.33
N ASN C 173 -27.78 22.44 3.23
CA ASN C 173 -28.85 21.74 3.88
C ASN C 173 -29.83 21.22 2.82
N GLU C 174 -30.04 22.03 1.78
CA GLU C 174 -30.96 21.70 0.70
C GLU C 174 -30.50 20.42 -0.02
N LEU C 175 -29.23 20.42 -0.43
CA LEU C 175 -28.62 19.30 -1.12
C LEU C 175 -28.64 18.07 -0.22
N LEU C 176 -28.29 18.25 1.05
CA LEU C 176 -28.25 17.17 2.01
C LEU C 176 -29.59 16.47 2.06
N LEU C 177 -30.67 17.24 1.89
CA LEU C 177 -32.02 16.71 1.95
C LEU C 177 -32.29 15.89 0.69
N LYS C 178 -32.00 16.51 -0.47
CA LYS C 178 -32.16 15.82 -1.74
C LYS C 178 -31.46 14.47 -1.66
N SER C 179 -30.27 14.46 -1.07
CA SER C 179 -29.44 13.27 -0.96
C SER C 179 -30.19 12.19 -0.17
N GLU C 180 -30.88 12.62 0.90
CA GLU C 180 -31.62 11.72 1.78
C GLU C 180 -32.88 11.23 1.07
N GLN C 181 -33.50 12.09 0.26
CA GLN C 181 -34.81 11.84 -0.33
C GLN C 181 -34.71 11.13 -1.68
N GLU C 182 -33.77 11.54 -2.54
CA GLU C 182 -33.52 10.85 -3.78
C GLU C 182 -33.15 9.39 -3.47
N LYS C 183 -33.28 8.54 -4.49
CA LYS C 183 -33.05 7.12 -4.33
C LYS C 183 -31.59 6.87 -3.95
N THR C 184 -31.39 5.98 -2.99
CA THR C 184 -30.05 5.59 -2.61
C THR C 184 -29.63 4.40 -3.45
N LEU C 185 -28.33 4.09 -3.40
CA LEU C 185 -27.78 2.95 -4.10
C LEU C 185 -28.47 1.68 -3.61
N LEU C 186 -28.61 1.56 -2.29
CA LEU C 186 -29.29 0.43 -1.70
C LEU C 186 -30.66 0.28 -2.33
N GLU C 187 -31.45 1.35 -2.34
CA GLU C 187 -32.82 1.32 -2.84
C GLU C 187 -32.80 0.85 -4.29
N LEU C 188 -31.85 1.38 -5.05
CA LEU C 188 -31.77 1.12 -6.48
C LEU C 188 -31.31 -0.30 -6.76
N VAL C 189 -30.36 -0.78 -5.95
CA VAL C 189 -29.87 -2.14 -6.04
C VAL C 189 -30.97 -3.10 -5.61
N GLU C 190 -31.70 -2.72 -4.56
CA GLU C 190 -32.84 -3.50 -4.10
C GLU C 190 -33.80 -3.72 -5.26
N ALA C 191 -34.17 -2.63 -5.94
CA ALA C 191 -35.12 -2.68 -7.04
C ALA C 191 -34.67 -3.71 -8.07
N TRP C 192 -33.40 -3.57 -8.46
CA TRP C 192 -32.80 -4.44 -9.45
C TRP C 192 -32.71 -5.86 -8.94
N LEU C 193 -32.37 -6.02 -7.65
CA LEU C 193 -32.24 -7.34 -7.05
C LEU C 193 -33.59 -8.06 -7.05
N GLU C 194 -34.66 -7.27 -6.91
CA GLU C 194 -36.00 -7.81 -6.86
C GLU C 194 -36.37 -8.39 -8.22
N ARG C 195 -35.82 -7.80 -9.30
CA ARG C 195 -36.13 -8.25 -10.64
C ARG C 195 -35.18 -9.35 -11.09
N THR C 196 -34.38 -9.89 -10.15
CA THR C 196 -33.39 -10.91 -10.48
C THR C 196 -34.13 -12.12 -11.03
N PRO C 197 -33.72 -12.65 -12.21
CA PRO C 197 -34.43 -13.79 -12.82
C PRO C 197 -34.23 -15.09 -12.05
N GLY C 198 -35.26 -15.94 -12.11
CA GLY C 198 -35.24 -17.22 -11.43
C GLY C 198 -36.06 -17.21 -10.14
N LEU C 199 -36.52 -16.02 -9.70
CA LEU C 199 -37.34 -15.94 -8.50
C LEU C 199 -38.80 -16.26 -8.83
N GLU C 200 -39.20 -15.94 -10.07
CA GLU C 200 -40.57 -16.13 -10.52
C GLU C 200 -41.01 -17.54 -10.13
N PRO C 201 -42.11 -17.69 -9.34
CA PRO C 201 -42.61 -19.00 -8.93
C PRO C 201 -43.06 -19.85 -10.11
N HIS C 202 -43.65 -19.18 -11.12
CA HIS C 202 -44.02 -19.82 -12.37
C HIS C 202 -42.78 -20.29 -13.14
N GLY C 203 -41.62 -19.70 -12.81
CA GLY C 203 -40.35 -20.07 -13.44
C GLY C 203 -39.55 -21.06 -12.58
N PHE C 204 -38.27 -20.72 -12.32
CA PHE C 204 -37.36 -21.60 -11.61
C PHE C 204 -37.80 -21.77 -10.15
N ASN C 205 -38.54 -20.80 -9.62
CA ASN C 205 -39.06 -20.87 -8.26
C ASN C 205 -37.93 -21.27 -7.30
N PHE C 206 -36.87 -20.45 -7.29
CA PHE C 206 -35.65 -20.77 -6.58
C PHE C 206 -35.99 -21.01 -5.11
N TRP C 207 -36.79 -20.10 -4.56
CA TRP C 207 -37.04 -20.05 -3.13
C TRP C 207 -37.72 -21.34 -2.67
N GLY C 208 -38.73 -21.76 -3.45
CA GLY C 208 -39.43 -23.00 -3.14
C GLY C 208 -38.48 -24.19 -3.18
N LYS C 209 -37.73 -24.32 -4.30
CA LYS C 209 -36.83 -25.43 -4.49
C LYS C 209 -35.86 -25.47 -3.32
N LEU C 210 -35.44 -24.27 -2.88
CA LEU C 210 -34.43 -24.15 -1.85
C LEU C 210 -34.98 -24.66 -0.52
N GLU C 211 -36.13 -24.12 -0.11
CA GLU C 211 -36.76 -24.50 1.14
C GLU C 211 -36.88 -26.02 1.18
N LYS C 212 -37.43 -26.58 0.09
CA LYS C 212 -37.63 -28.02 0.00
C LYS C 212 -36.29 -28.73 0.17
N ASN C 213 -35.31 -28.38 -0.68
CA ASN C 213 -34.06 -29.12 -0.74
C ASN C 213 -33.34 -29.02 0.61
N ILE C 214 -33.51 -27.88 1.30
CA ILE C 214 -32.88 -27.71 2.60
C ILE C 214 -33.61 -28.57 3.63
N THR C 215 -34.93 -28.42 3.70
CA THR C 215 -35.70 -29.18 4.67
C THR C 215 -35.37 -30.67 4.51
N ARG C 216 -35.36 -31.12 3.25
CA ARG C 216 -35.10 -32.52 2.95
C ARG C 216 -33.71 -32.89 3.44
N GLY C 217 -32.70 -32.15 2.97
CA GLY C 217 -31.32 -32.42 3.34
C GLY C 217 -31.14 -32.39 4.85
N LEU C 218 -31.79 -31.43 5.52
CA LEU C 218 -31.78 -31.30 6.96
C LEU C 218 -32.24 -32.60 7.60
N GLU C 219 -33.43 -33.04 7.24
CA GLU C 219 -34.00 -34.26 7.79
C GLU C 219 -33.03 -35.42 7.53
N GLU C 220 -32.50 -35.51 6.30
CA GLU C 220 -31.59 -36.59 5.93
C GLU C 220 -30.38 -36.59 6.87
N GLU C 221 -29.89 -35.39 7.18
CA GLU C 221 -28.74 -35.23 8.06
C GLU C 221 -29.14 -35.57 9.49
N PHE C 222 -30.34 -35.14 9.87
CA PHE C 222 -30.88 -35.34 11.19
C PHE C 222 -31.04 -36.85 11.42
N ILE C 223 -30.96 -37.66 10.35
CA ILE C 223 -30.90 -39.12 10.51
C ILE C 223 -29.42 -39.55 10.48
N GLU C 232 -22.91 -37.99 24.05
CA GLU C 232 -21.50 -37.56 23.92
C GLU C 232 -21.38 -36.41 22.93
N GLU C 233 -20.25 -36.37 22.21
CA GLU C 233 -20.02 -35.43 21.13
C GLU C 233 -21.21 -35.42 20.17
N LYS C 234 -21.78 -36.58 19.86
CA LYS C 234 -23.07 -36.67 19.16
C LYS C 234 -24.08 -35.64 19.68
N GLU C 235 -24.33 -35.62 20.99
CA GLU C 235 -25.30 -34.70 21.57
C GLU C 235 -24.90 -33.26 21.25
N GLU C 236 -23.61 -32.94 21.39
CA GLU C 236 -23.09 -31.62 21.11
C GLU C 236 -23.44 -31.26 19.66
N GLN C 237 -23.13 -32.18 18.74
CA GLN C 237 -23.40 -31.97 17.32
C GLN C 237 -24.91 -31.79 17.11
N VAL C 238 -25.71 -32.63 17.76
CA VAL C 238 -27.17 -32.52 17.70
C VAL C 238 -27.60 -31.11 18.08
N ALA C 239 -27.11 -30.60 19.21
CA ALA C 239 -27.44 -29.26 19.67
C ALA C 239 -27.03 -28.22 18.63
N GLU C 240 -25.79 -28.29 18.17
CA GLU C 240 -25.32 -27.43 17.10
C GLU C 240 -26.26 -27.50 15.89
N PHE C 241 -26.62 -28.72 15.51
CA PHE C 241 -27.44 -28.93 14.34
C PHE C 241 -28.79 -28.25 14.50
N GLN C 242 -29.43 -28.35 15.67
CA GLN C 242 -30.69 -27.66 15.89
C GLN C 242 -30.50 -26.16 15.73
N LYS C 243 -29.38 -25.62 16.23
CA LYS C 243 -29.08 -24.20 16.08
C LYS C 243 -29.02 -23.85 14.59
N GLN C 244 -28.22 -24.62 13.85
CA GLN C 244 -28.07 -24.45 12.41
C GLN C 244 -29.45 -24.49 11.74
N LYS C 245 -30.24 -25.53 12.05
CA LYS C 245 -31.55 -25.71 11.46
C LYS C 245 -32.37 -24.42 11.64
N GLU C 246 -32.39 -23.88 12.86
CA GLU C 246 -33.15 -22.68 13.16
C GLU C 246 -32.75 -21.57 12.19
N VAL C 247 -31.45 -21.29 12.12
CA VAL C 247 -30.91 -20.25 11.27
C VAL C 247 -31.34 -20.48 9.82
N LEU C 248 -31.07 -21.70 9.33
CA LEU C 248 -31.32 -22.02 7.93
C LEU C 248 -32.78 -21.80 7.59
N LEU C 249 -33.68 -22.21 8.49
CA LEU C 249 -35.10 -22.10 8.22
C LEU C 249 -35.57 -20.67 8.48
N SER C 250 -34.87 -19.94 9.36
CA SER C 250 -35.14 -18.53 9.60
C SER C 250 -35.19 -17.77 8.28
N LEU C 251 -34.43 -18.24 7.30
CA LEU C 251 -34.39 -17.63 5.98
C LEU C 251 -35.79 -17.49 5.36
N PHE C 252 -36.72 -18.38 5.72
CA PHE C 252 -38.00 -18.41 5.04
C PHE C 252 -39.08 -17.77 5.92
N ASP C 253 -38.69 -17.07 6.99
CA ASP C 253 -39.65 -16.39 7.85
C ASP C 253 -39.83 -14.95 7.38
N GLU C 254 -40.73 -14.75 6.42
CA GLU C 254 -40.89 -13.47 5.77
C GLU C 254 -41.20 -12.39 6.80
N LYS C 255 -41.88 -12.79 7.86
CA LYS C 255 -42.34 -11.89 8.90
C LYS C 255 -41.16 -11.47 9.77
N ARG C 256 -40.31 -12.45 10.16
CA ARG C 256 -39.12 -12.14 10.92
C ARG C 256 -38.37 -11.01 10.20
N HIS C 257 -38.25 -11.20 8.87
CA HIS C 257 -37.52 -10.25 8.04
C HIS C 257 -38.17 -8.88 8.14
N GLU C 258 -39.48 -8.82 7.88
CA GLU C 258 -40.19 -7.56 7.87
C GLU C 258 -39.97 -6.85 9.21
N HIS C 259 -39.92 -7.62 10.30
CA HIS C 259 -39.73 -7.05 11.62
C HIS C 259 -38.34 -6.42 11.71
N LEU C 260 -37.33 -7.21 11.34
CA LEU C 260 -35.94 -6.77 11.38
C LEU C 260 -35.74 -5.57 10.48
N LEU C 261 -36.41 -5.61 9.32
CA LEU C 261 -36.36 -4.49 8.37
C LEU C 261 -36.84 -3.24 9.08
N SER C 262 -37.96 -3.36 9.80
CA SER C 262 -38.53 -2.25 10.53
C SER C 262 -37.54 -1.72 11.56
N LYS C 263 -36.94 -2.64 12.34
CA LYS C 263 -36.00 -2.26 13.37
C LYS C 263 -34.71 -1.77 12.72
N GLY C 264 -34.59 -1.97 11.40
CA GLY C 264 -33.46 -1.44 10.64
C GLY C 264 -32.26 -2.38 10.68
N GLU C 265 -32.38 -3.54 11.35
CA GLU C 265 -31.26 -4.46 11.47
C GLU C 265 -30.96 -5.13 10.14
N ARG C 266 -31.98 -5.23 9.27
CA ARG C 266 -31.77 -5.55 7.87
C ARG C 266 -32.29 -4.40 7.03
N ARG C 267 -31.90 -4.40 5.74
CA ARG C 267 -32.14 -3.24 4.90
C ARG C 267 -32.80 -3.60 3.57
N LEU C 268 -32.69 -4.87 3.17
CA LEU C 268 -33.14 -5.28 1.85
C LEU C 268 -34.51 -5.93 1.95
N SER C 269 -35.36 -5.67 0.95
CA SER C 269 -36.63 -6.35 0.82
C SER C 269 -36.38 -7.85 0.80
N TYR C 270 -37.38 -8.62 1.22
CA TYR C 270 -37.22 -10.06 1.26
C TYR C 270 -36.98 -10.57 -0.16
N ARG C 271 -37.62 -9.91 -1.15
CA ARG C 271 -37.47 -10.35 -2.52
C ARG C 271 -36.04 -10.07 -2.97
N ALA C 272 -35.54 -8.86 -2.67
CA ALA C 272 -34.18 -8.49 -3.01
C ALA C 272 -33.22 -9.51 -2.42
N LEU C 273 -33.47 -9.89 -1.16
CA LEU C 273 -32.62 -10.86 -0.49
C LEU C 273 -32.60 -12.17 -1.27
N GLN C 274 -33.75 -12.52 -1.87
CA GLN C 274 -33.85 -13.75 -2.65
C GLN C 274 -32.98 -13.65 -3.89
N GLY C 275 -33.05 -12.50 -4.57
CA GLY C 275 -32.28 -12.26 -5.78
C GLY C 275 -30.79 -12.35 -5.49
N ALA C 276 -30.37 -11.79 -4.36
CA ALA C 276 -28.96 -11.79 -3.98
C ALA C 276 -28.47 -13.22 -3.76
N LEU C 277 -29.28 -14.03 -3.10
CA LEU C 277 -28.86 -15.38 -2.79
C LEU C 277 -28.87 -16.22 -4.08
N MET C 278 -29.78 -15.87 -4.98
CA MET C 278 -29.81 -16.47 -6.31
C MET C 278 -28.43 -16.28 -6.94
N ILE C 279 -27.96 -15.02 -6.90
CA ILE C 279 -26.74 -14.64 -7.57
C ILE C 279 -25.57 -15.34 -6.90
N TYR C 280 -25.60 -15.40 -5.56
CA TYR C 280 -24.53 -16.04 -4.81
C TYR C 280 -24.38 -17.49 -5.25
N PHE C 281 -25.51 -18.18 -5.34
CA PHE C 281 -25.49 -19.62 -5.53
C PHE C 281 -25.23 -19.97 -6.99
N TYR C 282 -25.70 -19.13 -7.91
CA TYR C 282 -25.52 -19.40 -9.32
C TYR C 282 -24.57 -18.38 -9.96
N ARG C 283 -23.46 -18.07 -9.29
CA ARG C 283 -22.60 -16.97 -9.70
C ARG C 283 -21.87 -17.34 -10.99
N GLU C 284 -21.42 -18.61 -11.07
CA GLU C 284 -20.66 -19.08 -12.22
C GLU C 284 -21.52 -19.06 -13.48
N GLU C 285 -22.86 -19.05 -13.32
CA GLU C 285 -23.73 -18.95 -14.46
C GLU C 285 -23.48 -17.63 -15.17
N PRO C 286 -23.17 -17.65 -16.47
CA PRO C 286 -22.74 -16.45 -17.19
C PRO C 286 -23.54 -15.18 -16.91
N ARG C 287 -24.85 -15.28 -16.79
CA ARG C 287 -25.66 -14.09 -16.62
C ARG C 287 -25.48 -13.47 -15.25
N PHE C 288 -24.85 -14.21 -14.32
CA PHE C 288 -24.75 -13.81 -12.93
C PHE C 288 -23.31 -13.51 -12.51
N GLN C 289 -22.38 -13.55 -13.47
CA GLN C 289 -20.98 -13.44 -13.14
C GLN C 289 -20.62 -12.01 -12.75
N VAL C 290 -21.01 -11.03 -13.56
CA VAL C 290 -20.73 -9.64 -13.26
C VAL C 290 -21.65 -9.17 -12.14
N PRO C 291 -22.95 -9.54 -12.13
CA PRO C 291 -23.81 -9.20 -10.99
C PRO C 291 -23.23 -9.59 -9.64
N PHE C 292 -22.57 -10.76 -9.58
CA PHE C 292 -21.92 -11.19 -8.35
C PHE C 292 -20.76 -10.25 -8.02
N GLN C 293 -20.01 -9.86 -9.05
CA GLN C 293 -18.91 -8.95 -8.85
C GLN C 293 -19.41 -7.67 -8.20
N LEU C 294 -20.61 -7.23 -8.62
CA LEU C 294 -21.15 -6.01 -8.08
C LEU C 294 -21.37 -6.18 -6.58
N LEU C 295 -21.99 -7.29 -6.22
CA LEU C 295 -22.30 -7.57 -4.83
C LEU C 295 -21.02 -7.55 -4.02
N THR C 296 -19.97 -8.14 -4.60
CA THR C 296 -18.69 -8.21 -3.93
C THR C 296 -18.15 -6.80 -3.69
N SER C 297 -18.29 -5.95 -4.71
CA SER C 297 -17.77 -4.60 -4.62
C SER C 297 -18.61 -3.79 -3.64
N LEU C 298 -19.92 -4.01 -3.63
CA LEU C 298 -20.81 -3.31 -2.71
C LEU C 298 -20.37 -3.60 -1.28
N MET C 299 -20.06 -4.86 -1.00
CA MET C 299 -19.54 -5.22 0.31
C MET C 299 -18.16 -4.59 0.53
N ASP C 300 -17.34 -4.52 -0.51
CA ASP C 300 -16.02 -3.92 -0.37
C ASP C 300 -16.15 -2.45 0.00
N ILE C 301 -17.18 -1.78 -0.51
CA ILE C 301 -17.31 -0.35 -0.27
C ILE C 301 -17.71 -0.13 1.18
N ASP C 302 -18.59 -0.99 1.70
CA ASP C 302 -18.93 -0.95 3.10
C ASP C 302 -17.70 -1.16 3.96
N SER C 303 -16.94 -2.22 3.63
CA SER C 303 -15.75 -2.58 4.37
C SER C 303 -14.78 -1.40 4.42
N LEU C 304 -14.62 -0.74 3.29
CA LEU C 304 -13.61 0.28 3.16
C LEU C 304 -14.10 1.56 3.82
N MET C 305 -15.39 1.84 3.67
CA MET C 305 -15.97 3.01 4.27
C MET C 305 -15.80 2.91 5.77
N THR C 306 -15.90 1.69 6.30
CA THR C 306 -15.80 1.52 7.72
C THR C 306 -14.32 1.57 8.11
N LYS C 307 -13.44 1.09 7.23
CA LYS C 307 -12.02 1.16 7.52
C LYS C 307 -11.61 2.62 7.60
N TRP C 308 -12.21 3.45 6.74
CA TRP C 308 -11.92 4.87 6.76
C TRP C 308 -12.23 5.43 8.14
N ARG C 309 -13.44 5.09 8.63
CA ARG C 309 -13.90 5.60 9.90
C ARG C 309 -12.96 5.15 11.00
N TYR C 310 -12.57 3.87 10.96
CA TYR C 310 -11.69 3.30 11.96
C TYR C 310 -10.37 4.07 11.99
N ASN C 311 -9.75 4.26 10.83
CA ASN C 311 -8.44 4.88 10.78
C ASN C 311 -8.55 6.31 11.28
N HIS C 312 -9.68 6.94 10.94
CA HIS C 312 -9.92 8.30 11.38
C HIS C 312 -9.92 8.34 12.91
N VAL C 313 -10.68 7.44 13.53
CA VAL C 313 -10.77 7.33 14.97
C VAL C 313 -9.38 7.12 15.57
N CYS C 314 -8.64 6.11 15.07
CA CYS C 314 -7.37 5.77 15.71
C CYS C 314 -6.49 7.02 15.73
N MET C 315 -6.68 7.92 14.76
CA MET C 315 -5.88 9.13 14.69
C MET C 315 -6.38 10.18 15.67
N VAL C 316 -7.69 10.48 15.61
CA VAL C 316 -8.25 11.49 16.48
C VAL C 316 -7.87 11.18 17.94
N HIS C 317 -7.73 9.89 18.27
CA HIS C 317 -7.24 9.46 19.56
C HIS C 317 -5.80 9.93 19.75
N ARG C 318 -4.94 9.59 18.79
CA ARG C 318 -3.53 9.91 18.88
C ARG C 318 -3.35 11.43 18.91
N MET C 319 -4.37 12.17 18.48
CA MET C 319 -4.26 13.60 18.32
C MET C 319 -4.91 14.37 19.46
N LEU C 320 -6.10 13.93 19.89
CA LEU C 320 -6.87 14.66 20.89
C LEU C 320 -6.90 13.92 22.23
N GLY C 321 -6.38 12.68 22.28
CA GLY C 321 -6.55 11.84 23.47
C GLY C 321 -8.01 11.43 23.64
N SER C 322 -8.48 11.25 24.88
CA SER C 322 -9.90 11.04 25.17
C SER C 322 -10.36 12.10 26.19
N TYR C 332 -13.72 10.50 20.22
CA TYR C 332 -13.13 9.15 20.04
C TYR C 332 -14.24 8.10 20.19
N HIS C 333 -15.03 8.18 21.27
CA HIS C 333 -15.99 7.13 21.58
C HIS C 333 -17.18 7.20 20.63
N TYR C 334 -17.63 8.41 20.27
CA TYR C 334 -18.69 8.56 19.27
C TYR C 334 -18.25 7.89 17.98
N LEU C 335 -16.99 8.14 17.61
CA LEU C 335 -16.47 7.59 16.38
C LEU C 335 -16.33 6.06 16.51
N ARG C 336 -15.80 5.60 17.64
CA ARG C 336 -15.67 4.16 17.86
C ARG C 336 -17.04 3.49 17.67
N SER C 337 -18.10 4.29 17.80
CA SER C 337 -19.47 3.85 17.64
C SER C 337 -19.87 3.80 16.17
N THR C 338 -19.18 4.57 15.33
CA THR C 338 -19.43 4.58 13.89
C THR C 338 -18.94 3.28 13.25
N VAL C 339 -18.03 2.56 13.92
CA VAL C 339 -17.56 1.26 13.44
C VAL C 339 -18.38 0.17 14.14
N SER C 340 -19.64 0.00 13.72
CA SER C 340 -20.57 -0.82 14.51
C SER C 340 -21.50 -1.71 13.67
N ASP C 341 -21.27 -1.80 12.36
CA ASP C 341 -22.18 -2.52 11.48
C ASP C 341 -23.53 -1.80 11.40
N ARG C 342 -23.71 -0.73 12.18
CA ARG C 342 -24.91 0.08 12.11
C ARG C 342 -24.84 0.93 10.84
N TYR C 343 -23.62 1.11 10.34
CA TYR C 343 -23.36 1.92 9.18
C TYR C 343 -23.12 1.01 7.97
N LYS C 344 -23.24 -0.32 8.14
CA LYS C 344 -23.08 -1.23 7.01
C LYS C 344 -24.38 -1.31 6.23
N VAL C 345 -24.42 -0.66 5.05
CA VAL C 345 -25.63 -0.56 4.24
C VAL C 345 -25.94 -1.90 3.57
N PHE C 346 -24.89 -2.61 3.15
CA PHE C 346 -25.09 -3.90 2.49
C PHE C 346 -24.75 -5.01 3.47
N VAL C 347 -25.14 -4.80 4.72
CA VAL C 347 -24.86 -5.77 5.76
C VAL C 347 -25.53 -7.09 5.40
N ASP C 348 -26.67 -7.00 4.69
CA ASP C 348 -27.44 -8.16 4.28
C ASP C 348 -26.56 -9.10 3.44
N LEU C 349 -25.71 -8.51 2.59
CA LEU C 349 -24.86 -9.25 1.69
C LEU C 349 -23.78 -9.97 2.50
N PHE C 350 -23.31 -9.31 3.57
CA PHE C 350 -22.28 -9.91 4.40
C PHE C 350 -22.87 -11.10 5.14
N ASN C 351 -24.16 -11.02 5.46
CA ASN C 351 -24.75 -11.98 6.37
C ASN C 351 -25.28 -13.19 5.60
N LEU C 352 -25.29 -13.11 4.28
CA LEU C 352 -25.67 -14.27 3.49
C LEU C 352 -24.67 -15.41 3.68
N SER C 353 -23.49 -15.10 4.23
CA SER C 353 -22.50 -16.10 4.59
C SER C 353 -22.97 -17.02 5.71
N THR C 354 -23.90 -16.55 6.54
CA THR C 354 -24.39 -17.37 7.64
C THR C 354 -25.22 -18.53 7.09
N TYR C 355 -25.93 -18.29 5.98
CA TYR C 355 -26.87 -19.25 5.44
C TYR C 355 -26.22 -20.04 4.30
N LEU C 356 -25.04 -20.60 4.57
CA LEU C 356 -24.36 -21.42 3.58
C LEU C 356 -24.69 -22.87 3.83
N ILE C 357 -25.00 -23.57 2.74
CA ILE C 357 -25.46 -24.95 2.75
C ILE C 357 -24.50 -25.80 1.93
N PRO C 358 -24.46 -27.14 2.12
CA PRO C 358 -23.72 -28.02 1.22
C PRO C 358 -24.16 -27.77 -0.22
N ARG C 359 -23.18 -27.82 -1.14
CA ARG C 359 -23.40 -27.62 -2.56
C ARG C 359 -24.48 -28.55 -3.09
N HIS C 360 -24.45 -29.80 -2.61
CA HIS C 360 -25.37 -30.86 -3.00
C HIS C 360 -26.82 -30.41 -2.87
N TRP C 361 -27.05 -29.53 -1.89
CA TRP C 361 -28.40 -29.12 -1.53
C TRP C 361 -28.90 -28.01 -2.45
N ILE C 362 -28.01 -27.40 -3.23
CA ILE C 362 -28.39 -26.22 -3.98
C ILE C 362 -29.21 -26.66 -5.20
N PRO C 363 -30.41 -26.08 -5.41
CA PRO C 363 -31.23 -26.43 -6.56
C PRO C 363 -30.38 -26.43 -7.83
N LYS C 364 -30.62 -27.40 -8.71
CA LYS C 364 -29.81 -27.63 -9.89
C LYS C 364 -30.24 -26.68 -11.01
N MET C 365 -29.26 -26.28 -11.84
CA MET C 365 -29.54 -25.54 -13.05
C MET C 365 -30.14 -26.44 -14.14
N ASN C 366 -31.47 -26.40 -14.23
CA ASN C 366 -32.25 -27.24 -15.13
C ASN C 366 -31.92 -26.84 -16.56
N PRO C 367 -32.09 -27.74 -17.54
CA PRO C 367 -31.82 -27.43 -18.95
C PRO C 367 -32.36 -26.07 -19.33
N THR C 368 -33.64 -25.82 -18.98
CA THR C 368 -34.34 -24.62 -19.41
C THR C 368 -33.53 -23.39 -18.98
N ILE C 369 -33.16 -23.33 -17.69
CA ILE C 369 -32.45 -22.16 -17.19
C ILE C 369 -31.00 -22.18 -17.65
N HIS C 370 -30.42 -23.39 -17.80
CA HIS C 370 -29.12 -23.54 -18.44
C HIS C 370 -29.13 -22.81 -19.80
N LYS C 371 -30.29 -22.79 -20.45
CA LYS C 371 -30.50 -22.01 -21.67
C LYS C 371 -30.74 -20.54 -21.30
N PHE C 372 -31.58 -20.30 -20.28
CA PHE C 372 -31.97 -18.94 -19.93
C PHE C 372 -30.88 -18.38 -19.01
N LEU D 24 -15.55 29.81 12.12
CA LEU D 24 -14.91 29.28 10.90
C LEU D 24 -15.52 27.92 10.55
N ILE D 25 -15.90 27.73 9.29
CA ILE D 25 -16.46 26.47 8.83
C ILE D 25 -15.39 25.72 8.02
N TYR D 26 -15.33 24.40 8.21
CA TYR D 26 -14.50 23.50 7.41
C TYR D 26 -14.41 23.97 5.96
N GLY D 27 -15.56 24.03 5.27
CA GLY D 27 -15.59 24.37 3.85
C GLY D 27 -14.86 25.69 3.56
N ASN D 28 -14.92 26.63 4.51
CA ASN D 28 -14.36 27.95 4.32
C ASN D 28 -12.88 27.95 4.72
N TYR D 29 -12.52 27.12 5.70
CA TYR D 29 -11.15 26.95 6.14
C TYR D 29 -10.34 26.37 4.99
N LEU D 30 -10.99 25.46 4.26
CA LEU D 30 -10.31 24.71 3.21
C LEU D 30 -10.54 25.33 1.85
N HIS D 31 -11.17 26.50 1.79
CA HIS D 31 -11.37 27.19 0.53
C HIS D 31 -11.86 26.19 -0.51
N LEU D 32 -12.87 25.43 -0.14
CA LEU D 32 -13.43 24.41 -1.02
C LEU D 32 -14.26 25.09 -2.11
N GLU D 33 -14.60 26.36 -1.89
CA GLU D 33 -15.22 27.15 -2.93
C GLU D 33 -14.33 27.17 -4.17
N LYS D 34 -13.02 27.03 -3.92
CA LYS D 34 -12.03 27.01 -4.98
C LYS D 34 -11.76 25.56 -5.39
N VAL D 35 -11.50 24.74 -4.40
CA VAL D 35 -11.02 23.40 -4.64
C VAL D 35 -12.10 22.61 -5.37
N LEU D 36 -13.34 22.76 -4.91
CA LEU D 36 -14.41 21.93 -5.47
C LEU D 36 -15.19 22.71 -6.52
N ASN D 37 -14.58 23.77 -7.03
CA ASN D 37 -15.12 24.44 -8.21
C ASN D 37 -14.01 24.57 -9.25
N ALA D 38 -13.21 23.52 -9.41
CA ALA D 38 -12.04 23.60 -10.27
C ALA D 38 -12.06 22.47 -11.30
N GLN D 39 -13.21 21.81 -11.41
CA GLN D 39 -13.30 20.66 -12.30
C GLN D 39 -14.10 21.05 -13.53
N GLU D 40 -13.43 21.19 -14.68
CA GLU D 40 -14.10 21.58 -15.91
C GLU D 40 -13.76 20.58 -17.01
N LEU D 41 -14.71 19.68 -17.31
CA LEU D 41 -14.47 18.67 -18.32
C LEU D 41 -14.50 19.33 -19.68
N GLN D 42 -13.36 19.33 -20.39
CA GLN D 42 -13.30 19.96 -21.70
C GLN D 42 -14.22 19.24 -22.68
N SER D 43 -14.37 17.93 -22.50
CA SER D 43 -15.32 17.16 -23.27
C SER D 43 -16.71 17.77 -23.16
N GLU D 44 -17.07 18.20 -21.96
CA GLU D 44 -18.37 18.80 -21.69
C GLU D 44 -18.41 20.21 -22.25
N THR D 45 -17.29 20.95 -22.05
CA THR D 45 -17.16 22.31 -22.56
C THR D 45 -17.36 22.30 -24.08
N LYS D 46 -17.15 21.15 -24.72
CA LYS D 46 -17.25 21.03 -26.16
C LYS D 46 -18.45 20.16 -26.58
N GLY D 47 -19.34 19.82 -25.64
CA GLY D 47 -20.63 19.28 -25.99
C GLY D 47 -20.74 17.78 -25.72
N ASN D 48 -19.61 17.08 -25.74
CA ASN D 48 -19.60 15.62 -25.62
C ASN D 48 -18.90 15.20 -24.34
N LYS D 49 -19.58 15.35 -23.20
CA LYS D 49 -18.99 15.04 -21.91
C LYS D 49 -18.62 13.56 -21.82
N ILE D 50 -17.37 13.30 -21.42
CA ILE D 50 -16.92 11.94 -21.19
C ILE D 50 -16.68 11.76 -19.69
N HIS D 51 -17.21 10.67 -19.14
CA HIS D 51 -17.30 10.48 -17.72
C HIS D 51 -15.92 10.33 -17.08
N ASP D 52 -15.04 9.59 -17.75
CA ASP D 52 -13.77 9.27 -17.14
C ASP D 52 -12.85 10.50 -17.13
N GLU D 53 -13.25 11.58 -17.79
CA GLU D 53 -12.43 12.77 -17.83
C GLU D 53 -12.38 13.37 -16.44
N HIS D 54 -13.45 13.18 -15.69
CA HIS D 54 -13.51 13.72 -14.35
C HIS D 54 -12.35 13.15 -13.53
N LEU D 55 -12.17 11.83 -13.62
CA LEU D 55 -11.13 11.13 -12.88
C LEU D 55 -9.77 11.74 -13.22
N PHE D 56 -9.54 11.90 -14.53
CA PHE D 56 -8.28 12.41 -15.02
C PHE D 56 -7.97 13.74 -14.33
N ILE D 57 -8.99 14.59 -14.22
CA ILE D 57 -8.82 15.92 -13.68
C ILE D 57 -8.50 15.82 -12.20
N ILE D 58 -9.29 15.05 -11.48
CA ILE D 58 -9.16 14.96 -10.05
C ILE D 58 -7.78 14.39 -9.71
N THR D 59 -7.37 13.34 -10.44
CA THR D 59 -6.13 12.67 -10.14
C THR D 59 -5.01 13.70 -10.16
N HIS D 60 -4.97 14.47 -11.24
CA HIS D 60 -3.92 15.45 -11.46
C HIS D 60 -3.98 16.50 -10.38
N GLN D 61 -5.20 16.88 -10.01
CA GLN D 61 -5.37 17.95 -9.03
C GLN D 61 -4.81 17.47 -7.70
N ALA D 62 -5.03 16.20 -7.39
CA ALA D 62 -4.54 15.66 -6.15
C ALA D 62 -3.02 15.61 -6.19
N TYR D 63 -2.46 15.18 -7.32
CA TYR D 63 -1.01 15.15 -7.44
C TYR D 63 -0.47 16.53 -7.15
N GLU D 64 -1.14 17.54 -7.71
CA GLU D 64 -0.65 18.90 -7.63
C GLU D 64 -0.75 19.39 -6.19
N LEU D 65 -1.81 18.99 -5.51
CA LEU D 65 -1.93 19.36 -4.11
C LEU D 65 -0.72 18.81 -3.36
N TRP D 66 -0.39 17.56 -3.63
CA TRP D 66 0.64 16.89 -2.88
C TRP D 66 2.02 17.45 -3.23
N PHE D 67 2.19 17.86 -4.49
CA PHE D 67 3.42 18.47 -4.92
C PHE D 67 3.64 19.73 -4.12
N LYS D 68 2.55 20.50 -3.96
CA LYS D 68 2.63 21.76 -3.25
C LYS D 68 3.11 21.50 -1.83
N GLN D 69 2.61 20.39 -1.25
CA GLN D 69 2.93 20.04 0.11
C GLN D 69 4.39 19.63 0.16
N ILE D 70 4.86 18.91 -0.86
CA ILE D 70 6.24 18.47 -0.84
C ILE D 70 7.13 19.70 -0.94
N LEU D 71 6.78 20.61 -1.85
CA LEU D 71 7.54 21.83 -2.00
C LEU D 71 7.53 22.58 -0.68
N TRP D 72 6.38 22.56 -0.01
CA TRP D 72 6.27 23.21 1.29
C TRP D 72 7.32 22.64 2.24
N GLU D 73 7.43 21.32 2.27
CA GLU D 73 8.29 20.65 3.22
C GLU D 73 9.73 20.90 2.81
N LEU D 74 9.98 20.75 1.51
CA LEU D 74 11.32 20.84 0.98
C LEU D 74 11.90 22.22 1.20
N ASP D 75 11.11 23.24 0.84
CA ASP D 75 11.52 24.62 0.99
C ASP D 75 11.85 24.90 2.45
N SER D 76 11.07 24.32 3.35
CA SER D 76 11.29 24.54 4.76
C SER D 76 12.64 23.95 5.17
N VAL D 77 12.95 22.76 4.63
CA VAL D 77 14.17 22.07 4.96
C VAL D 77 15.35 22.83 4.38
N ARG D 78 15.19 23.25 3.14
CA ARG D 78 16.23 24.05 2.49
C ARG D 78 16.53 25.28 3.34
N GLU D 79 15.49 25.94 3.83
CA GLU D 79 15.65 27.15 4.60
C GLU D 79 16.47 26.85 5.85
N ILE D 80 16.16 25.73 6.52
CA ILE D 80 16.85 25.36 7.74
C ILE D 80 18.34 25.21 7.50
N PHE D 81 18.67 24.66 6.33
CA PHE D 81 20.05 24.47 5.94
C PHE D 81 20.69 25.82 5.62
N GLN D 82 19.99 26.61 4.80
CA GLN D 82 20.55 27.85 4.29
C GLN D 82 20.74 28.87 5.40
N ASN D 83 19.81 28.93 6.37
CA ASN D 83 19.88 29.92 7.42
C ASN D 83 20.77 29.40 8.55
N GLY D 84 21.33 28.20 8.37
CA GLY D 84 22.32 27.65 9.26
C GLY D 84 21.72 27.14 10.57
N HIS D 85 20.41 26.90 10.57
CA HIS D 85 19.72 26.37 11.75
C HIS D 85 20.15 24.92 11.96
N VAL D 86 20.49 24.25 10.87
CA VAL D 86 20.91 22.85 10.92
C VAL D 86 22.14 22.68 11.80
N ARG D 87 22.92 23.76 11.98
CA ARG D 87 24.06 23.74 12.87
C ARG D 87 23.64 23.37 14.29
N ASP D 88 22.51 23.92 14.73
CA ASP D 88 21.91 23.53 15.99
C ASP D 88 21.27 22.16 15.80
N GLU D 89 21.89 21.12 16.36
CA GLU D 89 21.52 19.74 16.05
C GLU D 89 20.17 19.36 16.66
N ARG D 90 19.50 20.29 17.34
CA ARG D 90 18.15 20.05 17.82
C ARG D 90 17.20 20.04 16.63
N ASN D 91 17.59 20.71 15.55
CA ASN D 91 16.72 20.87 14.41
C ASN D 91 16.79 19.63 13.53
N MET D 92 17.55 18.61 13.95
CA MET D 92 17.73 17.45 13.10
C MET D 92 16.46 16.60 13.09
N LEU D 93 15.76 16.56 14.22
CA LEU D 93 14.51 15.81 14.32
C LEU D 93 13.53 16.39 13.32
N LYS D 94 13.38 17.71 13.35
CA LYS D 94 12.49 18.41 12.43
C LYS D 94 12.83 18.07 10.98
N VAL D 95 14.12 18.06 10.65
CA VAL D 95 14.57 17.88 9.28
C VAL D 95 14.24 16.47 8.81
N VAL D 96 14.64 15.48 9.59
CA VAL D 96 14.38 14.10 9.22
C VAL D 96 12.87 13.84 9.18
N SER D 97 12.11 14.47 10.08
CA SER D 97 10.67 14.24 10.11
C SER D 97 10.04 14.72 8.81
N ARG D 98 10.47 15.90 8.37
CA ARG D 98 9.86 16.53 7.22
C ARG D 98 10.29 15.80 5.97
N MET D 99 11.52 15.26 5.98
CA MET D 99 12.06 14.53 4.83
C MET D 99 11.39 13.17 4.71
N HIS D 100 11.12 12.55 5.85
CA HIS D 100 10.43 11.28 5.86
C HIS D 100 9.00 11.50 5.37
N ARG D 101 8.44 12.64 5.76
CA ARG D 101 7.08 12.96 5.37
C ARG D 101 7.03 13.06 3.85
N VAL D 102 8.05 13.65 3.26
CA VAL D 102 8.07 13.72 1.82
C VAL D 102 8.01 12.31 1.25
N SER D 103 8.80 11.41 1.84
CA SER D 103 8.90 10.08 1.27
C SER D 103 7.55 9.40 1.43
N VAL D 104 6.81 9.77 2.46
CA VAL D 104 5.53 9.15 2.72
C VAL D 104 4.48 9.65 1.72
N ILE D 105 4.58 10.93 1.37
CA ILE D 105 3.66 11.47 0.40
C ILE D 105 3.93 10.78 -0.91
N LEU D 106 5.21 10.62 -1.20
CA LEU D 106 5.60 10.06 -2.48
C LEU D 106 5.12 8.63 -2.58
N LYS D 107 5.16 7.91 -1.47
CA LYS D 107 4.74 6.52 -1.47
C LYS D 107 3.27 6.47 -1.89
N LEU D 108 2.52 7.51 -1.50
CA LEU D 108 1.10 7.58 -1.76
C LEU D 108 0.87 7.97 -3.20
N LEU D 109 1.69 8.90 -3.67
CA LEU D 109 1.58 9.38 -5.04
C LEU D 109 1.88 8.25 -6.02
N VAL D 110 2.70 7.30 -5.59
CA VAL D 110 2.98 6.17 -6.43
C VAL D 110 1.75 5.28 -6.45
N GLN D 111 1.11 5.12 -5.30
CA GLN D 111 -0.03 4.22 -5.23
C GLN D 111 -1.20 4.86 -5.96
N GLN D 112 -1.18 6.18 -6.07
CA GLN D 112 -2.29 6.91 -6.63
C GLN D 112 -2.47 6.56 -8.10
N PHE D 113 -1.45 6.00 -8.73
CA PHE D 113 -1.60 5.63 -10.11
C PHE D 113 -2.61 4.50 -10.25
N SER D 114 -2.73 3.71 -9.19
CA SER D 114 -3.65 2.60 -9.23
C SER D 114 -5.06 3.10 -9.54
N ILE D 115 -5.31 4.36 -9.18
CA ILE D 115 -6.64 4.91 -9.37
C ILE D 115 -6.87 5.15 -10.84
N LEU D 116 -5.86 5.70 -11.50
CA LEU D 116 -6.01 6.08 -12.90
C LEU D 116 -5.93 4.84 -13.77
N GLU D 117 -5.38 3.76 -13.23
CA GLU D 117 -5.35 2.49 -13.95
C GLU D 117 -6.76 1.93 -14.06
N THR D 118 -7.72 2.52 -13.36
CA THR D 118 -9.08 2.04 -13.47
C THR D 118 -9.71 2.57 -14.75
N MET D 119 -9.10 3.61 -15.32
CA MET D 119 -9.52 4.18 -16.60
C MET D 119 -8.91 3.38 -17.74
N THR D 120 -9.74 2.89 -18.68
CA THR D 120 -9.20 2.09 -19.77
C THR D 120 -8.69 3.04 -20.84
N ALA D 121 -7.75 2.55 -21.66
CA ALA D 121 -7.23 3.34 -22.74
C ALA D 121 -8.36 3.72 -23.69
N LEU D 122 -9.25 2.75 -23.91
CA LEU D 122 -10.39 2.90 -24.81
C LEU D 122 -11.21 4.11 -24.39
N ASP D 123 -11.32 4.31 -23.07
CA ASP D 123 -12.18 5.34 -22.53
C ASP D 123 -11.45 6.68 -22.52
N PHE D 124 -10.12 6.63 -22.32
CA PHE D 124 -9.32 7.84 -22.29
C PHE D 124 -9.27 8.43 -23.70
N ASN D 125 -9.23 7.51 -24.66
CA ASN D 125 -9.24 7.89 -26.06
C ASN D 125 -10.44 8.78 -26.36
N ASP D 126 -11.53 8.58 -25.65
CA ASP D 126 -12.75 9.30 -25.93
C ASP D 126 -12.66 10.76 -25.50
N PHE D 127 -11.57 11.18 -24.88
CA PHE D 127 -11.45 12.59 -24.54
C PHE D 127 -10.02 13.10 -24.71
N ARG D 128 -9.07 12.21 -25.06
CA ARG D 128 -7.68 12.62 -25.09
C ARG D 128 -7.50 13.80 -26.04
N GLU D 129 -8.34 13.87 -27.07
CA GLU D 129 -8.29 14.92 -28.08
C GLU D 129 -8.53 16.30 -27.45
N TYR D 130 -9.48 16.40 -26.54
CA TYR D 130 -9.86 17.70 -26.01
C TYR D 130 -8.76 18.20 -25.08
N LEU D 131 -7.70 17.43 -24.88
CA LEU D 131 -6.63 17.82 -23.97
C LEU D 131 -5.52 18.56 -24.73
N SER D 132 -5.17 18.04 -25.90
CA SER D 132 -4.14 18.64 -26.72
C SER D 132 -4.39 20.15 -26.80
N PRO D 133 -3.35 20.98 -26.59
CA PRO D 133 -1.96 20.53 -26.52
C PRO D 133 -1.34 20.50 -25.13
N ALA D 134 -2.17 20.16 -24.15
CA ALA D 134 -1.76 20.14 -22.75
C ALA D 134 -1.08 18.81 -22.45
N SER D 135 -0.18 18.87 -21.47
CA SER D 135 0.55 17.69 -21.02
C SER D 135 0.98 17.87 -19.57
N GLY D 136 1.23 16.74 -18.90
CA GLY D 136 1.76 16.73 -17.55
C GLY D 136 3.11 17.43 -17.50
N PHE D 137 3.77 17.49 -18.65
CA PHE D 137 5.03 18.20 -18.80
C PHE D 137 4.90 19.62 -18.24
N GLN D 138 3.71 20.20 -18.31
CA GLN D 138 3.53 21.59 -17.95
C GLN D 138 3.22 21.73 -16.46
N SER D 139 3.60 20.72 -15.67
CA SER D 139 3.51 20.81 -14.24
C SER D 139 4.66 21.66 -13.75
N LEU D 140 4.36 22.91 -13.42
CA LEU D 140 5.37 23.81 -12.89
C LEU D 140 5.95 23.20 -11.62
N GLN D 141 5.05 22.66 -10.78
CA GLN D 141 5.45 22.18 -9.48
C GLN D 141 6.41 21.01 -9.63
N PHE D 142 6.13 20.10 -10.58
CA PHE D 142 6.98 18.94 -10.72
C PHE D 142 8.38 19.41 -11.06
N ARG D 143 8.48 20.42 -11.89
CA ARG D 143 9.78 20.91 -12.31
C ARG D 143 10.45 21.58 -11.11
N LEU D 144 9.71 22.45 -10.42
CA LEU D 144 10.24 23.13 -9.26
C LEU D 144 10.77 22.08 -8.27
N LEU D 145 10.08 20.95 -8.21
CA LEU D 145 10.44 19.89 -7.29
C LEU D 145 11.75 19.25 -7.75
N GLU D 146 11.79 18.86 -9.02
CA GLU D 146 12.99 18.25 -9.56
C GLU D 146 14.16 19.16 -9.27
N ASN D 147 13.95 20.46 -9.49
CA ASN D 147 15.03 21.43 -9.43
C ASN D 147 15.47 21.61 -7.98
N LYS D 148 14.52 21.74 -7.07
CA LYS D 148 14.83 22.08 -5.69
C LYS D 148 15.57 20.93 -5.01
N ILE D 149 15.38 19.70 -5.48
CA ILE D 149 16.08 18.56 -4.94
C ILE D 149 17.53 18.61 -5.43
N GLY D 150 17.71 18.79 -6.75
CA GLY D 150 19.03 18.99 -7.30
C GLY D 150 19.19 18.48 -8.72
N VAL D 151 18.10 18.18 -9.43
CA VAL D 151 18.24 17.75 -10.81
C VAL D 151 18.91 18.89 -11.59
N LEU D 152 19.98 18.59 -12.32
CA LEU D 152 20.71 19.62 -13.05
C LEU D 152 20.31 19.59 -14.53
N GLN D 153 20.03 20.79 -15.07
CA GLN D 153 19.62 20.95 -16.45
C GLN D 153 20.65 20.37 -17.42
N ASN D 154 21.94 20.43 -17.05
CA ASN D 154 23.00 19.94 -17.92
C ASN D 154 22.77 18.45 -18.19
N MET D 155 22.34 17.71 -17.16
CA MET D 155 22.23 16.27 -17.28
C MET D 155 20.77 15.87 -17.50
N ARG D 156 19.89 16.85 -17.77
CA ARG D 156 18.51 16.59 -18.11
C ARG D 156 18.42 16.12 -19.56
N VAL D 157 17.76 14.97 -19.73
CA VAL D 157 17.44 14.43 -21.04
C VAL D 157 16.54 15.43 -21.77
N PRO D 158 16.92 15.82 -23.00
CA PRO D 158 16.15 16.81 -23.76
C PRO D 158 14.86 16.20 -24.28
N TYR D 159 13.80 17.02 -24.28
CA TYR D 159 12.54 16.64 -24.90
C TYR D 159 12.47 17.31 -26.26
N ASN D 160 12.27 16.51 -27.31
CA ASN D 160 12.06 17.08 -28.63
C ASN D 160 13.28 17.94 -28.98
N ARG D 161 14.47 17.42 -28.66
CA ARG D 161 15.75 18.07 -28.92
C ARG D 161 15.85 19.43 -28.23
N ARG D 162 15.06 19.70 -27.18
CA ARG D 162 14.94 21.04 -26.63
C ARG D 162 15.01 21.01 -25.11
N HIS D 163 15.13 22.19 -24.50
CA HIS D 163 15.13 22.31 -23.06
C HIS D 163 13.69 22.16 -22.55
N TYR D 164 13.55 22.04 -21.23
CA TYR D 164 12.24 21.83 -20.62
C TYR D 164 11.56 23.19 -20.38
N ARG D 165 12.38 24.19 -20.02
CA ARG D 165 11.87 25.50 -19.67
C ARG D 165 11.30 26.22 -20.89
N ASP D 166 11.70 25.78 -22.08
CA ASP D 166 11.15 26.28 -23.33
C ASP D 166 9.62 26.23 -23.35
N ASN D 167 9.04 25.23 -22.68
CA ASN D 167 7.60 25.04 -22.66
C ASN D 167 6.92 26.05 -21.75
N PHE D 168 7.70 26.69 -20.87
CA PHE D 168 7.16 27.55 -19.84
C PHE D 168 7.45 29.00 -20.20
N LYS D 169 6.52 29.88 -19.82
CA LYS D 169 6.61 31.30 -20.16
C LYS D 169 6.09 32.13 -19.00
N GLY D 170 6.69 33.32 -18.82
CA GLY D 170 6.22 34.30 -17.86
C GLY D 170 6.87 34.09 -16.49
N GLU D 171 6.15 34.54 -15.46
CA GLU D 171 6.57 34.37 -14.08
C GLU D 171 7.01 32.93 -13.83
N GLU D 172 6.29 32.00 -14.47
CA GLU D 172 6.61 30.59 -14.39
C GLU D 172 8.06 30.36 -14.79
N ASN D 173 8.46 30.84 -15.99
CA ASN D 173 9.81 30.65 -16.45
C ASN D 173 10.76 31.30 -15.44
N GLU D 174 10.34 32.45 -14.90
CA GLU D 174 11.15 33.21 -13.95
C GLU D 174 11.43 32.40 -12.69
N LEU D 175 10.35 31.86 -12.11
CA LEU D 175 10.40 31.03 -10.92
C LEU D 175 11.26 29.80 -11.19
N LEU D 176 11.03 29.18 -12.34
CA LEU D 176 11.72 27.95 -12.70
C LEU D 176 13.22 28.19 -12.69
N LEU D 177 13.63 29.41 -13.05
CA LEU D 177 15.04 29.73 -13.08
C LEU D 177 15.58 29.92 -11.66
N LYS D 178 14.85 30.70 -10.86
CA LYS D 178 15.20 30.88 -9.47
C LYS D 178 15.43 29.51 -8.85
N SER D 179 14.53 28.57 -9.16
CA SER D 179 14.57 27.22 -8.62
C SER D 179 15.90 26.56 -8.97
N GLU D 180 16.34 26.76 -10.22
CA GLU D 180 17.58 26.17 -10.72
C GLU D 180 18.79 26.83 -10.07
N GLN D 181 18.69 28.14 -9.83
CA GLN D 181 19.83 28.95 -9.43
C GLN D 181 19.98 29.02 -7.91
N GLU D 182 18.86 29.17 -7.17
CA GLU D 182 18.89 29.12 -5.72
C GLU D 182 19.49 27.79 -5.28
N LYS D 183 19.93 27.73 -4.02
CA LYS D 183 20.60 26.54 -3.53
C LYS D 183 19.62 25.37 -3.51
N THR D 184 20.07 24.22 -3.98
CA THR D 184 19.28 23.00 -3.99
C THR D 184 19.57 22.26 -2.71
N LEU D 185 18.75 21.24 -2.46
CA LEU D 185 18.92 20.39 -1.30
C LEU D 185 20.29 19.72 -1.35
N LEU D 186 20.64 19.22 -2.54
CA LEU D 186 21.96 18.62 -2.75
C LEU D 186 23.05 19.57 -2.29
N GLU D 187 23.00 20.81 -2.81
CA GLU D 187 24.02 21.80 -2.52
C GLU D 187 24.10 22.01 -1.02
N LEU D 188 22.93 22.11 -0.39
CA LEU D 188 22.83 22.46 1.01
C LEU D 188 23.27 21.28 1.89
N VAL D 189 22.94 20.06 1.47
CA VAL D 189 23.36 18.86 2.16
C VAL D 189 24.86 18.69 1.99
N GLU D 190 25.35 18.98 0.80
CA GLU D 190 26.78 18.94 0.53
C GLU D 190 27.51 19.83 1.54
N ALA D 191 27.05 21.07 1.67
CA ALA D 191 27.65 22.05 2.56
C ALA D 191 27.77 21.47 3.97
N TRP D 192 26.65 20.96 4.45
CA TRP D 192 26.54 20.38 5.76
C TRP D 192 27.40 19.13 5.88
N LEU D 193 27.42 18.31 4.82
CA LEU D 193 28.21 17.10 4.83
C LEU D 193 29.70 17.41 4.94
N GLU D 194 30.09 18.55 4.35
CA GLU D 194 31.48 18.98 4.35
C GLU D 194 31.90 19.34 5.77
N ARG D 195 30.95 19.83 6.58
CA ARG D 195 31.23 20.24 7.95
C ARG D 195 31.11 19.07 8.92
N THR D 196 30.96 17.86 8.40
CA THR D 196 30.78 16.69 9.23
C THR D 196 32.01 16.51 10.12
N PRO D 197 31.85 16.36 11.46
CA PRO D 197 33.00 16.18 12.34
C PRO D 197 33.68 14.81 12.17
N GLY D 198 35.00 14.78 12.38
CA GLY D 198 35.77 13.54 12.26
C GLY D 198 36.75 13.57 11.08
N LEU D 199 36.52 14.50 10.15
CA LEU D 199 37.30 14.57 8.91
C LEU D 199 38.62 15.29 9.16
N GLU D 200 38.62 16.24 10.10
CA GLU D 200 39.78 17.07 10.40
C GLU D 200 41.01 16.16 10.53
N PRO D 201 42.07 16.37 9.71
CA PRO D 201 43.29 15.58 9.77
C PRO D 201 44.00 15.70 11.13
N HIS D 202 43.98 16.92 11.68
CA HIS D 202 44.47 17.21 13.01
C HIS D 202 43.64 16.49 14.07
N GLY D 203 42.43 16.06 13.72
CA GLY D 203 41.52 15.36 14.61
C GLY D 203 41.57 13.84 14.42
N PHE D 204 40.40 13.23 14.18
CA PHE D 204 40.30 11.79 14.05
C PHE D 204 40.92 11.34 12.72
N ASN D 205 41.01 12.25 11.74
CA ASN D 205 41.64 11.95 10.46
C ASN D 205 41.05 10.66 9.90
N PHE D 206 39.72 10.65 9.72
CA PHE D 206 39.02 9.45 9.32
C PHE D 206 39.61 8.92 8.01
N TRP D 207 39.79 9.83 7.05
CA TRP D 207 40.14 9.45 5.69
C TRP D 207 41.51 8.78 5.68
N GLY D 208 42.46 9.39 6.41
CA GLY D 208 43.79 8.84 6.52
C GLY D 208 43.76 7.44 7.13
N LYS D 209 43.10 7.35 8.29
CA LYS D 209 43.05 6.09 9.03
C LYS D 209 42.44 5.03 8.13
N LEU D 210 41.45 5.46 7.33
CA LEU D 210 40.71 4.55 6.48
C LEU D 210 41.62 3.99 5.39
N GLU D 211 42.27 4.90 4.65
CA GLU D 211 43.18 4.50 3.58
C GLU D 211 44.20 3.48 4.12
N LYS D 212 44.81 3.82 5.27
CA LYS D 212 45.78 2.95 5.89
C LYS D 212 45.15 1.59 6.20
N ASN D 213 44.03 1.62 6.94
CA ASN D 213 43.43 0.39 7.44
C ASN D 213 42.97 -0.48 6.27
N ILE D 214 42.59 0.15 5.15
CA ILE D 214 42.19 -0.59 3.97
C ILE D 214 43.43 -1.19 3.29
N THR D 215 44.45 -0.37 3.06
CA THR D 215 45.70 -0.87 2.50
C THR D 215 46.13 -2.11 3.28
N ARG D 216 46.15 -1.97 4.60
CA ARG D 216 46.61 -3.03 5.47
C ARG D 216 45.71 -4.25 5.29
N GLY D 217 44.40 -4.07 5.44
CA GLY D 217 43.44 -5.16 5.36
C GLY D 217 43.59 -5.93 4.05
N LEU D 218 43.75 -5.19 2.94
CA LEU D 218 43.85 -5.78 1.63
C LEU D 218 45.07 -6.70 1.61
N GLU D 219 46.24 -6.15 1.98
CA GLU D 219 47.47 -6.93 2.07
C GLU D 219 47.23 -8.19 2.91
N GLU D 220 46.62 -8.01 4.09
CA GLU D 220 46.38 -9.09 5.02
C GLU D 220 45.55 -10.18 4.37
N GLU D 221 44.57 -9.76 3.56
CA GLU D 221 43.70 -10.70 2.87
C GLU D 221 44.47 -11.37 1.72
N PHE D 222 45.33 -10.60 1.05
CA PHE D 222 46.15 -11.14 -0.03
C PHE D 222 46.96 -12.33 0.47
N ILE D 223 47.56 -12.16 1.65
CA ILE D 223 48.35 -13.21 2.29
C ILE D 223 47.46 -14.43 2.54
N ARG D 224 46.23 -14.20 3.02
CA ARG D 224 45.26 -15.26 3.21
C ARG D 224 45.12 -16.08 1.92
N ILE D 225 44.95 -15.39 0.79
CA ILE D 225 44.70 -16.05 -0.48
C ILE D 225 46.00 -16.72 -0.94
N GLN D 226 47.14 -16.03 -0.78
CA GLN D 226 48.48 -16.58 -1.06
C GLN D 226 48.66 -17.93 -0.37
N ALA D 227 48.14 -18.04 0.86
CA ALA D 227 48.27 -19.27 1.63
C ALA D 227 47.55 -20.43 0.92
N LYS D 228 46.44 -20.11 0.24
CA LYS D 228 45.66 -21.12 -0.48
C LYS D 228 46.55 -21.71 -1.56
N GLU D 229 46.79 -23.02 -1.48
CA GLU D 229 47.39 -23.76 -2.59
C GLU D 229 46.57 -23.53 -3.86
N GLU D 230 47.25 -23.27 -4.99
CA GLU D 230 46.61 -22.89 -6.24
C GLU D 230 45.46 -23.84 -6.55
N SER D 231 44.29 -23.26 -6.79
CA SER D 231 43.06 -24.01 -7.02
C SER D 231 42.08 -23.12 -7.76
N GLU D 232 40.98 -23.71 -8.22
CA GLU D 232 39.92 -22.91 -8.82
C GLU D 232 39.32 -21.98 -7.76
N GLU D 233 39.20 -22.48 -6.52
CA GLU D 233 38.72 -21.68 -5.41
C GLU D 233 39.60 -20.43 -5.31
N LYS D 234 40.93 -20.65 -5.25
CA LYS D 234 41.89 -19.58 -5.07
C LYS D 234 41.69 -18.55 -6.19
N GLU D 235 41.62 -19.05 -7.43
CA GLU D 235 41.37 -18.24 -8.61
C GLU D 235 40.17 -17.31 -8.39
N GLU D 236 39.06 -17.88 -7.91
CA GLU D 236 37.85 -17.12 -7.68
C GLU D 236 38.16 -15.95 -6.75
N GLN D 237 38.79 -16.30 -5.61
CA GLN D 237 39.15 -15.33 -4.58
C GLN D 237 40.02 -14.24 -5.20
N VAL D 238 41.01 -14.66 -6.02
CA VAL D 238 41.92 -13.74 -6.66
C VAL D 238 41.14 -12.67 -7.42
N ALA D 239 40.21 -13.11 -8.28
CA ALA D 239 39.42 -12.21 -9.10
C ALA D 239 38.62 -11.26 -8.21
N GLU D 240 37.91 -11.87 -7.24
CA GLU D 240 37.13 -11.10 -6.29
C GLU D 240 38.01 -10.05 -5.63
N PHE D 241 39.21 -10.47 -5.22
CA PHE D 241 40.11 -9.56 -4.52
C PHE D 241 40.44 -8.36 -5.40
N GLN D 242 40.85 -8.64 -6.65
CA GLN D 242 41.43 -7.61 -7.50
C GLN D 242 40.37 -6.54 -7.74
N LYS D 243 39.14 -6.98 -8.03
CA LYS D 243 38.07 -6.04 -8.33
C LYS D 243 37.85 -5.17 -7.10
N GLN D 244 37.72 -5.80 -5.93
CA GLN D 244 37.49 -5.08 -4.69
C GLN D 244 38.61 -4.07 -4.49
N LYS D 245 39.86 -4.53 -4.61
CA LYS D 245 41.00 -3.65 -4.40
C LYS D 245 40.87 -2.37 -5.24
N GLU D 246 40.56 -2.56 -6.53
CA GLU D 246 40.47 -1.44 -7.47
C GLU D 246 39.46 -0.42 -6.93
N VAL D 247 38.26 -0.92 -6.66
CA VAL D 247 37.15 -0.11 -6.19
C VAL D 247 37.56 0.62 -4.93
N LEU D 248 38.06 -0.15 -3.96
CA LEU D 248 38.35 0.38 -2.64
C LEU D 248 39.37 1.49 -2.74
N LEU D 249 40.38 1.33 -3.60
CA LEU D 249 41.41 2.34 -3.69
C LEU D 249 40.92 3.52 -4.54
N SER D 250 40.00 3.23 -5.49
CA SER D 250 39.36 4.27 -6.28
C SER D 250 38.83 5.38 -5.38
N LEU D 251 38.42 5.01 -4.18
CA LEU D 251 37.84 5.94 -3.23
C LEU D 251 38.78 7.10 -2.93
N PHE D 252 40.09 6.88 -3.04
CA PHE D 252 41.04 7.90 -2.61
C PHE D 252 41.63 8.64 -3.81
N ASP D 253 41.07 8.39 -5.00
CA ASP D 253 41.53 9.05 -6.20
C ASP D 253 40.71 10.33 -6.37
N GLU D 254 41.15 11.39 -5.68
CA GLU D 254 40.39 12.63 -5.65
C GLU D 254 40.24 13.15 -7.08
N LYS D 255 41.19 12.80 -7.96
CA LYS D 255 41.16 13.25 -9.34
C LYS D 255 40.07 12.51 -10.11
N ARG D 256 39.97 11.18 -9.93
CA ARG D 256 38.91 10.42 -10.55
C ARG D 256 37.59 11.09 -10.22
N HIS D 257 37.43 11.46 -8.94
CA HIS D 257 36.22 12.08 -8.47
C HIS D 257 35.96 13.37 -9.23
N GLU D 258 36.95 14.26 -9.23
CA GLU D 258 36.80 15.57 -9.87
C GLU D 258 36.37 15.36 -11.32
N HIS D 259 36.92 14.31 -11.97
CA HIS D 259 36.60 14.04 -13.37
C HIS D 259 35.13 13.67 -13.47
N LEU D 260 34.73 12.69 -12.66
CA LEU D 260 33.36 12.19 -12.67
C LEU D 260 32.39 13.31 -12.32
N LEU D 261 32.79 14.17 -11.37
CA LEU D 261 32.00 15.33 -11.00
C LEU D 261 31.73 16.16 -12.24
N SER D 262 32.79 16.38 -13.03
CA SER D 262 32.66 17.15 -14.26
C SER D 262 31.71 16.47 -15.23
N LYS D 263 31.88 15.16 -15.43
CA LYS D 263 31.04 14.41 -16.34
C LYS D 263 29.64 14.27 -15.75
N GLY D 264 29.48 14.67 -14.48
CA GLY D 264 28.17 14.69 -13.84
C GLY D 264 27.76 13.32 -13.32
N GLU D 265 28.66 12.34 -13.38
CA GLU D 265 28.37 10.96 -12.99
C GLU D 265 28.40 10.86 -11.47
N ARG D 266 29.07 11.79 -10.80
CA ARG D 266 28.89 12.02 -9.37
C ARG D 266 28.44 13.47 -9.17
N ARG D 267 28.00 13.79 -7.95
CA ARG D 267 27.38 15.08 -7.69
C ARG D 267 27.95 15.78 -6.45
N LEU D 268 28.53 15.00 -5.54
CA LEU D 268 28.92 15.53 -4.24
C LEU D 268 30.40 15.83 -4.23
N SER D 269 30.77 16.92 -3.55
CA SER D 269 32.17 17.25 -3.34
C SER D 269 32.86 16.06 -2.68
N TYR D 270 34.16 15.93 -2.91
CA TYR D 270 34.88 14.81 -2.33
C TYR D 270 34.83 14.93 -0.80
N ARG D 271 34.82 16.16 -0.27
CA ARG D 271 34.78 16.34 1.15
C ARG D 271 33.43 15.87 1.69
N ALA D 272 32.36 16.29 1.00
CA ALA D 272 31.02 15.88 1.37
C ALA D 272 30.96 14.36 1.38
N LEU D 273 31.54 13.74 0.37
CA LEU D 273 31.54 12.29 0.27
C LEU D 273 32.21 11.68 1.49
N GLN D 274 33.25 12.35 2.01
CA GLN D 274 33.97 11.88 3.18
C GLN D 274 33.04 11.93 4.39
N GLY D 275 32.32 13.05 4.54
CA GLY D 275 31.40 13.24 5.65
C GLY D 275 30.31 12.16 5.63
N ALA D 276 29.79 11.84 4.44
CA ALA D 276 28.73 10.87 4.28
C ALA D 276 29.22 9.49 4.74
N LEU D 277 30.45 9.13 4.35
CA LEU D 277 30.96 7.82 4.68
C LEU D 277 31.27 7.75 6.16
N MET D 278 31.67 8.92 6.71
CA MET D 278 31.86 9.04 8.14
C MET D 278 30.58 8.63 8.85
N ILE D 279 29.47 9.21 8.37
CA ILE D 279 28.18 9.04 9.01
C ILE D 279 27.76 7.58 8.85
N TYR D 280 27.99 7.01 7.67
CA TYR D 280 27.63 5.63 7.41
C TYR D 280 28.31 4.71 8.40
N PHE D 281 29.60 4.92 8.60
CA PHE D 281 30.42 3.98 9.34
C PHE D 281 30.21 4.19 10.83
N TYR D 282 29.96 5.42 11.27
CA TYR D 282 29.80 5.71 12.69
C TYR D 282 28.36 6.10 13.01
N ARG D 283 27.39 5.39 12.43
CA ARG D 283 25.99 5.81 12.50
C ARG D 283 25.45 5.63 13.91
N GLU D 284 25.85 4.53 14.55
CA GLU D 284 25.41 4.21 15.90
C GLU D 284 25.86 5.27 16.89
N GLU D 285 26.90 6.03 16.55
CA GLU D 285 27.39 7.08 17.42
C GLU D 285 26.30 8.14 17.56
N PRO D 286 25.89 8.48 18.78
CA PRO D 286 24.74 9.35 19.02
C PRO D 286 24.61 10.57 18.12
N ARG D 287 25.71 11.26 17.84
CA ARG D 287 25.61 12.49 17.06
C ARG D 287 25.27 12.21 15.59
N PHE D 288 25.41 10.94 15.18
CA PHE D 288 25.32 10.55 13.79
C PHE D 288 24.09 9.69 13.52
N GLN D 289 23.25 9.47 14.54
CA GLN D 289 22.13 8.56 14.42
C GLN D 289 21.04 9.20 13.54
N VAL D 290 20.65 10.43 13.86
CA VAL D 290 19.64 11.11 13.07
C VAL D 290 20.25 11.54 11.74
N PRO D 291 21.49 12.06 11.70
CA PRO D 291 22.12 12.36 10.42
C PRO D 291 22.09 11.21 9.42
N PHE D 292 22.28 9.98 9.90
CA PHE D 292 22.19 8.81 9.05
C PHE D 292 20.77 8.61 8.55
N GLN D 293 19.81 8.83 9.45
CA GLN D 293 18.42 8.71 9.06
C GLN D 293 18.13 9.65 7.90
N LEU D 294 18.74 10.85 7.93
CA LEU D 294 18.52 11.82 6.88
C LEU D 294 19.00 11.25 5.56
N LEU D 295 20.21 10.71 5.59
CA LEU D 295 20.83 10.17 4.39
C LEU D 295 19.91 9.11 3.83
N THR D 296 19.37 8.29 4.72
CA THR D 296 18.51 7.19 4.31
C THR D 296 17.27 7.76 3.64
N SER D 297 16.71 8.83 4.21
CA SER D 297 15.51 9.42 3.66
C SER D 297 15.80 10.09 2.33
N LEU D 298 16.97 10.73 2.23
CA LEU D 298 17.37 11.38 0.99
C LEU D 298 17.40 10.35 -0.14
N MET D 299 17.97 9.17 0.16
CA MET D 299 17.96 8.09 -0.79
C MET D 299 16.53 7.60 -1.04
N ASP D 300 15.69 7.56 -0.01
CA ASP D 300 14.33 7.11 -0.19
C ASP D 300 13.59 8.05 -1.14
N ILE D 301 13.91 9.34 -1.11
CA ILE D 301 13.19 10.29 -1.93
C ILE D 301 13.58 10.10 -3.38
N ASP D 302 14.86 9.83 -3.63
CA ASP D 302 15.32 9.52 -4.96
C ASP D 302 14.65 8.26 -5.47
N SER D 303 14.64 7.21 -4.62
CA SER D 303 14.07 5.93 -4.97
C SER D 303 12.61 6.10 -5.36
N LEU D 304 11.89 6.91 -4.58
CA LEU D 304 10.47 7.03 -4.74
C LEU D 304 10.17 7.93 -5.93
N MET D 305 10.99 8.96 -6.11
CA MET D 305 10.81 9.86 -7.23
C MET D 305 10.97 9.04 -8.50
N THR D 306 11.86 8.07 -8.48
CA THR D 306 12.12 7.25 -9.64
C THR D 306 10.97 6.29 -9.80
N LYS D 307 10.43 5.80 -8.69
CA LYS D 307 9.31 4.87 -8.79
C LYS D 307 8.13 5.61 -9.40
N TRP D 308 7.98 6.89 -9.08
CA TRP D 308 6.91 7.69 -9.65
C TRP D 308 7.04 7.68 -11.16
N ARG D 309 8.26 7.97 -11.61
CA ARG D 309 8.53 8.06 -13.03
C ARG D 309 8.23 6.74 -13.71
N TYR D 310 8.66 5.65 -13.06
CA TYR D 310 8.44 4.31 -13.60
C TYR D 310 6.94 4.06 -13.76
N ASN D 311 6.17 4.32 -12.71
CA ASN D 311 4.75 4.00 -12.75
C ASN D 311 4.10 4.87 -13.81
N HIS D 312 4.57 6.10 -13.96
CA HIS D 312 4.03 7.00 -14.94
C HIS D 312 4.21 6.40 -16.31
N VAL D 313 5.45 5.98 -16.61
CA VAL D 313 5.80 5.37 -17.88
C VAL D 313 4.94 4.15 -18.12
N CYS D 314 4.91 3.22 -17.14
CA CYS D 314 4.23 1.96 -17.31
C CYS D 314 2.79 2.25 -17.73
N MET D 315 2.24 3.37 -17.26
CA MET D 315 0.86 3.70 -17.57
C MET D 315 0.75 4.31 -18.97
N VAL D 316 1.56 5.33 -19.24
CA VAL D 316 1.51 5.98 -20.54
C VAL D 316 1.61 4.94 -21.65
N HIS D 317 2.34 3.84 -21.37
CA HIS D 317 2.40 2.72 -22.29
C HIS D 317 1.04 2.07 -22.41
N ARG D 318 0.42 1.76 -21.28
CA ARG D 318 -0.89 1.10 -21.30
C ARG D 318 -1.91 2.02 -21.97
N MET D 319 -1.65 3.32 -21.99
CA MET D 319 -2.65 4.30 -22.37
C MET D 319 -2.46 4.84 -23.79
N LEU D 320 -1.20 5.07 -24.19
CA LEU D 320 -0.91 5.57 -25.52
C LEU D 320 -0.31 4.50 -26.43
N GLY D 321 0.03 3.33 -25.88
CA GLY D 321 0.65 2.27 -26.67
C GLY D 321 2.09 2.63 -27.02
N SER D 322 2.65 1.98 -28.04
CA SER D 322 3.99 2.28 -28.54
C SER D 322 4.02 2.05 -30.05
N SER D 330 7.08 9.30 -29.50
CA SER D 330 6.94 8.44 -28.31
C SER D 330 7.56 9.13 -27.10
N GLY D 331 6.78 10.01 -26.46
CA GLY D 331 7.04 10.40 -25.08
C GLY D 331 7.46 9.19 -24.24
N TYR D 332 6.78 8.05 -24.48
CA TYR D 332 7.10 6.79 -23.84
C TYR D 332 8.62 6.59 -23.78
N HIS D 333 9.31 6.75 -24.91
CA HIS D 333 10.75 6.56 -24.96
C HIS D 333 11.49 7.68 -24.23
N TYR D 334 11.01 8.92 -24.39
CA TYR D 334 11.56 10.04 -23.64
C TYR D 334 11.48 9.75 -22.14
N LEU D 335 10.31 9.26 -21.73
CA LEU D 335 10.04 8.99 -20.35
C LEU D 335 10.90 7.82 -19.86
N ARG D 336 10.96 6.75 -20.66
CA ARG D 336 11.77 5.60 -20.34
C ARG D 336 13.19 6.07 -20.07
N SER D 337 13.55 7.24 -20.61
CA SER D 337 14.88 7.81 -20.47
C SER D 337 15.05 8.53 -19.14
N THR D 338 13.92 9.05 -18.61
CA THR D 338 13.96 9.82 -17.38
C THR D 338 14.15 8.90 -16.18
N VAL D 339 13.90 7.59 -16.36
CA VAL D 339 14.09 6.61 -15.30
C VAL D 339 15.55 6.13 -15.30
N SER D 340 16.48 7.03 -14.96
CA SER D 340 17.91 6.74 -15.01
C SER D 340 18.59 7.47 -13.86
N ASP D 341 19.85 7.11 -13.63
CA ASP D 341 20.65 7.76 -12.60
C ASP D 341 20.89 9.22 -12.93
N ARG D 342 20.42 9.67 -14.10
CA ARG D 342 20.61 11.06 -14.47
C ARG D 342 19.69 11.94 -13.62
N TYR D 343 18.61 11.29 -13.16
CA TYR D 343 17.60 11.99 -12.40
C TYR D 343 17.78 11.69 -10.92
N LYS D 344 18.72 10.81 -10.57
CA LYS D 344 19.00 10.45 -9.17
C LYS D 344 20.04 11.41 -8.61
N VAL D 345 19.60 12.30 -7.71
CA VAL D 345 20.42 13.38 -7.19
C VAL D 345 21.39 12.88 -6.12
N PHE D 346 20.95 11.96 -5.27
CA PHE D 346 21.79 11.47 -4.19
C PHE D 346 22.33 10.10 -4.55
N VAL D 347 22.68 9.95 -5.83
CA VAL D 347 23.19 8.68 -6.31
C VAL D 347 24.46 8.35 -5.55
N ASP D 348 25.21 9.39 -5.14
CA ASP D 348 26.46 9.19 -4.42
C ASP D 348 26.22 8.39 -3.13
N LEU D 349 25.07 8.63 -2.49
CA LEU D 349 24.73 7.98 -1.24
C LEU D 349 24.44 6.52 -1.51
N PHE D 350 23.82 6.24 -2.67
CA PHE D 350 23.48 4.88 -3.01
C PHE D 350 24.75 4.11 -3.31
N ASN D 351 25.77 4.81 -3.83
CA ASN D 351 26.94 4.13 -4.35
C ASN D 351 27.97 3.92 -3.26
N LEU D 352 27.75 4.52 -2.09
CA LEU D 352 28.62 4.26 -0.96
C LEU D 352 28.51 2.79 -0.52
N SER D 353 27.47 2.09 -0.98
CA SER D 353 27.31 0.66 -0.75
C SER D 353 28.40 -0.14 -1.46
N THR D 354 28.96 0.40 -2.54
CA THR D 354 29.99 -0.33 -3.27
C THR D 354 31.27 -0.43 -2.43
N TYR D 355 31.53 0.60 -1.62
CA TYR D 355 32.75 0.69 -0.84
C TYR D 355 32.50 0.21 0.59
N LEU D 356 31.88 -0.97 0.73
CA LEU D 356 31.64 -1.54 2.04
C LEU D 356 32.76 -2.53 2.35
N ILE D 357 33.23 -2.40 3.59
CA ILE D 357 34.44 -3.05 4.05
C ILE D 357 34.08 -3.90 5.26
N PRO D 358 34.89 -4.92 5.61
CA PRO D 358 34.73 -5.62 6.87
C PRO D 358 34.74 -4.62 8.01
N ARG D 359 33.89 -4.86 9.02
CA ARG D 359 33.69 -3.95 10.13
C ARG D 359 35.01 -3.75 10.87
N HIS D 360 35.78 -4.84 11.00
CA HIS D 360 37.03 -4.80 11.75
C HIS D 360 38.04 -3.85 11.07
N TRP D 361 37.82 -3.48 9.81
CA TRP D 361 38.70 -2.55 9.13
C TRP D 361 38.38 -1.10 9.50
N ILE D 362 37.22 -0.86 10.12
CA ILE D 362 36.78 0.52 10.24
C ILE D 362 37.56 1.18 11.36
N PRO D 363 38.18 2.36 11.12
CA PRO D 363 38.93 3.08 12.14
C PRO D 363 38.17 3.11 13.45
N LYS D 364 38.88 2.89 14.57
CA LYS D 364 38.23 2.76 15.87
C LYS D 364 38.09 4.16 16.46
N MET D 365 36.91 4.48 17.00
CA MET D 365 36.61 5.80 17.50
C MET D 365 37.51 6.10 18.71
N ASN D 366 38.41 7.10 18.60
CA ASN D 366 39.29 7.41 19.71
C ASN D 366 38.42 8.00 20.83
N PRO D 367 38.66 7.65 22.12
CA PRO D 367 37.77 8.07 23.21
C PRO D 367 37.51 9.57 23.11
N THR D 368 38.59 10.35 22.92
CA THR D 368 38.50 11.81 22.90
C THR D 368 37.45 12.24 21.88
N ILE D 369 37.60 11.74 20.64
CA ILE D 369 36.65 12.03 19.59
C ILE D 369 35.38 11.22 19.81
N HIS D 370 35.49 10.02 20.41
CA HIS D 370 34.31 9.25 20.79
C HIS D 370 33.35 10.13 21.60
N LYS D 371 33.92 11.08 22.36
CA LYS D 371 33.15 12.11 23.05
C LYS D 371 32.61 13.14 22.06
N PHE D 372 33.42 13.53 21.06
CA PHE D 372 33.00 14.50 20.07
C PHE D 372 31.81 13.97 19.26
N LEU D 373 31.56 12.65 19.33
CA LEU D 373 30.40 12.03 18.69
C LEU D 373 29.59 11.20 19.71
#